data_2LNA
#
_entry.id   2LNA
#
_entity_poly.entity_id   1
_entity_poly.type   'polypeptide(L)'
_entity_poly.pdbx_seq_one_letter_code
;MGHHHHHHSHMKRSGREITWKDFVNNYLSKGVVDRLEVVNKRFVRVTFTPGKTPVDGQYVWFNIGSVDTFERNLETLQQE
LGIEGENRVPVVYIAESDG
;
_entity_poly.pdbx_strand_id   A
#
# COMPACT_ATOMS: atom_id res chain seq x y z
N MET A 1 -9.00 4.11 22.38
CA MET A 1 -9.14 2.71 21.93
C MET A 1 -9.78 2.69 20.55
N GLY A 2 -9.03 2.21 19.53
CA GLY A 2 -9.53 2.09 18.17
C GLY A 2 -10.50 0.92 17.97
N HIS A 3 -10.74 0.15 19.05
CA HIS A 3 -11.66 -0.98 19.06
C HIS A 3 -13.11 -0.51 18.85
N HIS A 4 -13.50 0.61 19.51
CA HIS A 4 -14.87 1.16 19.39
C HIS A 4 -14.97 2.19 18.23
N HIS A 5 -15.17 1.67 17.01
CA HIS A 5 -15.42 2.47 15.80
C HIS A 5 -16.52 1.82 14.95
N HIS A 6 -16.88 2.50 13.84
CA HIS A 6 -17.93 2.04 12.93
C HIS A 6 -17.51 0.74 12.19
N HIS A 7 -17.96 -0.38 12.74
CA HIS A 7 -17.70 -1.73 12.19
C HIS A 7 -18.70 -2.04 11.08
N HIS A 8 -19.97 -1.68 11.33
CA HIS A 8 -21.08 -1.85 10.37
C HIS A 8 -21.14 -0.62 9.44
N SER A 9 -20.08 -0.46 8.65
CA SER A 9 -19.93 0.60 7.64
C SER A 9 -19.00 0.05 6.54
N HIS A 10 -19.27 0.44 5.28
CA HIS A 10 -18.47 -0.03 4.13
C HIS A 10 -17.04 0.55 4.20
N MET A 11 -16.07 -0.25 3.73
CA MET A 11 -14.67 0.17 3.57
C MET A 11 -14.63 1.32 2.55
N LYS A 12 -14.56 2.55 3.10
CA LYS A 12 -14.42 3.81 2.35
C LYS A 12 -13.11 3.81 1.50
N ARG A 13 -13.14 3.02 0.42
CA ARG A 13 -12.00 2.65 -0.42
C ARG A 13 -10.90 1.93 0.40
N SER A 14 -10.17 2.72 1.19
CA SER A 14 -9.11 2.25 2.09
C SER A 14 -8.81 3.36 3.10
N GLY A 15 -8.57 4.58 2.58
CA GLY A 15 -8.25 5.76 3.39
C GLY A 15 -7.88 6.94 2.51
N ARG A 16 -6.63 7.44 2.62
CA ARG A 16 -6.17 8.63 1.88
C ARG A 16 -5.46 8.21 0.59
N GLU A 17 -5.84 8.83 -0.52
CA GLU A 17 -5.23 8.61 -1.83
C GLU A 17 -3.89 9.34 -1.89
N ILE A 18 -2.84 8.60 -2.23
CA ILE A 18 -1.45 9.10 -2.32
C ILE A 18 -0.91 8.73 -3.72
N THR A 19 0.22 9.32 -4.09
CA THR A 19 0.91 8.98 -5.34
C THR A 19 2.03 7.96 -5.05
N TRP A 20 2.43 7.22 -6.10
CA TRP A 20 3.49 6.19 -6.04
C TRP A 20 4.80 6.77 -5.45
N LYS A 21 5.19 7.97 -5.95
CA LYS A 21 6.43 8.65 -5.51
C LYS A 21 6.43 8.97 -4.00
N ASP A 22 5.26 9.41 -3.48
CA ASP A 22 5.04 9.72 -2.04
C ASP A 22 5.14 8.44 -1.20
N PHE A 23 4.52 7.36 -1.73
CA PHE A 23 4.56 6.01 -1.15
C PHE A 23 6.02 5.57 -0.91
N VAL A 24 6.84 5.64 -1.96
CA VAL A 24 8.24 5.17 -1.93
C VAL A 24 9.05 5.91 -0.86
N ASN A 25 9.04 7.24 -0.94
CA ASN A 25 9.91 8.11 -0.15
C ASN A 25 9.50 8.15 1.33
N ASN A 26 8.21 8.39 1.60
CA ASN A 26 7.71 8.64 2.97
C ASN A 26 7.29 7.34 3.70
N TYR A 27 7.13 6.21 2.98
CA TYR A 27 6.64 4.95 3.60
C TYR A 27 7.55 3.73 3.33
N LEU A 28 7.65 3.34 2.05
CA LEU A 28 8.31 2.09 1.62
C LEU A 28 9.79 2.02 2.06
N SER A 29 10.54 3.08 1.76
CA SER A 29 11.98 3.17 2.09
C SER A 29 12.21 3.33 3.61
N LYS A 30 11.14 3.72 4.35
CA LYS A 30 11.21 3.95 5.80
C LYS A 30 10.96 2.64 6.58
N GLY A 31 10.58 1.56 5.84
CA GLY A 31 10.28 0.25 6.44
C GLY A 31 9.02 0.20 7.30
N VAL A 32 8.16 1.24 7.19
CA VAL A 32 6.90 1.34 7.98
C VAL A 32 5.73 0.62 7.27
N VAL A 33 6.04 0.05 6.08
CA VAL A 33 5.08 -0.72 5.27
C VAL A 33 5.31 -2.21 5.53
N ASP A 34 4.22 -2.92 5.86
CA ASP A 34 4.22 -4.36 6.14
C ASP A 34 4.05 -5.14 4.83
N ARG A 35 2.99 -4.77 4.08
CA ARG A 35 2.58 -5.48 2.86
C ARG A 35 1.78 -4.54 1.95
N LEU A 36 1.63 -4.95 0.68
CA LEU A 36 0.85 -4.21 -0.33
C LEU A 36 -0.28 -5.10 -0.82
N GLU A 37 -1.48 -4.79 -0.35
CA GLU A 37 -2.69 -5.56 -0.62
C GLU A 37 -3.48 -4.92 -1.76
N VAL A 38 -3.45 -5.59 -2.93
CA VAL A 38 -4.01 -5.07 -4.19
C VAL A 38 -5.53 -5.36 -4.19
N VAL A 39 -6.34 -4.39 -3.71
CA VAL A 39 -7.77 -4.60 -3.45
C VAL A 39 -8.59 -4.44 -4.73
N ASN A 40 -9.30 -5.55 -5.10
CA ASN A 40 -10.14 -5.67 -6.31
C ASN A 40 -9.37 -5.35 -7.61
N LYS A 41 -8.02 -5.45 -7.53
CA LYS A 41 -7.07 -5.10 -8.62
C LYS A 41 -7.22 -3.65 -9.16
N ARG A 42 -8.09 -2.84 -8.52
CA ARG A 42 -8.35 -1.45 -8.91
C ARG A 42 -7.21 -0.57 -8.40
N PHE A 43 -6.79 -0.87 -7.17
CA PHE A 43 -5.83 -0.08 -6.41
C PHE A 43 -5.08 -0.99 -5.45
N VAL A 44 -4.07 -0.43 -4.79
CA VAL A 44 -3.25 -1.11 -3.78
C VAL A 44 -3.34 -0.32 -2.48
N ARG A 45 -3.61 -1.04 -1.38
CA ARG A 45 -3.60 -0.48 -0.04
C ARG A 45 -2.19 -0.64 0.52
N VAL A 46 -1.64 0.47 0.99
CA VAL A 46 -0.39 0.48 1.73
C VAL A 46 -0.71 0.09 3.16
N THR A 47 -0.33 -1.13 3.53
CA THR A 47 -0.56 -1.67 4.85
C THR A 47 0.64 -1.29 5.73
N PHE A 48 0.37 -0.60 6.83
CA PHE A 48 1.39 -0.23 7.81
C PHE A 48 1.65 -1.40 8.75
N THR A 49 2.91 -1.51 9.19
CA THR A 49 3.35 -2.52 10.16
C THR A 49 2.55 -2.37 11.48
N PRO A 50 1.86 -3.47 11.96
CA PRO A 50 1.03 -3.45 13.20
C PRO A 50 1.75 -2.86 14.43
N GLY A 51 1.50 -1.55 14.68
CA GLY A 51 2.13 -0.81 15.78
C GLY A 51 2.31 0.66 15.43
N LYS A 52 2.67 0.93 14.15
CA LYS A 52 2.90 2.30 13.65
C LYS A 52 1.60 3.11 13.60
N THR A 53 0.60 2.57 12.89
CA THR A 53 -0.75 3.18 12.81
C THR A 53 -1.81 2.08 13.05
N PRO A 54 -2.87 2.33 13.88
CA PRO A 54 -4.02 1.40 14.02
C PRO A 54 -4.92 1.42 12.76
N VAL A 55 -6.09 0.75 12.86
CA VAL A 55 -7.14 0.80 11.81
C VAL A 55 -7.68 2.25 11.71
N ASP A 56 -7.86 2.86 12.89
CA ASP A 56 -8.27 4.28 13.04
C ASP A 56 -7.12 5.24 12.64
N GLY A 57 -5.89 4.71 12.54
CA GLY A 57 -4.72 5.47 12.06
C GLY A 57 -4.83 5.87 10.60
N GLN A 58 -5.83 5.26 9.90
CA GLN A 58 -6.23 5.61 8.53
C GLN A 58 -5.12 5.27 7.53
N TYR A 59 -5.22 4.07 6.95
CA TYR A 59 -4.30 3.57 5.93
C TYR A 59 -4.38 4.40 4.65
N VAL A 60 -3.31 4.36 3.87
CA VAL A 60 -3.22 5.08 2.60
C VAL A 60 -3.24 4.07 1.44
N TRP A 61 -3.48 4.57 0.22
CA TRP A 61 -3.68 3.73 -0.97
C TRP A 61 -3.37 4.54 -2.24
N PHE A 62 -3.22 3.83 -3.37
CA PHE A 62 -3.00 4.44 -4.69
C PHE A 62 -3.60 3.55 -5.78
N ASN A 63 -4.20 4.19 -6.81
CA ASN A 63 -4.76 3.49 -7.98
C ASN A 63 -3.61 3.05 -8.88
N ILE A 64 -3.72 1.85 -9.44
CA ILE A 64 -2.72 1.30 -10.35
C ILE A 64 -3.32 1.12 -11.75
N GLY A 65 -4.56 0.58 -11.81
CA GLY A 65 -5.18 0.18 -13.08
C GLY A 65 -4.49 -1.03 -13.69
N SER A 66 -3.29 -0.79 -14.25
CA SER A 66 -2.41 -1.83 -14.78
C SER A 66 -1.64 -2.49 -13.63
N VAL A 67 -2.15 -3.65 -13.16
CA VAL A 67 -1.54 -4.44 -12.06
C VAL A 67 -0.10 -4.86 -12.43
N ASP A 68 0.11 -5.20 -13.71
CA ASP A 68 1.41 -5.59 -14.27
C ASP A 68 2.45 -4.49 -14.07
N THR A 69 2.07 -3.25 -14.45
CA THR A 69 2.92 -2.05 -14.33
C THR A 69 3.36 -1.81 -12.87
N PHE A 70 2.37 -1.91 -11.94
CA PHE A 70 2.61 -1.84 -10.48
C PHE A 70 3.73 -2.78 -10.03
N GLU A 71 3.62 -4.06 -10.46
CA GLU A 71 4.52 -5.14 -10.05
C GLU A 71 5.93 -4.94 -10.60
N ARG A 72 6.04 -4.61 -11.92
CA ARG A 72 7.34 -4.38 -12.59
C ARG A 72 8.11 -3.26 -11.88
N ASN A 73 7.38 -2.16 -11.58
CA ASN A 73 7.94 -0.98 -10.91
C ASN A 73 8.36 -1.32 -9.49
N LEU A 74 7.52 -2.10 -8.78
CA LEU A 74 7.76 -2.47 -7.37
C LEU A 74 9.03 -3.34 -7.20
N GLU A 75 9.16 -4.41 -8.02
CA GLU A 75 10.29 -5.36 -7.92
C GLU A 75 11.62 -4.69 -8.35
N THR A 76 11.55 -3.78 -9.36
CA THR A 76 12.68 -2.94 -9.76
C THR A 76 13.08 -2.01 -8.59
N LEU A 77 12.08 -1.30 -8.07
CA LEU A 77 12.22 -0.35 -6.97
C LEU A 77 12.91 -0.97 -5.73
N GLN A 78 12.51 -2.20 -5.43
CA GLN A 78 13.08 -2.97 -4.31
C GLN A 78 14.57 -3.27 -4.56
N GLN A 79 14.92 -3.72 -5.80
CA GLN A 79 16.32 -4.09 -6.11
C GLN A 79 17.22 -2.82 -6.17
N GLU A 80 16.62 -1.65 -6.50
CA GLU A 80 17.29 -0.33 -6.49
C GLU A 80 17.64 0.09 -5.06
N LEU A 81 16.63 0.01 -4.17
CA LEU A 81 16.75 0.46 -2.76
C LEU A 81 17.44 -0.62 -1.89
N GLY A 82 17.90 -1.72 -2.52
CA GLY A 82 18.71 -2.74 -1.85
C GLY A 82 17.91 -3.71 -0.99
N ILE A 83 16.60 -3.79 -1.25
CA ILE A 83 15.68 -4.71 -0.57
C ILE A 83 16.01 -6.16 -0.97
N GLU A 84 16.40 -6.96 0.04
CA GLU A 84 16.63 -8.42 -0.08
C GLU A 84 15.42 -9.14 0.54
N GLY A 85 15.47 -10.50 0.53
CA GLY A 85 14.37 -11.38 0.97
C GLY A 85 13.64 -10.96 2.26
N GLU A 86 14.38 -10.39 3.22
CA GLU A 86 13.84 -10.00 4.54
C GLU A 86 13.01 -8.70 4.44
N ASN A 87 13.46 -7.76 3.58
CA ASN A 87 12.77 -6.45 3.39
C ASN A 87 11.77 -6.50 2.23
N ARG A 88 11.71 -7.62 1.47
CA ARG A 88 10.72 -7.81 0.39
C ARG A 88 9.30 -7.70 0.94
N VAL A 89 8.52 -6.78 0.35
CA VAL A 89 7.19 -6.40 0.82
C VAL A 89 6.13 -7.31 0.16
N PRO A 90 5.50 -8.26 0.94
CA PRO A 90 4.55 -9.26 0.40
C PRO A 90 3.33 -8.61 -0.30
N VAL A 91 3.08 -9.06 -1.54
CA VAL A 91 2.00 -8.54 -2.39
C VAL A 91 0.82 -9.50 -2.31
N VAL A 92 -0.27 -9.07 -1.65
CA VAL A 92 -1.45 -9.92 -1.39
C VAL A 92 -2.56 -9.50 -2.37
N TYR A 93 -2.89 -10.39 -3.31
CA TYR A 93 -3.91 -10.12 -4.33
C TYR A 93 -5.29 -10.30 -3.71
N ILE A 94 -6.12 -9.27 -3.80
CA ILE A 94 -7.47 -9.22 -3.24
C ILE A 94 -8.44 -8.88 -4.38
N ALA A 95 -9.60 -9.56 -4.43
CA ALA A 95 -10.65 -9.28 -5.41
C ALA A 95 -11.99 -9.86 -4.95
N GLU A 96 -12.77 -9.03 -4.23
CA GLU A 96 -14.17 -9.33 -3.90
C GLU A 96 -15.06 -8.86 -5.06
N SER A 97 -15.97 -9.76 -5.52
CA SER A 97 -16.94 -9.46 -6.59
C SER A 97 -17.96 -8.39 -6.13
N ASP A 98 -18.08 -8.23 -4.80
CA ASP A 98 -18.97 -7.27 -4.14
C ASP A 98 -18.65 -5.82 -4.56
N GLY A 99 -17.35 -5.53 -4.76
CA GLY A 99 -16.89 -4.21 -5.18
C GLY A 99 -16.79 -4.12 -6.70
N MET A 1 -6.97 0.26 23.99
CA MET A 1 -6.33 -0.12 22.71
C MET A 1 -7.09 -1.26 22.05
N GLY A 2 -7.23 -2.38 22.78
CA GLY A 2 -7.79 -3.60 22.22
C GLY A 2 -6.81 -4.27 21.27
N HIS A 3 -5.81 -4.98 21.84
CA HIS A 3 -4.79 -5.69 21.06
C HIS A 3 -5.27 -7.10 20.64
N HIS A 4 -6.59 -7.32 20.68
CA HIS A 4 -7.23 -8.51 20.08
C HIS A 4 -7.28 -8.36 18.55
N HIS A 5 -8.04 -9.24 17.88
CA HIS A 5 -8.34 -9.09 16.44
C HIS A 5 -9.20 -7.85 16.22
N HIS A 6 -8.55 -6.69 16.02
CA HIS A 6 -9.21 -5.38 15.87
C HIS A 6 -9.05 -4.88 14.43
N HIS A 7 -10.07 -5.17 13.60
CA HIS A 7 -10.12 -4.72 12.20
C HIS A 7 -11.52 -4.15 11.93
N HIS A 8 -11.93 -3.21 12.82
CA HIS A 8 -13.23 -2.53 12.74
C HIS A 8 -13.45 -1.89 11.36
N SER A 9 -14.26 -2.57 10.54
CA SER A 9 -14.70 -2.09 9.24
C SER A 9 -15.77 -0.98 9.42
N HIS A 10 -15.76 0.01 8.52
CA HIS A 10 -16.68 1.16 8.57
C HIS A 10 -16.92 1.73 7.16
N MET A 11 -17.73 0.97 6.38
CA MET A 11 -18.13 1.28 4.98
C MET A 11 -16.91 1.47 4.04
N LYS A 12 -16.41 2.71 3.92
CA LYS A 12 -15.30 3.08 3.02
C LYS A 12 -14.32 4.01 3.74
N ARG A 13 -13.02 3.83 3.50
CA ARG A 13 -11.96 4.72 4.02
C ARG A 13 -10.61 4.38 3.36
N SER A 14 -10.13 3.15 3.66
CA SER A 14 -8.74 2.70 3.41
C SER A 14 -7.78 3.53 4.29
N GLY A 15 -7.65 4.82 3.94
CA GLY A 15 -6.94 5.80 4.73
C GLY A 15 -6.72 7.06 3.91
N ARG A 16 -5.45 7.42 3.72
CA ARG A 16 -5.06 8.58 2.91
C ARG A 16 -4.64 8.13 1.50
N GLU A 17 -5.32 8.66 0.47
CA GLU A 17 -4.95 8.36 -0.91
C GLU A 17 -3.76 9.26 -1.27
N ILE A 18 -2.61 8.62 -1.41
CA ILE A 18 -1.34 9.25 -1.77
C ILE A 18 -1.03 8.92 -3.24
N THR A 19 0.07 9.49 -3.74
CA THR A 19 0.60 9.17 -5.06
C THR A 19 1.62 8.02 -4.94
N TRP A 20 1.96 7.37 -6.07
CA TRP A 20 3.04 6.39 -6.14
C TRP A 20 4.38 7.04 -5.73
N LYS A 21 4.59 8.29 -6.19
CA LYS A 21 5.74 9.13 -5.80
C LYS A 21 5.88 9.23 -4.26
N ASP A 22 4.81 9.71 -3.60
CA ASP A 22 4.79 9.96 -2.14
C ASP A 22 4.94 8.65 -1.36
N PHE A 23 4.35 7.58 -1.91
CA PHE A 23 4.47 6.23 -1.34
C PHE A 23 5.94 5.82 -1.19
N VAL A 24 6.70 5.90 -2.28
CA VAL A 24 8.10 5.45 -2.31
C VAL A 24 8.96 6.30 -1.36
N ASN A 25 8.85 7.62 -1.52
CA ASN A 25 9.70 8.60 -0.86
C ASN A 25 9.48 8.63 0.67
N ASN A 26 8.21 8.61 1.10
CA ASN A 26 7.84 8.81 2.53
C ASN A 26 7.63 7.47 3.29
N TYR A 27 7.32 6.37 2.60
CA TYR A 27 6.88 5.12 3.26
C TYR A 27 7.77 3.92 2.90
N LEU A 28 7.75 3.54 1.62
CA LEU A 28 8.41 2.33 1.09
C LEU A 28 9.92 2.31 1.43
N SER A 29 10.61 3.44 1.16
CA SER A 29 12.06 3.56 1.39
C SER A 29 12.45 3.48 2.89
N LYS A 30 11.49 3.77 3.78
CA LYS A 30 11.71 3.73 5.25
C LYS A 30 11.38 2.32 5.80
N GLY A 31 10.88 1.42 4.91
CA GLY A 31 10.49 0.05 5.28
C GLY A 31 9.33 -0.02 6.27
N VAL A 32 8.53 1.07 6.39
CA VAL A 32 7.40 1.13 7.34
C VAL A 32 6.16 0.39 6.79
N VAL A 33 6.31 -0.18 5.59
CA VAL A 33 5.26 -0.93 4.89
C VAL A 33 5.45 -2.42 5.18
N ASP A 34 4.35 -3.11 5.49
CA ASP A 34 4.29 -4.56 5.69
C ASP A 34 4.21 -5.25 4.33
N ARG A 35 3.20 -4.81 3.55
CA ARG A 35 2.81 -5.43 2.29
C ARG A 35 1.84 -4.50 1.53
N LEU A 36 1.64 -4.78 0.23
CA LEU A 36 0.78 -4.00 -0.66
C LEU A 36 -0.36 -4.89 -1.15
N GLU A 37 -1.55 -4.66 -0.60
CA GLU A 37 -2.73 -5.48 -0.86
C GLU A 37 -3.59 -4.83 -1.94
N VAL A 38 -3.64 -5.47 -3.12
CA VAL A 38 -4.25 -4.90 -4.33
C VAL A 38 -5.72 -5.34 -4.36
N VAL A 39 -6.60 -4.46 -3.83
CA VAL A 39 -8.02 -4.78 -3.61
C VAL A 39 -8.78 -4.85 -4.95
N ASN A 40 -9.32 -6.06 -5.22
CA ASN A 40 -10.04 -6.43 -6.47
C ASN A 40 -9.20 -6.16 -7.74
N LYS A 41 -7.87 -6.10 -7.56
CA LYS A 41 -6.90 -5.70 -8.59
C LYS A 41 -7.19 -4.32 -9.24
N ARG A 42 -8.04 -3.49 -8.60
CA ARG A 42 -8.43 -2.16 -9.13
C ARG A 42 -7.48 -1.09 -8.61
N PHE A 43 -7.07 -1.23 -7.37
CA PHE A 43 -6.19 -0.27 -6.68
C PHE A 43 -5.38 -1.01 -5.60
N VAL A 44 -4.31 -0.37 -5.13
CA VAL A 44 -3.43 -0.95 -4.11
C VAL A 44 -3.61 -0.19 -2.80
N ARG A 45 -3.82 -0.93 -1.71
CA ARG A 45 -3.96 -0.38 -0.38
C ARG A 45 -2.79 -0.89 0.47
N VAL A 46 -2.17 0.05 1.18
CA VAL A 46 -0.91 -0.17 1.91
C VAL A 46 -1.21 -0.67 3.33
N THR A 47 -0.61 -1.81 3.68
CA THR A 47 -0.56 -2.28 5.06
C THR A 47 0.77 -1.81 5.65
N PHE A 48 0.74 -1.19 6.83
CA PHE A 48 1.96 -0.82 7.58
C PHE A 48 2.41 -1.98 8.47
N THR A 49 3.74 -2.14 8.63
CA THR A 49 4.33 -3.22 9.44
C THR A 49 4.14 -2.92 10.94
N PRO A 50 3.86 -3.97 11.79
CA PRO A 50 3.52 -3.79 13.24
C PRO A 50 4.62 -3.02 14.00
N GLY A 51 4.23 -1.88 14.59
CA GLY A 51 5.17 -0.97 15.28
C GLY A 51 5.32 0.35 14.52
N LYS A 52 5.36 0.24 13.18
CA LYS A 52 5.40 1.39 12.27
C LYS A 52 3.98 1.74 11.78
N THR A 53 2.97 1.01 12.25
CA THR A 53 1.56 1.21 11.89
C THR A 53 0.97 2.36 12.74
N PRO A 54 0.56 3.52 12.10
CA PRO A 54 -0.03 4.68 12.83
C PRO A 54 -1.16 4.26 13.80
N VAL A 55 -0.96 4.58 15.09
CA VAL A 55 -1.75 4.05 16.24
C VAL A 55 -3.29 4.21 16.06
N ASP A 56 -3.70 5.30 15.38
CA ASP A 56 -5.10 5.63 15.10
C ASP A 56 -5.75 4.54 14.22
N GLY A 57 -4.97 4.06 13.24
CA GLY A 57 -5.42 3.06 12.26
C GLY A 57 -5.44 3.60 10.84
N GLN A 58 -4.76 4.74 10.63
CA GLN A 58 -4.67 5.39 9.32
C GLN A 58 -3.66 4.66 8.43
N TYR A 59 -4.18 3.87 7.49
CA TYR A 59 -3.39 3.33 6.39
C TYR A 59 -3.28 4.40 5.30
N VAL A 60 -2.49 4.11 4.27
CA VAL A 60 -2.44 4.90 3.04
C VAL A 60 -2.76 3.97 1.87
N TRP A 61 -2.97 4.55 0.68
CA TRP A 61 -3.30 3.78 -0.53
C TRP A 61 -3.13 4.63 -1.78
N PHE A 62 -2.96 3.98 -2.92
CA PHE A 62 -2.75 4.66 -4.20
C PHE A 62 -3.42 3.88 -5.33
N ASN A 63 -3.84 4.60 -6.35
CA ASN A 63 -4.42 4.04 -7.58
C ASN A 63 -3.29 3.60 -8.53
N ILE A 64 -3.57 2.58 -9.35
CA ILE A 64 -2.61 2.04 -10.33
C ILE A 64 -3.22 2.04 -11.74
N GLY A 65 -2.38 2.31 -12.75
CA GLY A 65 -2.77 2.23 -14.15
C GLY A 65 -2.88 0.77 -14.60
N SER A 66 -1.82 0.00 -14.35
CA SER A 66 -1.78 -1.44 -14.65
C SER A 66 -1.25 -2.18 -13.41
N VAL A 67 -1.90 -3.30 -13.07
CA VAL A 67 -1.47 -4.20 -11.97
C VAL A 67 -0.14 -4.89 -12.34
N ASP A 68 0.01 -5.25 -13.63
CA ASP A 68 1.23 -5.88 -14.16
C ASP A 68 2.41 -4.89 -14.12
N THR A 69 2.21 -3.66 -14.62
CA THR A 69 3.25 -2.61 -14.61
C THR A 69 3.63 -2.25 -13.14
N PHE A 70 2.61 -2.26 -12.25
CA PHE A 70 2.80 -2.06 -10.80
C PHE A 70 3.84 -3.03 -10.21
N GLU A 71 3.61 -4.36 -10.37
CA GLU A 71 4.49 -5.39 -9.78
C GLU A 71 5.91 -5.34 -10.38
N ARG A 72 6.00 -4.97 -11.68
CA ARG A 72 7.30 -4.79 -12.37
C ARG A 72 8.12 -3.69 -11.68
N ASN A 73 7.49 -2.50 -11.57
CA ASN A 73 8.14 -1.27 -11.08
C ASN A 73 8.50 -1.41 -9.60
N LEU A 74 7.57 -1.99 -8.83
CA LEU A 74 7.73 -2.23 -7.39
C LEU A 74 8.95 -3.11 -7.07
N GLU A 75 9.01 -4.33 -7.66
CA GLU A 75 10.12 -5.29 -7.42
C GLU A 75 11.48 -4.70 -7.80
N THR A 76 11.52 -4.00 -8.95
CA THR A 76 12.74 -3.34 -9.44
C THR A 76 13.20 -2.31 -8.39
N LEU A 77 12.25 -1.44 -8.02
CA LEU A 77 12.41 -0.36 -7.04
C LEU A 77 12.92 -0.85 -5.68
N GLN A 78 12.34 -1.96 -5.16
CA GLN A 78 12.74 -2.55 -3.86
C GLN A 78 14.21 -3.02 -3.91
N GLN A 79 14.54 -3.75 -4.98
CA GLN A 79 15.91 -4.27 -5.19
C GLN A 79 16.91 -3.12 -5.48
N GLU A 80 16.41 -1.96 -5.98
CA GLU A 80 17.22 -0.72 -6.10
C GLU A 80 17.48 -0.13 -4.70
N LEU A 81 16.43 -0.12 -3.86
CA LEU A 81 16.49 0.40 -2.48
C LEU A 81 17.24 -0.58 -1.54
N GLY A 82 17.43 -1.83 -2.00
CA GLY A 82 18.06 -2.89 -1.23
C GLY A 82 17.05 -3.73 -0.44
N ILE A 83 15.77 -3.30 -0.45
CA ILE A 83 14.64 -3.93 0.26
C ILE A 83 14.37 -5.34 -0.29
N GLU A 84 14.85 -6.36 0.44
CA GLU A 84 14.79 -7.78 0.04
C GLU A 84 14.56 -8.67 1.29
N GLY A 85 14.24 -9.95 1.02
CA GLY A 85 14.02 -10.95 2.06
C GLY A 85 12.81 -10.68 2.94
N GLU A 86 13.04 -10.58 4.26
CA GLU A 86 11.99 -10.24 5.25
C GLU A 86 11.61 -8.74 5.18
N ASN A 87 12.57 -7.91 4.71
CA ASN A 87 12.37 -6.46 4.52
C ASN A 87 11.51 -6.21 3.28
N ARG A 88 11.51 -7.18 2.34
CA ARG A 88 10.75 -7.13 1.09
C ARG A 88 9.25 -6.96 1.36
N VAL A 89 8.60 -6.09 0.59
CA VAL A 89 7.17 -5.78 0.69
C VAL A 89 6.36 -6.71 -0.28
N PRO A 90 5.71 -7.80 0.24
CA PRO A 90 4.92 -8.75 -0.58
C PRO A 90 3.65 -8.10 -1.16
N VAL A 91 3.18 -8.62 -2.28
CA VAL A 91 1.97 -8.14 -2.95
C VAL A 91 0.86 -9.17 -2.75
N VAL A 92 -0.24 -8.75 -2.09
CA VAL A 92 -1.39 -9.63 -1.81
C VAL A 92 -2.53 -9.21 -2.73
N TYR A 93 -2.69 -9.94 -3.84
CA TYR A 93 -3.75 -9.69 -4.81
C TYR A 93 -5.08 -10.16 -4.22
N ILE A 94 -5.83 -9.21 -3.65
CA ILE A 94 -7.14 -9.46 -3.04
C ILE A 94 -8.19 -9.36 -4.15
N ALA A 95 -9.19 -10.24 -4.13
CA ALA A 95 -10.28 -10.26 -5.11
C ALA A 95 -11.60 -10.60 -4.38
N GLU A 96 -12.20 -9.57 -3.79
CA GLU A 96 -13.48 -9.68 -3.05
C GLU A 96 -14.63 -9.73 -4.06
N SER A 97 -14.89 -10.95 -4.58
CA SER A 97 -15.92 -11.19 -5.60
C SER A 97 -16.73 -12.46 -5.23
N ASP A 98 -18.06 -12.36 -5.34
CA ASP A 98 -18.99 -13.49 -5.09
C ASP A 98 -18.84 -14.57 -6.18
N GLY A 99 -18.40 -14.13 -7.37
CA GLY A 99 -18.17 -15.02 -8.51
C GLY A 99 -17.19 -14.41 -9.52
N MET A 1 -1.88 12.53 23.26
CA MET A 1 -2.67 13.64 22.70
C MET A 1 -1.99 15.00 23.00
N GLY A 2 -1.71 15.77 21.93
CA GLY A 2 -1.10 17.10 22.02
C GLY A 2 -1.94 18.19 21.37
N HIS A 3 -2.87 17.76 20.50
CA HIS A 3 -3.81 18.67 19.79
C HIS A 3 -5.06 18.92 20.65
N HIS A 4 -4.91 19.79 21.66
CA HIS A 4 -5.96 20.10 22.65
C HIS A 4 -6.75 21.36 22.25
N HIS A 5 -6.04 22.35 21.68
CA HIS A 5 -6.65 23.62 21.25
C HIS A 5 -7.48 23.41 19.97
N HIS A 6 -6.91 22.64 19.05
CA HIS A 6 -7.55 22.23 17.79
C HIS A 6 -7.42 20.72 17.67
N HIS A 7 -8.53 19.99 17.81
CA HIS A 7 -8.54 18.51 17.78
C HIS A 7 -8.72 18.00 16.33
N HIS A 8 -7.71 18.22 15.47
CA HIS A 8 -7.66 17.65 14.09
C HIS A 8 -6.70 16.45 14.06
N SER A 9 -6.46 15.88 15.25
CA SER A 9 -5.52 14.79 15.49
C SER A 9 -6.08 13.44 15.02
N HIS A 10 -7.36 13.21 15.29
CA HIS A 10 -8.04 11.96 14.89
C HIS A 10 -8.41 12.03 13.41
N MET A 11 -9.30 12.97 13.06
CA MET A 11 -9.69 13.31 11.65
C MET A 11 -10.55 12.19 10.98
N LYS A 12 -10.48 10.93 11.52
CA LYS A 12 -10.97 9.71 10.87
C LYS A 12 -10.37 9.60 9.45
N ARG A 13 -9.09 9.26 9.41
CA ARG A 13 -8.25 9.29 8.18
C ARG A 13 -8.40 7.98 7.37
N SER A 14 -9.60 7.36 7.45
CA SER A 14 -9.91 6.02 6.93
C SER A 14 -9.57 5.88 5.43
N GLY A 15 -8.34 5.38 5.16
CA GLY A 15 -7.82 5.24 3.80
C GLY A 15 -7.58 6.57 3.13
N ARG A 16 -6.45 7.22 3.45
CA ARG A 16 -6.08 8.51 2.85
C ARG A 16 -5.40 8.24 1.51
N GLU A 17 -5.89 8.88 0.43
CA GLU A 17 -5.35 8.65 -0.92
C GLU A 17 -3.98 9.31 -1.07
N ILE A 18 -2.93 8.49 -1.13
CA ILE A 18 -1.59 8.91 -1.57
C ILE A 18 -1.43 8.56 -3.05
N THR A 19 -0.32 8.99 -3.64
CA THR A 19 0.14 8.50 -4.95
C THR A 19 1.42 7.64 -4.77
N TRP A 20 1.83 6.95 -5.85
CA TRP A 20 3.01 6.04 -5.86
C TRP A 20 4.28 6.76 -5.35
N LYS A 21 4.45 8.04 -5.69
CA LYS A 21 5.58 8.86 -5.18
C LYS A 21 5.62 8.93 -3.64
N ASP A 22 4.46 9.18 -3.00
CA ASP A 22 4.36 9.26 -1.52
C ASP A 22 4.63 7.91 -0.87
N PHE A 23 4.20 6.85 -1.57
CA PHE A 23 4.49 5.48 -1.17
C PHE A 23 6.01 5.24 -1.14
N VAL A 24 6.69 5.43 -2.28
CA VAL A 24 8.13 5.15 -2.43
C VAL A 24 8.97 5.95 -1.41
N ASN A 25 8.83 7.28 -1.46
CA ASN A 25 9.65 8.21 -0.67
C ASN A 25 9.46 8.01 0.84
N ASN A 26 8.21 8.10 1.29
CA ASN A 26 7.87 8.17 2.72
C ASN A 26 7.80 6.79 3.38
N TYR A 27 7.33 5.78 2.64
CA TYR A 27 6.85 4.51 3.23
C TYR A 27 7.74 3.29 2.85
N LEU A 28 7.80 2.99 1.54
CA LEU A 28 8.55 1.84 0.99
C LEU A 28 10.05 1.94 1.33
N SER A 29 10.64 3.11 1.05
CA SER A 29 12.06 3.42 1.32
C SER A 29 12.41 3.32 2.82
N LYS A 30 11.41 3.47 3.70
CA LYS A 30 11.61 3.39 5.16
C LYS A 30 11.22 2.00 5.71
N GLY A 31 10.65 1.14 4.84
CA GLY A 31 10.15 -0.20 5.23
C GLY A 31 9.12 -0.18 6.35
N VAL A 32 8.32 0.90 6.41
CA VAL A 32 7.26 1.06 7.42
C VAL A 32 5.98 0.30 7.00
N VAL A 33 6.04 -0.35 5.83
CA VAL A 33 4.89 -1.02 5.20
C VAL A 33 4.93 -2.53 5.50
N ASP A 34 3.81 -3.08 6.00
CA ASP A 34 3.66 -4.52 6.29
C ASP A 34 3.42 -5.28 5.00
N ARG A 35 2.50 -4.76 4.17
CA ARG A 35 2.04 -5.42 2.94
C ARG A 35 1.32 -4.42 2.00
N LEU A 36 1.18 -4.84 0.73
CA LEU A 36 0.49 -4.09 -0.32
C LEU A 36 -0.72 -4.88 -0.81
N GLU A 37 -1.91 -4.46 -0.38
CA GLU A 37 -3.17 -5.14 -0.65
C GLU A 37 -3.75 -4.67 -1.99
N VAL A 38 -3.59 -5.48 -3.05
CA VAL A 38 -4.03 -5.10 -4.41
C VAL A 38 -5.49 -5.52 -4.57
N VAL A 39 -6.40 -4.59 -4.23
CA VAL A 39 -7.83 -4.90 -4.11
C VAL A 39 -8.53 -4.59 -5.45
N ASN A 40 -9.14 -5.65 -6.02
CA ASN A 40 -9.86 -5.61 -7.31
C ASN A 40 -8.97 -5.16 -8.47
N LYS A 41 -7.64 -5.25 -8.24
CA LYS A 41 -6.61 -4.96 -9.23
C LYS A 41 -6.74 -3.54 -9.86
N ARG A 42 -7.44 -2.63 -9.15
CA ARG A 42 -7.66 -1.22 -9.57
C ARG A 42 -6.84 -0.28 -8.68
N PHE A 43 -6.58 -0.70 -7.45
CA PHE A 43 -5.84 0.10 -6.46
C PHE A 43 -5.14 -0.82 -5.46
N VAL A 44 -4.12 -0.27 -4.80
CA VAL A 44 -3.31 -0.99 -3.82
C VAL A 44 -3.34 -0.20 -2.51
N ARG A 45 -3.62 -0.90 -1.40
CA ARG A 45 -3.70 -0.29 -0.08
C ARG A 45 -2.37 -0.52 0.65
N VAL A 46 -1.77 0.58 1.10
CA VAL A 46 -0.51 0.54 1.85
C VAL A 46 -0.88 0.24 3.31
N THR A 47 -0.57 -0.98 3.73
CA THR A 47 -0.71 -1.38 5.12
C THR A 47 0.64 -1.17 5.78
N PHE A 48 0.66 -0.46 6.91
CA PHE A 48 1.88 -0.24 7.69
C PHE A 48 2.11 -1.43 8.63
N THR A 49 3.32 -1.55 9.17
CA THR A 49 3.68 -2.64 10.08
C THR A 49 2.90 -2.49 11.43
N PRO A 50 2.37 -3.63 12.01
CA PRO A 50 1.44 -3.60 13.17
C PRO A 50 2.00 -2.82 14.37
N GLY A 51 3.30 -3.03 14.65
CA GLY A 51 3.98 -2.39 15.79
C GLY A 51 4.11 -0.88 15.68
N LYS A 52 4.12 -0.37 14.44
CA LYS A 52 4.17 1.06 14.15
C LYS A 52 2.79 1.71 14.38
N THR A 53 1.78 1.21 13.65
CA THR A 53 0.42 1.76 13.67
C THR A 53 -0.22 1.58 15.08
N PRO A 54 -0.63 2.69 15.78
CA PRO A 54 -1.28 2.62 17.10
C PRO A 54 -2.82 2.56 17.00
N VAL A 55 -3.53 2.86 18.12
CA VAL A 55 -5.02 2.84 18.17
C VAL A 55 -5.65 3.94 17.28
N ASP A 56 -4.80 4.84 16.74
CA ASP A 56 -5.21 5.91 15.81
C ASP A 56 -5.82 5.39 14.51
N GLY A 57 -5.47 4.14 14.12
CA GLY A 57 -6.03 3.51 12.91
C GLY A 57 -5.64 4.22 11.63
N GLN A 58 -4.37 4.04 11.23
CA GLN A 58 -3.81 4.73 10.05
C GLN A 58 -3.44 3.73 8.96
N TYR A 59 -4.20 3.76 7.87
CA TYR A 59 -3.84 3.12 6.59
C TYR A 59 -4.07 4.11 5.44
N VAL A 60 -3.31 3.94 4.34
CA VAL A 60 -3.45 4.75 3.12
C VAL A 60 -3.58 3.83 1.90
N TRP A 61 -3.74 4.43 0.70
CA TRP A 61 -3.90 3.70 -0.57
C TRP A 61 -3.52 4.57 -1.76
N PHE A 62 -3.26 3.94 -2.91
CA PHE A 62 -2.97 4.64 -4.17
C PHE A 62 -3.55 3.83 -5.35
N ASN A 63 -3.86 4.53 -6.45
CA ASN A 63 -4.37 3.88 -7.68
C ASN A 63 -3.20 3.28 -8.50
N ILE A 64 -3.49 2.23 -9.28
CA ILE A 64 -2.54 1.64 -10.23
C ILE A 64 -3.18 1.59 -11.63
N GLY A 65 -2.35 1.80 -12.67
CA GLY A 65 -2.79 1.69 -14.05
C GLY A 65 -2.90 0.23 -14.47
N SER A 66 -1.76 -0.48 -14.44
CA SER A 66 -1.67 -1.92 -14.73
C SER A 66 -0.96 -2.63 -13.58
N VAL A 67 -1.54 -3.76 -13.13
CA VAL A 67 -0.97 -4.62 -12.07
C VAL A 67 0.44 -5.12 -12.45
N ASP A 68 0.60 -5.48 -13.73
CA ASP A 68 1.87 -5.95 -14.30
C ASP A 68 2.93 -4.85 -14.23
N THR A 69 2.53 -3.60 -14.53
CA THR A 69 3.45 -2.46 -14.44
C THR A 69 3.82 -2.18 -12.95
N PHE A 70 2.80 -2.21 -12.06
CA PHE A 70 2.96 -2.06 -10.59
C PHE A 70 4.03 -3.00 -10.02
N GLU A 71 3.89 -4.30 -10.31
CA GLU A 71 4.76 -5.34 -9.74
C GLU A 71 6.18 -5.26 -10.33
N ARG A 72 6.28 -4.92 -11.63
CA ARG A 72 7.57 -4.76 -12.31
C ARG A 72 8.34 -3.55 -11.74
N ASN A 73 7.60 -2.46 -11.45
CA ASN A 73 8.18 -1.24 -10.86
C ASN A 73 8.64 -1.53 -9.44
N LEU A 74 7.72 -2.10 -8.62
CA LEU A 74 7.96 -2.41 -7.21
C LEU A 74 9.23 -3.27 -7.02
N GLU A 75 9.26 -4.41 -7.73
CA GLU A 75 10.37 -5.38 -7.63
C GLU A 75 11.73 -4.78 -8.06
N THR A 76 11.76 -4.11 -9.24
CA THR A 76 13.00 -3.53 -9.79
C THR A 76 13.53 -2.41 -8.87
N LEU A 77 12.61 -1.49 -8.51
CA LEU A 77 12.82 -0.40 -7.53
C LEU A 77 13.40 -0.91 -6.20
N GLN A 78 12.81 -2.00 -5.68
CA GLN A 78 13.28 -2.64 -4.42
C GLN A 78 14.74 -3.14 -4.58
N GLN A 79 15.01 -3.83 -5.70
CA GLN A 79 16.35 -4.39 -6.01
C GLN A 79 17.40 -3.26 -6.14
N GLU A 80 16.97 -2.12 -6.67
CA GLU A 80 17.83 -0.94 -6.87
C GLU A 80 18.08 -0.20 -5.55
N LEU A 81 17.05 -0.10 -4.69
CA LEU A 81 17.17 0.55 -3.37
C LEU A 81 17.97 -0.35 -2.39
N GLY A 82 18.04 -1.66 -2.69
CA GLY A 82 18.65 -2.65 -1.77
C GLY A 82 17.61 -3.43 -0.96
N ILE A 83 16.33 -3.05 -1.09
CA ILE A 83 15.20 -3.70 -0.42
C ILE A 83 14.95 -5.10 -1.03
N GLU A 84 15.02 -6.14 -0.19
CA GLU A 84 14.83 -7.55 -0.61
C GLU A 84 14.53 -8.45 0.59
N GLY A 85 13.98 -9.65 0.28
CA GLY A 85 13.69 -10.67 1.28
C GLY A 85 12.68 -10.22 2.33
N GLU A 86 13.18 -10.05 3.57
CA GLU A 86 12.36 -9.63 4.73
C GLU A 86 12.01 -8.13 4.65
N ASN A 87 12.85 -7.37 3.93
CA ASN A 87 12.63 -5.93 3.69
C ASN A 87 11.66 -5.74 2.53
N ARG A 88 11.62 -6.72 1.60
CA ARG A 88 10.68 -6.72 0.47
C ARG A 88 9.23 -6.79 0.99
N VAL A 89 8.42 -5.82 0.61
CA VAL A 89 7.03 -5.72 1.06
C VAL A 89 6.16 -6.80 0.36
N PRO A 90 5.51 -7.73 1.15
CA PRO A 90 4.59 -8.76 0.60
C PRO A 90 3.38 -8.15 -0.12
N VAL A 91 2.97 -8.76 -1.23
CA VAL A 91 1.85 -8.26 -2.05
C VAL A 91 0.66 -9.23 -1.96
N VAL A 92 -0.45 -8.75 -1.37
CA VAL A 92 -1.64 -9.55 -1.05
C VAL A 92 -2.78 -9.14 -2.00
N TYR A 93 -2.97 -9.92 -3.06
CA TYR A 93 -4.07 -9.70 -4.01
C TYR A 93 -5.42 -10.08 -3.38
N ILE A 94 -6.27 -9.08 -3.21
CA ILE A 94 -7.63 -9.24 -2.64
C ILE A 94 -8.65 -9.06 -3.79
N ALA A 95 -9.55 -10.03 -3.96
CA ALA A 95 -10.55 -10.02 -5.05
C ALA A 95 -11.96 -10.00 -4.46
N GLU A 96 -12.50 -8.79 -4.23
CA GLU A 96 -13.85 -8.60 -3.68
C GLU A 96 -14.83 -8.36 -4.83
N SER A 97 -15.61 -9.38 -5.22
CA SER A 97 -16.56 -9.25 -6.33
C SER A 97 -17.74 -10.21 -6.17
N ASP A 98 -18.81 -9.71 -5.54
CA ASP A 98 -20.11 -10.42 -5.34
C ASP A 98 -19.96 -11.63 -4.38
N GLY A 99 -19.30 -12.68 -4.87
CA GLY A 99 -18.99 -13.89 -4.10
C GLY A 99 -17.88 -14.71 -4.77
N MET A 1 -2.04 16.53 -11.27
CA MET A 1 -2.44 17.96 -11.22
C MET A 1 -1.17 18.84 -11.34
N GLY A 2 -1.36 20.17 -11.25
CA GLY A 2 -0.24 21.13 -11.30
C GLY A 2 0.61 21.09 -10.02
N HIS A 3 1.55 20.10 -9.97
CA HIS A 3 2.40 19.80 -8.81
C HIS A 3 1.58 19.65 -7.51
N HIS A 4 1.43 20.76 -6.76
CA HIS A 4 0.65 20.82 -5.51
C HIS A 4 0.56 22.30 -5.06
N HIS A 5 -0.61 22.92 -5.29
CA HIS A 5 -0.93 24.29 -4.82
C HIS A 5 -2.40 24.30 -4.36
N HIS A 6 -2.71 25.16 -3.35
CA HIS A 6 -4.04 25.22 -2.67
C HIS A 6 -4.25 23.96 -1.81
N HIS A 7 -4.88 24.11 -0.63
CA HIS A 7 -5.07 23.00 0.32
C HIS A 7 -5.96 21.88 -0.28
N HIS A 8 -5.49 20.65 -0.14
CA HIS A 8 -6.21 19.43 -0.54
C HIS A 8 -6.64 18.67 0.72
N SER A 9 -7.03 19.44 1.75
CA SER A 9 -7.36 18.92 3.08
C SER A 9 -8.73 18.22 3.07
N HIS A 10 -8.74 16.96 2.65
CA HIS A 10 -9.93 16.09 2.66
C HIS A 10 -9.76 15.11 3.83
N MET A 11 -10.08 15.63 5.04
CA MET A 11 -9.89 14.92 6.31
C MET A 11 -10.83 13.71 6.39
N LYS A 12 -12.12 13.97 6.09
CA LYS A 12 -13.16 12.94 6.02
C LYS A 12 -13.06 12.23 4.66
N ARG A 13 -12.34 11.09 4.66
CA ARG A 13 -12.15 10.24 3.49
C ARG A 13 -11.68 8.87 3.98
N SER A 14 -12.33 7.79 3.51
CA SER A 14 -12.03 6.42 3.92
C SER A 14 -10.70 5.93 3.31
N GLY A 15 -9.59 6.39 3.90
CA GLY A 15 -8.26 6.13 3.37
C GLY A 15 -7.80 7.27 2.46
N ARG A 16 -6.55 7.74 2.66
CA ARG A 16 -5.98 8.86 1.90
C ARG A 16 -5.36 8.31 0.61
N GLU A 17 -5.80 8.84 -0.55
CA GLU A 17 -5.16 8.53 -1.83
C GLU A 17 -3.84 9.31 -1.91
N ILE A 18 -2.77 8.64 -2.30
CA ILE A 18 -1.42 9.20 -2.40
C ILE A 18 -0.87 8.89 -3.79
N THR A 19 0.26 9.51 -4.13
CA THR A 19 0.98 9.21 -5.37
C THR A 19 1.93 8.03 -5.13
N TRP A 20 2.35 7.38 -6.23
CA TRP A 20 3.35 6.30 -6.22
C TRP A 20 4.61 6.73 -5.46
N LYS A 21 5.14 7.92 -5.77
CA LYS A 21 6.39 8.41 -5.19
C LYS A 21 6.20 8.87 -3.75
N ASP A 22 4.97 9.27 -3.34
CA ASP A 22 4.65 9.58 -1.94
C ASP A 22 4.77 8.31 -1.09
N PHE A 23 4.25 7.20 -1.66
CA PHE A 23 4.39 5.86 -1.12
C PHE A 23 5.87 5.49 -0.93
N VAL A 24 6.68 5.67 -2.00
CA VAL A 24 8.12 5.31 -1.98
C VAL A 24 8.86 6.08 -0.87
N ASN A 25 8.86 7.41 -0.96
CA ASN A 25 9.75 8.29 -0.16
C ASN A 25 9.36 8.26 1.33
N ASN A 26 8.06 8.39 1.61
CA ASN A 26 7.54 8.55 2.99
C ASN A 26 7.37 7.20 3.69
N TYR A 27 6.99 6.15 2.94
CA TYR A 27 6.52 4.90 3.55
C TYR A 27 7.50 3.74 3.31
N LEU A 28 7.64 3.34 2.03
CA LEU A 28 8.38 2.11 1.64
C LEU A 28 9.87 2.20 1.98
N SER A 29 10.51 3.31 1.60
CA SER A 29 11.95 3.55 1.84
C SER A 29 12.29 3.68 3.35
N LYS A 30 11.27 3.99 4.17
CA LYS A 30 11.41 4.14 5.64
C LYS A 30 10.98 2.87 6.39
N GLY A 31 10.53 1.85 5.62
CA GLY A 31 10.11 0.55 6.17
C GLY A 31 8.93 0.61 7.14
N VAL A 32 8.10 1.66 7.05
CA VAL A 32 6.90 1.82 7.92
C VAL A 32 5.67 1.13 7.29
N VAL A 33 5.94 0.34 6.24
CA VAL A 33 4.97 -0.52 5.57
C VAL A 33 5.13 -1.97 6.08
N ASP A 34 4.00 -2.64 6.36
CA ASP A 34 3.96 -4.07 6.72
C ASP A 34 3.87 -4.90 5.44
N ARG A 35 2.91 -4.51 4.56
CA ARG A 35 2.61 -5.22 3.30
C ARG A 35 1.77 -4.34 2.34
N LEU A 36 1.58 -4.84 1.11
CA LEU A 36 0.77 -4.19 0.07
C LEU A 36 -0.38 -5.10 -0.35
N GLU A 37 -1.61 -4.68 -0.04
CA GLU A 37 -2.84 -5.44 -0.35
C GLU A 37 -3.50 -4.87 -1.61
N VAL A 38 -3.39 -5.57 -2.75
CA VAL A 38 -3.89 -5.10 -4.04
C VAL A 38 -5.36 -5.53 -4.16
N VAL A 39 -6.27 -4.59 -3.89
CA VAL A 39 -7.71 -4.86 -3.72
C VAL A 39 -8.44 -4.75 -5.07
N ASN A 40 -9.11 -5.85 -5.45
CA ASN A 40 -9.84 -6.02 -6.74
C ASN A 40 -8.95 -5.75 -7.97
N LYS A 41 -7.62 -5.78 -7.77
CA LYS A 41 -6.59 -5.47 -8.80
C LYS A 41 -6.76 -4.04 -9.42
N ARG A 42 -7.53 -3.17 -8.75
CA ARG A 42 -7.77 -1.79 -9.21
C ARG A 42 -6.75 -0.84 -8.59
N PHE A 43 -6.33 -1.17 -7.37
CA PHE A 43 -5.44 -0.31 -6.57
C PHE A 43 -4.69 -1.13 -5.54
N VAL A 44 -3.72 -0.48 -4.90
CA VAL A 44 -2.87 -1.06 -3.86
C VAL A 44 -3.10 -0.32 -2.55
N ARG A 45 -3.36 -1.07 -1.49
CA ARG A 45 -3.55 -0.56 -0.13
C ARG A 45 -2.21 -0.67 0.60
N VAL A 46 -1.71 0.45 1.11
CA VAL A 46 -0.48 0.50 1.90
C VAL A 46 -0.82 0.19 3.35
N THR A 47 -0.35 -0.97 3.83
CA THR A 47 -0.50 -1.39 5.22
C THR A 47 0.70 -0.89 6.03
N PHE A 48 0.43 -0.28 7.19
CA PHE A 48 1.46 0.18 8.12
C PHE A 48 1.92 -0.98 9.03
N THR A 49 3.21 -0.96 9.40
CA THR A 49 3.78 -1.93 10.36
C THR A 49 3.11 -1.79 11.76
N PRO A 50 2.82 -2.92 12.51
CA PRO A 50 2.22 -2.90 13.87
C PRO A 50 2.93 -1.91 14.83
N GLY A 51 2.16 -0.96 15.40
CA GLY A 51 2.71 0.08 16.28
C GLY A 51 2.86 1.43 15.59
N LYS A 52 2.92 1.41 14.25
CA LYS A 52 2.99 2.62 13.39
C LYS A 52 1.66 2.85 12.67
N THR A 53 0.71 1.93 12.86
CA THR A 53 -0.66 2.02 12.32
C THR A 53 -1.45 3.14 13.07
N PRO A 54 -2.16 4.08 12.35
CA PRO A 54 -2.97 5.17 12.98
C PRO A 54 -4.03 4.63 13.96
N VAL A 55 -4.27 5.38 15.06
CA VAL A 55 -5.17 4.98 16.16
C VAL A 55 -6.65 4.91 15.68
N ASP A 56 -7.05 5.91 14.89
CA ASP A 56 -8.43 6.06 14.37
C ASP A 56 -8.64 5.13 13.16
N GLY A 57 -7.63 5.07 12.29
CA GLY A 57 -7.71 4.34 11.04
C GLY A 57 -7.31 5.24 9.89
N GLN A 58 -8.02 5.13 8.75
CA GLN A 58 -7.69 5.81 7.48
C GLN A 58 -6.26 5.43 7.04
N TYR A 59 -6.13 4.30 6.33
CA TYR A 59 -4.88 3.89 5.69
C TYR A 59 -4.53 4.84 4.53
N VAL A 60 -3.36 4.64 3.92
CA VAL A 60 -3.01 5.32 2.66
C VAL A 60 -2.99 4.27 1.53
N TRP A 61 -3.24 4.72 0.29
CA TRP A 61 -3.40 3.84 -0.88
C TRP A 61 -3.19 4.64 -2.17
N PHE A 62 -3.01 3.93 -3.30
CA PHE A 62 -2.84 4.55 -4.62
C PHE A 62 -3.45 3.64 -5.71
N ASN A 63 -4.12 4.26 -6.69
CA ASN A 63 -4.80 3.54 -7.79
C ASN A 63 -3.79 3.22 -8.90
N ILE A 64 -3.70 1.93 -9.29
CA ILE A 64 -2.68 1.46 -10.25
C ILE A 64 -3.29 1.20 -11.65
N GLY A 65 -4.49 0.60 -11.69
CA GLY A 65 -5.09 0.14 -12.94
C GLY A 65 -4.31 -1.02 -13.55
N SER A 66 -3.20 -0.67 -14.24
CA SER A 66 -2.26 -1.65 -14.79
C SER A 66 -1.45 -2.30 -13.65
N VAL A 67 -1.93 -3.49 -13.21
CA VAL A 67 -1.29 -4.30 -12.16
C VAL A 67 0.11 -4.72 -12.60
N ASP A 68 0.23 -5.09 -13.88
CA ASP A 68 1.47 -5.57 -14.48
C ASP A 68 2.58 -4.51 -14.35
N THR A 69 2.20 -3.26 -14.63
CA THR A 69 3.09 -2.10 -14.56
C THR A 69 3.49 -1.83 -13.09
N PHE A 70 2.52 -1.96 -12.16
CA PHE A 70 2.77 -1.87 -10.70
C PHE A 70 3.85 -2.88 -10.27
N GLU A 71 3.71 -4.14 -10.77
CA GLU A 71 4.61 -5.26 -10.42
C GLU A 71 6.02 -4.96 -10.91
N ARG A 72 6.13 -4.47 -12.17
CA ARG A 72 7.44 -4.12 -12.79
C ARG A 72 8.16 -3.04 -11.99
N ASN A 73 7.43 -1.95 -11.69
CA ASN A 73 7.96 -0.78 -10.99
C ASN A 73 8.36 -1.14 -9.55
N LEU A 74 7.52 -1.97 -8.91
CA LEU A 74 7.73 -2.43 -7.54
C LEU A 74 9.02 -3.26 -7.40
N GLU A 75 9.21 -4.27 -8.28
CA GLU A 75 10.36 -5.20 -8.19
C GLU A 75 11.69 -4.49 -8.55
N THR A 76 11.62 -3.53 -9.48
CA THR A 76 12.75 -2.64 -9.81
C THR A 76 13.10 -1.76 -8.59
N LEU A 77 12.05 -1.22 -7.96
CA LEU A 77 12.13 -0.35 -6.78
C LEU A 77 12.74 -1.09 -5.57
N GLN A 78 12.40 -2.37 -5.43
CA GLN A 78 12.96 -3.26 -4.39
C GLN A 78 14.48 -3.42 -4.62
N GLN A 79 14.89 -3.54 -5.90
CA GLN A 79 16.33 -3.61 -6.26
C GLN A 79 17.04 -2.27 -5.97
N GLU A 80 16.35 -1.13 -6.20
CA GLU A 80 16.91 0.22 -5.98
C GLU A 80 17.13 0.49 -4.47
N LEU A 81 16.10 0.16 -3.67
CA LEU A 81 16.10 0.39 -2.20
C LEU A 81 16.86 -0.71 -1.42
N GLY A 82 17.44 -1.69 -2.17
CA GLY A 82 18.23 -2.77 -1.56
C GLY A 82 17.39 -3.82 -0.83
N ILE A 83 16.07 -3.79 -1.09
CA ILE A 83 15.06 -4.68 -0.47
C ILE A 83 15.03 -6.04 -1.23
N GLU A 84 15.48 -7.12 -0.57
CA GLU A 84 15.59 -8.46 -1.20
C GLU A 84 15.55 -9.59 -0.15
N GLY A 85 15.39 -10.84 -0.64
CA GLY A 85 15.32 -12.02 0.21
C GLY A 85 14.05 -12.06 1.06
N GLU A 86 14.21 -12.21 2.39
CA GLU A 86 13.06 -12.21 3.33
C GLU A 86 12.53 -10.77 3.54
N ASN A 87 13.32 -9.77 3.10
CA ASN A 87 12.98 -8.34 3.21
C ASN A 87 11.99 -7.91 2.10
N ARG A 88 11.85 -8.73 1.03
CA ARG A 88 10.95 -8.47 -0.12
C ARG A 88 9.53 -8.13 0.36
N VAL A 89 8.98 -7.02 -0.17
CA VAL A 89 7.70 -6.45 0.27
C VAL A 89 6.56 -7.46 -0.02
N PRO A 90 5.89 -8.04 1.03
CA PRO A 90 4.84 -9.06 0.84
C PRO A 90 3.57 -8.43 0.20
N VAL A 91 3.25 -8.88 -1.02
CA VAL A 91 2.12 -8.37 -1.80
C VAL A 91 1.02 -9.44 -1.84
N VAL A 92 -0.16 -9.09 -1.33
CA VAL A 92 -1.30 -9.98 -1.18
C VAL A 92 -2.43 -9.47 -2.08
N TYR A 93 -2.88 -10.27 -3.04
CA TYR A 93 -3.99 -9.92 -3.92
C TYR A 93 -5.30 -10.39 -3.30
N ILE A 94 -6.16 -9.45 -2.92
CA ILE A 94 -7.51 -9.73 -2.37
C ILE A 94 -8.51 -9.14 -3.36
N ALA A 95 -9.50 -9.94 -3.80
CA ALA A 95 -10.50 -9.49 -4.78
C ALA A 95 -11.89 -10.03 -4.38
N GLU A 96 -12.73 -9.12 -3.87
CA GLU A 96 -14.13 -9.42 -3.51
C GLU A 96 -14.91 -9.79 -4.77
N SER A 97 -14.61 -9.05 -5.85
CA SER A 97 -15.16 -9.26 -7.20
C SER A 97 -14.39 -8.38 -8.19
N ASP A 98 -14.51 -8.72 -9.49
CA ASP A 98 -13.97 -7.90 -10.60
C ASP A 98 -14.98 -6.79 -10.96
N GLY A 99 -16.25 -6.98 -10.53
CA GLY A 99 -17.31 -6.01 -10.75
C GLY A 99 -18.63 -6.55 -10.19
N MET A 1 -2.56 -5.36 24.69
CA MET A 1 -3.83 -4.87 24.10
C MET A 1 -4.22 -5.76 22.91
N GLY A 2 -5.46 -6.30 22.96
CA GLY A 2 -6.04 -7.08 21.86
C GLY A 2 -6.90 -6.21 21.00
N HIS A 3 -6.49 -6.01 19.71
CA HIS A 3 -7.15 -5.09 18.76
C HIS A 3 -8.59 -5.51 18.48
N HIS A 4 -9.49 -5.01 19.34
CA HIS A 4 -10.96 -5.18 19.22
C HIS A 4 -11.66 -3.83 19.38
N HIS A 5 -10.85 -2.75 19.51
CA HIS A 5 -11.34 -1.36 19.61
C HIS A 5 -10.73 -0.57 18.47
N HIS A 6 -11.61 0.08 17.68
CA HIS A 6 -11.25 0.80 16.44
C HIS A 6 -10.70 -0.19 15.37
N HIS A 7 -10.29 0.36 14.20
CA HIS A 7 -9.80 -0.43 13.02
C HIS A 7 -10.97 -1.22 12.33
N HIS A 8 -12.20 -1.09 12.87
CA HIS A 8 -13.43 -1.65 12.25
C HIS A 8 -13.68 -0.97 10.90
N SER A 9 -13.32 0.33 10.85
CA SER A 9 -13.38 1.14 9.63
C SER A 9 -12.25 0.72 8.66
N HIS A 10 -12.58 -0.26 7.81
CA HIS A 10 -11.69 -0.72 6.72
C HIS A 10 -11.91 0.12 5.43
N MET A 11 -12.42 1.35 5.63
CA MET A 11 -12.87 2.23 4.56
C MET A 11 -11.66 2.76 3.74
N LYS A 12 -11.86 2.84 2.43
CA LYS A 12 -10.91 3.47 1.49
C LYS A 12 -10.89 4.98 1.75
N ARG A 13 -12.08 5.51 2.11
CA ARG A 13 -12.27 6.90 2.55
C ARG A 13 -11.69 7.07 3.98
N SER A 14 -11.27 8.31 4.31
CA SER A 14 -10.71 8.72 5.62
C SER A 14 -9.22 8.33 5.76
N GLY A 15 -8.78 7.33 4.98
CA GLY A 15 -7.34 7.09 4.74
C GLY A 15 -6.82 8.02 3.64
N ARG A 16 -5.50 8.17 3.54
CA ARG A 16 -4.89 9.12 2.58
C ARG A 16 -4.63 8.46 1.22
N GLU A 17 -5.26 8.98 0.15
CA GLU A 17 -4.95 8.59 -1.22
C GLU A 17 -3.66 9.33 -1.63
N ILE A 18 -2.57 8.57 -1.79
CA ILE A 18 -1.22 9.06 -2.14
C ILE A 18 -0.91 8.73 -3.61
N THR A 19 0.23 9.22 -4.11
CA THR A 19 0.79 8.81 -5.41
C THR A 19 1.75 7.63 -5.18
N TRP A 20 2.17 6.98 -6.29
CA TRP A 20 3.27 5.99 -6.29
C TRP A 20 4.55 6.67 -5.74
N LYS A 21 4.79 7.93 -6.16
CA LYS A 21 5.93 8.75 -5.69
C LYS A 21 5.95 8.91 -4.16
N ASP A 22 4.80 9.29 -3.55
CA ASP A 22 4.67 9.46 -2.08
C ASP A 22 4.88 8.11 -1.38
N PHE A 23 4.34 7.04 -2.02
CA PHE A 23 4.50 5.67 -1.55
C PHE A 23 5.99 5.32 -1.38
N VAL A 24 6.80 5.58 -2.42
CA VAL A 24 8.23 5.25 -2.42
C VAL A 24 8.95 5.92 -1.26
N ASN A 25 8.94 7.26 -1.26
CA ASN A 25 9.78 8.07 -0.37
C ASN A 25 9.39 7.90 1.10
N ASN A 26 8.11 8.12 1.39
CA ASN A 26 7.60 8.25 2.77
C ASN A 26 7.31 6.90 3.41
N TYR A 27 7.09 5.83 2.59
CA TYR A 27 6.58 4.54 3.10
C TYR A 27 7.53 3.35 2.78
N LEU A 28 7.62 2.99 1.48
CA LEU A 28 8.35 1.80 1.00
C LEU A 28 9.84 1.85 1.40
N SER A 29 10.52 2.94 0.99
CA SER A 29 11.95 3.18 1.27
C SER A 29 12.26 3.25 2.79
N LYS A 30 11.23 3.51 3.60
CA LYS A 30 11.36 3.66 5.08
C LYS A 30 11.08 2.33 5.80
N GLY A 31 10.59 1.33 5.04
CA GLY A 31 10.24 0.01 5.59
C GLY A 31 9.08 0.03 6.59
N VAL A 32 8.24 1.09 6.53
CA VAL A 32 7.06 1.21 7.43
C VAL A 32 5.88 0.36 6.91
N VAL A 33 6.05 -0.23 5.71
CA VAL A 33 5.00 -0.99 5.04
C VAL A 33 5.13 -2.48 5.40
N ASP A 34 4.01 -3.07 5.81
CA ASP A 34 3.92 -4.49 6.17
C ASP A 34 3.69 -5.33 4.90
N ARG A 35 2.68 -4.92 4.12
CA ARG A 35 2.22 -5.64 2.93
C ARG A 35 1.46 -4.66 2.01
N LEU A 36 1.34 -5.04 0.73
CA LEU A 36 0.64 -4.26 -0.28
C LEU A 36 -0.53 -5.08 -0.81
N GLU A 37 -1.73 -4.72 -0.35
CA GLU A 37 -2.96 -5.43 -0.68
C GLU A 37 -3.54 -4.86 -1.99
N VAL A 38 -3.47 -5.63 -3.07
CA VAL A 38 -3.94 -5.19 -4.38
C VAL A 38 -5.44 -5.47 -4.44
N VAL A 39 -6.24 -4.46 -4.08
CA VAL A 39 -7.66 -4.60 -3.83
C VAL A 39 -8.44 -4.57 -5.15
N ASN A 40 -8.98 -5.76 -5.51
CA ASN A 40 -9.72 -6.02 -6.77
C ASN A 40 -8.93 -5.59 -8.03
N LYS A 41 -7.58 -5.60 -7.91
CA LYS A 41 -6.62 -5.13 -8.95
C LYS A 41 -6.74 -3.63 -9.29
N ARG A 42 -7.73 -2.94 -8.69
CA ARG A 42 -8.11 -1.56 -9.02
C ARG A 42 -7.09 -0.57 -8.45
N PHE A 43 -6.64 -0.87 -7.23
CA PHE A 43 -5.66 -0.07 -6.51
C PHE A 43 -4.90 -0.97 -5.54
N VAL A 44 -3.96 -0.37 -4.80
CA VAL A 44 -3.17 -1.06 -3.77
C VAL A 44 -3.28 -0.28 -2.46
N ARG A 45 -3.58 -0.99 -1.37
CA ARG A 45 -3.68 -0.42 -0.04
C ARG A 45 -2.36 -0.71 0.70
N VAL A 46 -1.74 0.36 1.16
CA VAL A 46 -0.48 0.34 1.90
C VAL A 46 -0.80 0.01 3.36
N THR A 47 -0.44 -1.20 3.76
CA THR A 47 -0.59 -1.65 5.14
C THR A 47 0.65 -1.21 5.92
N PHE A 48 0.45 -0.59 7.09
CA PHE A 48 1.55 -0.22 7.98
C PHE A 48 1.91 -1.42 8.88
N THR A 49 3.19 -1.51 9.26
CA THR A 49 3.66 -2.54 10.19
C THR A 49 3.01 -2.36 11.58
N PRO A 50 2.70 -3.50 12.31
CA PRO A 50 2.26 -3.44 13.71
C PRO A 50 3.27 -2.67 14.59
N GLY A 51 2.91 -1.43 14.95
CA GLY A 51 3.81 -0.51 15.66
C GLY A 51 3.75 0.88 15.05
N LYS A 52 3.79 0.93 13.70
CA LYS A 52 3.51 2.16 12.95
C LYS A 52 2.00 2.44 12.98
N THR A 53 1.22 1.35 13.01
CA THR A 53 -0.22 1.40 13.23
C THR A 53 -0.52 1.89 14.68
N PRO A 54 -1.18 3.08 14.86
CA PRO A 54 -1.67 3.54 16.17
C PRO A 54 -3.11 3.02 16.45
N VAL A 55 -3.79 3.61 17.45
CA VAL A 55 -5.21 3.32 17.74
C VAL A 55 -6.09 3.84 16.57
N ASP A 56 -5.63 4.94 15.93
CA ASP A 56 -6.16 5.42 14.64
C ASP A 56 -5.45 4.64 13.52
N GLY A 57 -5.70 3.31 13.48
CA GLY A 57 -5.12 2.41 12.48
C GLY A 57 -5.79 2.52 11.12
N GLN A 58 -5.74 3.72 10.54
CA GLN A 58 -6.23 4.02 9.19
C GLN A 58 -5.08 3.81 8.21
N TYR A 59 -5.39 3.29 7.03
CA TYR A 59 -4.38 2.95 6.01
C TYR A 59 -4.42 3.95 4.86
N VAL A 60 -3.30 4.05 4.16
CA VAL A 60 -3.17 4.90 2.97
C VAL A 60 -3.12 3.99 1.75
N TRP A 61 -3.33 4.53 0.55
CA TRP A 61 -3.47 3.74 -0.67
C TRP A 61 -3.27 4.60 -1.93
N PHE A 62 -3.03 3.93 -3.07
CA PHE A 62 -2.79 4.58 -4.36
C PHE A 62 -3.40 3.71 -5.48
N ASN A 63 -3.89 4.38 -6.54
CA ASN A 63 -4.51 3.69 -7.70
C ASN A 63 -3.40 3.20 -8.65
N ILE A 64 -3.57 1.99 -9.22
CA ILE A 64 -2.55 1.39 -10.13
C ILE A 64 -3.11 1.17 -11.54
N GLY A 65 -4.32 0.57 -11.65
CA GLY A 65 -4.87 0.15 -12.94
C GLY A 65 -4.06 -1.01 -13.55
N SER A 66 -2.92 -0.66 -14.15
CA SER A 66 -1.97 -1.64 -14.71
C SER A 66 -1.21 -2.35 -13.57
N VAL A 67 -1.75 -3.51 -13.17
CA VAL A 67 -1.18 -4.39 -12.12
C VAL A 67 0.23 -4.87 -12.50
N ASP A 68 0.42 -5.13 -13.80
CA ASP A 68 1.72 -5.58 -14.36
C ASP A 68 2.79 -4.50 -14.15
N THR A 69 2.39 -3.23 -14.32
CA THR A 69 3.28 -2.07 -14.11
C THR A 69 3.59 -1.91 -12.61
N PHE A 70 2.56 -2.07 -11.74
CA PHE A 70 2.73 -2.05 -10.27
C PHE A 70 3.82 -3.03 -9.84
N GLU A 71 3.67 -4.29 -10.28
CA GLU A 71 4.59 -5.38 -9.95
C GLU A 71 6.00 -5.09 -10.45
N ARG A 72 6.12 -4.75 -11.74
CA ARG A 72 7.37 -4.55 -12.44
C ARG A 72 8.20 -3.43 -11.80
N ASN A 73 7.51 -2.30 -11.52
CA ASN A 73 8.11 -1.12 -10.89
C ASN A 73 8.52 -1.43 -9.45
N LEU A 74 7.65 -2.15 -8.73
CA LEU A 74 7.89 -2.57 -7.33
C LEU A 74 9.17 -3.42 -7.20
N GLU A 75 9.35 -4.38 -8.15
CA GLU A 75 10.52 -5.27 -8.21
C GLU A 75 11.82 -4.48 -8.36
N THR A 76 11.87 -3.65 -9.44
CA THR A 76 13.07 -2.89 -9.83
C THR A 76 13.45 -1.88 -8.74
N LEU A 77 12.43 -1.14 -8.29
CA LEU A 77 12.50 -0.12 -7.23
C LEU A 77 13.11 -0.66 -5.94
N GLN A 78 12.57 -1.77 -5.41
CA GLN A 78 13.04 -2.36 -4.14
C GLN A 78 14.48 -2.92 -4.28
N GLN A 79 14.83 -3.37 -5.51
CA GLN A 79 16.21 -3.79 -5.83
C GLN A 79 17.17 -2.58 -5.72
N GLU A 80 16.69 -1.40 -6.16
CA GLU A 80 17.45 -0.13 -6.09
C GLU A 80 17.58 0.34 -4.63
N LEU A 81 16.47 0.27 -3.88
CA LEU A 81 16.40 0.69 -2.47
C LEU A 81 17.18 -0.28 -1.55
N GLY A 82 17.44 -1.51 -2.04
CA GLY A 82 18.10 -2.56 -1.26
C GLY A 82 17.12 -3.39 -0.42
N ILE A 83 15.82 -3.17 -0.65
CA ILE A 83 14.71 -3.87 0.03
C ILE A 83 14.46 -5.21 -0.69
N GLU A 84 15.03 -6.32 -0.16
CA GLU A 84 14.99 -7.64 -0.82
C GLU A 84 14.72 -8.77 0.18
N GLY A 85 14.18 -9.89 -0.36
CA GLY A 85 13.90 -11.12 0.39
C GLY A 85 13.00 -10.92 1.60
N GLU A 86 13.63 -10.85 2.79
CA GLU A 86 12.95 -10.72 4.08
C GLU A 86 12.43 -9.29 4.30
N ASN A 87 13.12 -8.31 3.70
CA ASN A 87 12.75 -6.89 3.77
C ASN A 87 11.75 -6.52 2.66
N ARG A 88 11.75 -7.31 1.56
CA ARG A 88 10.85 -7.08 0.41
C ARG A 88 9.38 -7.21 0.83
N VAL A 89 8.62 -6.11 0.65
CA VAL A 89 7.23 -6.01 1.10
C VAL A 89 6.30 -6.98 0.30
N PRO A 90 5.62 -7.96 0.99
CA PRO A 90 4.70 -8.95 0.33
C PRO A 90 3.52 -8.29 -0.40
N VAL A 91 3.09 -8.90 -1.51
CA VAL A 91 1.91 -8.46 -2.28
C VAL A 91 0.78 -9.45 -1.99
N VAL A 92 -0.42 -8.91 -1.64
CA VAL A 92 -1.58 -9.72 -1.24
C VAL A 92 -2.80 -9.30 -2.08
N TYR A 93 -3.12 -10.07 -3.13
CA TYR A 93 -4.28 -9.81 -4.00
C TYR A 93 -5.57 -10.10 -3.22
N ILE A 94 -6.26 -9.02 -2.84
CA ILE A 94 -7.48 -9.10 -2.01
C ILE A 94 -8.66 -8.62 -2.86
N ALA A 95 -9.63 -9.52 -3.12
CA ALA A 95 -10.84 -9.19 -3.90
C ALA A 95 -11.97 -8.72 -2.97
N GLU A 96 -11.59 -8.43 -1.72
CA GLU A 96 -12.47 -8.03 -0.60
C GLU A 96 -13.44 -9.16 -0.20
N SER A 97 -14.52 -9.32 -1.00
CA SER A 97 -15.66 -10.21 -0.68
C SER A 97 -16.33 -9.77 0.65
N ASP A 98 -16.15 -8.47 0.98
CA ASP A 98 -16.64 -7.83 2.21
C ASP A 98 -18.18 -7.73 2.17
N GLY A 99 -18.70 -7.36 1.00
CA GLY A 99 -20.13 -7.23 0.76
C GLY A 99 -20.58 -8.18 -0.35
N MET A 1 -24.12 9.08 -24.10
CA MET A 1 -23.67 7.94 -23.26
C MET A 1 -22.89 8.51 -22.06
N GLY A 2 -23.58 8.69 -20.94
CA GLY A 2 -22.96 9.20 -19.72
C GLY A 2 -21.93 8.26 -19.12
N HIS A 3 -20.86 8.83 -18.55
CA HIS A 3 -19.81 8.09 -17.84
C HIS A 3 -19.25 8.94 -16.68
N HIS A 4 -20.02 9.99 -16.32
CA HIS A 4 -19.63 10.98 -15.30
C HIS A 4 -20.32 10.67 -13.94
N HIS A 5 -21.05 9.54 -13.88
CA HIS A 5 -21.79 9.09 -12.66
C HIS A 5 -20.88 8.29 -11.69
N HIS A 6 -19.54 8.39 -11.86
CA HIS A 6 -18.58 7.71 -10.98
C HIS A 6 -18.63 8.34 -9.58
N HIS A 7 -19.47 7.78 -8.71
CA HIS A 7 -19.83 8.38 -7.41
C HIS A 7 -18.62 8.38 -6.43
N HIS A 8 -18.31 9.57 -5.91
CA HIS A 8 -17.38 9.72 -4.78
C HIS A 8 -18.19 9.52 -3.49
N SER A 9 -19.05 10.51 -3.22
CA SER A 9 -20.03 10.58 -2.11
C SER A 9 -19.46 10.07 -0.77
N HIS A 10 -19.55 8.75 -0.54
CA HIS A 10 -19.11 8.11 0.70
C HIS A 10 -18.10 7.00 0.36
N MET A 11 -16.83 7.23 0.71
CA MET A 11 -15.75 6.22 0.63
C MET A 11 -15.48 5.63 2.04
N LYS A 12 -16.17 6.19 3.05
CA LYS A 12 -16.19 5.73 4.46
C LYS A 12 -14.86 6.04 5.19
N ARG A 13 -13.80 5.31 4.80
CA ARG A 13 -12.48 5.42 5.44
C ARG A 13 -11.82 6.80 5.19
N SER A 14 -11.26 7.38 6.26
CA SER A 14 -10.58 8.68 6.26
C SER A 14 -9.13 8.56 5.70
N GLY A 15 -8.71 7.32 5.34
CA GLY A 15 -7.38 7.05 4.79
C GLY A 15 -7.10 7.82 3.50
N ARG A 16 -5.85 8.27 3.34
CA ARG A 16 -5.44 9.17 2.24
C ARG A 16 -5.13 8.37 0.98
N GLU A 17 -5.67 8.81 -0.17
CA GLU A 17 -5.21 8.34 -1.47
C GLU A 17 -3.92 9.10 -1.82
N ILE A 18 -2.80 8.40 -1.83
CA ILE A 18 -1.49 8.94 -2.18
C ILE A 18 -1.16 8.67 -3.65
N THR A 19 -0.03 9.22 -4.12
CA THR A 19 0.58 8.83 -5.41
C THR A 19 1.73 7.83 -5.13
N TRP A 20 2.25 7.20 -6.21
CA TRP A 20 3.40 6.28 -6.15
C TRP A 20 4.63 6.99 -5.51
N LYS A 21 4.79 8.29 -5.81
CA LYS A 21 5.85 9.14 -5.25
C LYS A 21 5.82 9.14 -3.70
N ASP A 22 4.62 9.36 -3.12
CA ASP A 22 4.45 9.34 -1.64
C ASP A 22 4.70 7.95 -1.09
N PHE A 23 4.16 6.95 -1.81
CA PHE A 23 4.31 5.52 -1.48
C PHE A 23 5.78 5.15 -1.23
N VAL A 24 6.66 5.58 -2.13
CA VAL A 24 8.08 5.28 -2.04
C VAL A 24 8.74 6.08 -0.91
N ASN A 25 8.71 7.41 -1.03
CA ASN A 25 9.52 8.31 -0.18
C ASN A 25 9.03 8.32 1.27
N ASN A 26 7.72 8.58 1.46
CA ASN A 26 7.13 8.81 2.79
C ASN A 26 6.89 7.50 3.55
N TYR A 27 6.82 6.34 2.84
CA TYR A 27 6.41 5.06 3.46
C TYR A 27 7.44 3.92 3.24
N LEU A 28 7.55 3.45 1.99
CA LEU A 28 8.26 2.18 1.66
C LEU A 28 9.77 2.24 1.98
N SER A 29 10.42 3.36 1.64
CA SER A 29 11.87 3.55 1.89
C SER A 29 12.18 3.79 3.38
N LYS A 30 11.12 4.03 4.19
CA LYS A 30 11.24 4.13 5.66
C LYS A 30 10.99 2.76 6.31
N GLY A 31 10.53 1.78 5.52
CA GLY A 31 10.14 0.46 6.03
C GLY A 31 9.00 0.49 7.05
N VAL A 32 8.12 1.51 6.95
CA VAL A 32 6.93 1.63 7.83
C VAL A 32 5.75 0.84 7.23
N VAL A 33 6.02 0.10 6.14
CA VAL A 33 5.03 -0.72 5.45
C VAL A 33 5.19 -2.18 5.92
N ASP A 34 4.11 -2.76 6.39
CA ASP A 34 4.00 -4.19 6.73
C ASP A 34 3.86 -4.97 5.43
N ARG A 35 2.84 -4.57 4.63
CA ARG A 35 2.32 -5.35 3.52
C ARG A 35 1.66 -4.45 2.46
N LEU A 36 1.64 -4.93 1.22
CA LEU A 36 0.99 -4.28 0.07
C LEU A 36 -0.17 -5.16 -0.38
N GLU A 37 -1.39 -4.61 -0.33
CA GLU A 37 -2.61 -5.35 -0.68
C GLU A 37 -3.21 -4.79 -1.96
N VAL A 38 -3.09 -5.55 -3.07
CA VAL A 38 -3.59 -5.12 -4.37
C VAL A 38 -5.09 -5.43 -4.41
N VAL A 39 -5.93 -4.41 -4.14
CA VAL A 39 -7.36 -4.59 -3.97
C VAL A 39 -8.10 -4.33 -5.29
N ASN A 40 -8.86 -5.36 -5.75
CA ASN A 40 -9.73 -5.32 -6.95
C ASN A 40 -8.97 -5.01 -8.26
N LYS A 41 -7.62 -5.15 -8.22
CA LYS A 41 -6.69 -4.81 -9.33
C LYS A 41 -6.67 -3.28 -9.67
N ARG A 42 -7.51 -2.49 -8.98
CA ARG A 42 -7.73 -1.06 -9.29
C ARG A 42 -6.70 -0.21 -8.54
N PHE A 43 -6.31 -0.69 -7.35
CA PHE A 43 -5.42 0.04 -6.46
C PHE A 43 -4.67 -0.94 -5.55
N VAL A 44 -3.69 -0.40 -4.83
CA VAL A 44 -2.89 -1.13 -3.84
C VAL A 44 -2.92 -0.32 -2.54
N ARG A 45 -3.16 -1.00 -1.42
CA ARG A 45 -3.23 -0.37 -0.11
C ARG A 45 -1.89 -0.58 0.59
N VAL A 46 -1.36 0.52 1.10
CA VAL A 46 -0.17 0.53 1.94
C VAL A 46 -0.64 0.21 3.37
N THR A 47 -0.34 -1.01 3.81
CA THR A 47 -0.65 -1.47 5.17
C THR A 47 0.61 -1.23 6.00
N PHE A 48 0.46 -0.52 7.12
CA PHE A 48 1.59 -0.11 7.98
C PHE A 48 2.01 -1.23 8.92
N THR A 49 3.29 -1.25 9.33
CA THR A 49 3.82 -2.17 10.33
C THR A 49 3.15 -1.88 11.70
N PRO A 50 2.76 -2.93 12.52
CA PRO A 50 1.98 -2.78 13.80
C PRO A 50 2.33 -1.54 14.66
N GLY A 51 3.63 -1.36 14.96
CA GLY A 51 4.10 -0.23 15.77
C GLY A 51 4.27 1.06 14.96
N LYS A 52 4.51 0.91 13.65
CA LYS A 52 4.64 2.04 12.70
C LYS A 52 3.27 2.57 12.24
N THR A 53 2.17 1.89 12.63
CA THR A 53 0.80 2.31 12.30
C THR A 53 0.51 3.66 12.98
N PRO A 54 0.13 4.74 12.20
CA PRO A 54 -0.27 6.05 12.78
C PRO A 54 -1.32 5.92 13.89
N VAL A 55 -1.34 6.88 14.82
CA VAL A 55 -2.27 6.88 15.97
C VAL A 55 -3.75 6.90 15.49
N ASP A 56 -4.00 7.56 14.34
CA ASP A 56 -5.34 7.62 13.69
C ASP A 56 -5.57 6.43 12.73
N GLY A 57 -4.57 5.54 12.61
CA GLY A 57 -4.60 4.41 11.68
C GLY A 57 -4.18 4.84 10.28
N GLN A 58 -5.11 5.57 9.60
CA GLN A 58 -4.86 6.27 8.33
C GLN A 58 -4.13 5.40 7.28
N TYR A 59 -4.73 4.23 6.98
CA TYR A 59 -4.24 3.35 5.90
C TYR A 59 -4.40 4.06 4.56
N VAL A 60 -3.28 4.21 3.86
CA VAL A 60 -3.21 4.99 2.63
C VAL A 60 -3.12 4.05 1.42
N TRP A 61 -3.52 4.53 0.24
CA TRP A 61 -3.61 3.69 -0.97
C TRP A 61 -3.38 4.52 -2.24
N PHE A 62 -3.00 3.84 -3.33
CA PHE A 62 -2.70 4.49 -4.62
C PHE A 62 -3.24 3.62 -5.76
N ASN A 63 -3.83 4.28 -6.78
CA ASN A 63 -4.48 3.60 -7.92
C ASN A 63 -3.42 3.12 -8.92
N ILE A 64 -3.53 1.85 -9.34
CA ILE A 64 -2.69 1.26 -10.41
C ILE A 64 -3.54 1.01 -11.67
N GLY A 65 -2.96 1.23 -12.85
CA GLY A 65 -3.63 1.04 -14.13
C GLY A 65 -3.59 -0.42 -14.58
N SER A 66 -2.42 -1.04 -14.42
CA SER A 66 -2.19 -2.45 -14.71
C SER A 66 -1.46 -3.11 -13.53
N VAL A 67 -1.87 -4.35 -13.20
CA VAL A 67 -1.17 -5.18 -12.20
C VAL A 67 0.28 -5.43 -12.64
N ASP A 68 0.48 -5.70 -13.95
CA ASP A 68 1.84 -5.96 -14.53
C ASP A 68 2.79 -4.78 -14.28
N THR A 69 2.27 -3.55 -14.44
CA THR A 69 3.07 -2.34 -14.25
C THR A 69 3.47 -2.20 -12.76
N PHE A 70 2.50 -2.42 -11.84
CA PHE A 70 2.76 -2.37 -10.39
C PHE A 70 3.89 -3.36 -9.99
N GLU A 71 3.78 -4.61 -10.48
CA GLU A 71 4.71 -5.69 -10.12
C GLU A 71 6.15 -5.36 -10.58
N ARG A 72 6.30 -5.03 -11.87
CA ARG A 72 7.61 -4.78 -12.51
C ARG A 72 8.27 -3.52 -11.95
N ASN A 73 7.46 -2.48 -11.69
CA ASN A 73 7.94 -1.24 -11.05
C ASN A 73 8.36 -1.51 -9.61
N LEU A 74 7.64 -2.41 -8.93
CA LEU A 74 7.98 -2.84 -7.56
C LEU A 74 9.28 -3.68 -7.53
N GLU A 75 9.55 -4.44 -8.61
CA GLU A 75 10.82 -5.18 -8.77
C GLU A 75 12.00 -4.20 -8.84
N THR A 76 11.86 -3.22 -9.73
CA THR A 76 12.86 -2.18 -9.99
C THR A 76 13.08 -1.32 -8.72
N LEU A 77 11.96 -0.89 -8.14
CA LEU A 77 11.93 -0.04 -6.94
C LEU A 77 12.68 -0.67 -5.76
N GLN A 78 12.24 -1.88 -5.35
CA GLN A 78 12.77 -2.56 -4.17
C GLN A 78 14.27 -2.87 -4.33
N GLN A 79 14.71 -3.29 -5.54
CA GLN A 79 16.14 -3.62 -5.78
C GLN A 79 17.01 -2.35 -5.67
N GLU A 80 16.46 -1.18 -6.08
CA GLU A 80 17.15 0.12 -5.95
C GLU A 80 17.24 0.55 -4.48
N LEU A 81 16.15 0.30 -3.74
CA LEU A 81 16.09 0.58 -2.29
C LEU A 81 16.92 -0.46 -1.49
N GLY A 82 17.35 -1.56 -2.17
CA GLY A 82 18.11 -2.64 -1.52
C GLY A 82 17.21 -3.71 -0.90
N ILE A 83 15.89 -3.45 -0.88
CA ILE A 83 14.85 -4.34 -0.37
C ILE A 83 14.75 -5.58 -1.31
N GLU A 84 15.26 -6.74 -0.85
CA GLU A 84 15.35 -7.95 -1.69
C GLU A 84 15.27 -9.23 -0.85
N GLY A 85 14.92 -10.34 -1.51
CA GLY A 85 14.82 -11.66 -0.87
C GLY A 85 13.79 -11.71 0.23
N GLU A 86 14.23 -12.11 1.44
CA GLU A 86 13.38 -12.22 2.63
C GLU A 86 12.88 -10.83 3.10
N ASN A 87 13.60 -9.76 2.73
CA ASN A 87 13.29 -8.38 3.13
C ASN A 87 12.22 -7.74 2.23
N ARG A 88 11.79 -8.43 1.16
CA ARG A 88 10.72 -7.95 0.26
C ARG A 88 9.37 -7.85 0.99
N VAL A 89 8.60 -6.81 0.67
CA VAL A 89 7.32 -6.50 1.31
C VAL A 89 6.18 -7.34 0.66
N PRO A 90 5.43 -8.17 1.48
CA PRO A 90 4.44 -9.15 0.95
C PRO A 90 3.29 -8.51 0.13
N VAL A 91 3.00 -9.09 -1.04
CA VAL A 91 1.96 -8.61 -1.96
C VAL A 91 0.77 -9.60 -1.93
N VAL A 92 -0.43 -9.13 -1.54
CA VAL A 92 -1.63 -9.97 -1.32
C VAL A 92 -2.82 -9.35 -2.09
N TYR A 93 -3.41 -10.13 -3.01
CA TYR A 93 -4.55 -9.67 -3.81
C TYR A 93 -5.87 -9.87 -3.04
N ILE A 94 -6.56 -8.76 -2.74
CA ILE A 94 -7.80 -8.76 -1.95
C ILE A 94 -8.96 -8.30 -2.84
N ALA A 95 -10.06 -9.06 -2.89
CA ALA A 95 -11.25 -8.66 -3.64
C ALA A 95 -12.29 -8.08 -2.68
N GLU A 96 -12.20 -6.77 -2.38
CA GLU A 96 -13.17 -6.06 -1.54
C GLU A 96 -14.51 -6.03 -2.28
N SER A 97 -15.39 -6.96 -1.92
CA SER A 97 -16.70 -7.15 -2.54
C SER A 97 -17.69 -7.61 -1.46
N ASP A 98 -17.65 -6.91 -0.31
CA ASP A 98 -18.52 -7.21 0.86
C ASP A 98 -20.00 -7.08 0.47
N GLY A 99 -20.32 -6.03 -0.31
CA GLY A 99 -21.68 -5.76 -0.78
C GLY A 99 -21.89 -4.27 -1.06
N MET A 1 -7.06 -17.90 -3.05
CA MET A 1 -7.02 -18.92 -1.99
C MET A 1 -8.35 -18.90 -1.22
N GLY A 2 -8.92 -20.09 -0.97
CA GLY A 2 -10.28 -20.23 -0.44
C GLY A 2 -10.36 -20.38 1.07
N HIS A 3 -9.22 -20.73 1.71
CA HIS A 3 -9.17 -21.02 3.17
C HIS A 3 -9.43 -19.75 4.01
N HIS A 4 -8.88 -18.60 3.58
CA HIS A 4 -9.07 -17.29 4.26
C HIS A 4 -10.12 -16.44 3.54
N HIS A 5 -10.93 -17.06 2.65
CA HIS A 5 -12.00 -16.36 1.94
C HIS A 5 -13.26 -16.34 2.82
N HIS A 6 -13.20 -15.51 3.89
CA HIS A 6 -14.35 -15.29 4.80
C HIS A 6 -15.28 -14.22 4.19
N HIS A 7 -16.22 -14.66 3.34
CA HIS A 7 -17.11 -13.77 2.60
C HIS A 7 -18.44 -13.56 3.36
N HIS A 8 -18.49 -12.44 4.09
CA HIS A 8 -19.66 -11.99 4.87
C HIS A 8 -19.46 -10.52 5.24
N SER A 9 -18.18 -10.15 5.37
CA SER A 9 -17.74 -8.79 5.65
C SER A 9 -16.27 -8.64 5.16
N HIS A 10 -15.92 -7.43 4.76
CA HIS A 10 -14.59 -7.09 4.21
C HIS A 10 -14.18 -5.69 4.71
N MET A 11 -14.37 -5.46 6.03
CA MET A 11 -14.12 -4.15 6.67
C MET A 11 -12.64 -3.76 6.58
N LYS A 12 -12.31 -3.08 5.48
CA LYS A 12 -10.97 -2.58 5.17
C LYS A 12 -11.08 -1.07 4.94
N ARG A 13 -10.57 -0.28 5.88
CA ARG A 13 -10.66 1.18 5.83
C ARG A 13 -9.49 1.74 4.99
N SER A 14 -9.68 1.78 3.65
CA SER A 14 -8.78 2.46 2.73
C SER A 14 -9.10 3.97 2.79
N GLY A 15 -8.43 4.65 3.74
CA GLY A 15 -8.75 6.04 4.07
C GLY A 15 -8.39 7.03 2.98
N ARG A 16 -7.11 7.37 2.89
CA ARG A 16 -6.61 8.49 2.08
C ARG A 16 -5.69 7.99 0.94
N GLU A 17 -6.02 8.38 -0.31
CA GLU A 17 -5.23 8.00 -1.50
C GLU A 17 -4.06 9.00 -1.67
N ILE A 18 -2.85 8.46 -1.80
CA ILE A 18 -1.60 9.20 -2.02
C ILE A 18 -1.08 8.95 -3.45
N THR A 19 0.04 9.59 -3.77
CA THR A 19 0.76 9.40 -5.04
C THR A 19 1.78 8.25 -4.89
N TRP A 20 2.13 7.59 -6.02
CA TRP A 20 3.15 6.53 -6.05
C TRP A 20 4.50 7.07 -5.58
N LYS A 21 4.86 8.28 -6.07
CA LYS A 21 6.09 8.98 -5.68
C LYS A 21 6.20 9.11 -4.15
N ASP A 22 5.11 9.58 -3.50
CA ASP A 22 5.06 9.78 -2.05
C ASP A 22 5.07 8.42 -1.32
N PHE A 23 4.42 7.42 -1.93
CA PHE A 23 4.42 6.03 -1.42
C PHE A 23 5.86 5.52 -1.26
N VAL A 24 6.68 5.74 -2.29
CA VAL A 24 8.07 5.32 -2.31
C VAL A 24 8.87 6.00 -1.18
N ASN A 25 9.10 7.30 -1.33
CA ASN A 25 10.16 8.01 -0.58
C ASN A 25 9.76 8.23 0.89
N ASN A 26 8.45 8.40 1.14
CA ASN A 26 7.89 8.70 2.47
C ASN A 26 7.53 7.41 3.26
N TYR A 27 7.27 6.27 2.55
CA TYR A 27 6.76 5.04 3.22
C TYR A 27 7.64 3.79 2.95
N LEU A 28 7.69 3.32 1.68
CA LEU A 28 8.38 2.07 1.29
C LEU A 28 9.88 2.13 1.63
N SER A 29 10.51 3.24 1.22
CA SER A 29 11.93 3.52 1.47
C SER A 29 12.24 3.69 2.97
N LYS A 30 11.19 3.99 3.77
CA LYS A 30 11.31 4.17 5.23
C LYS A 30 10.92 2.89 5.98
N GLY A 31 10.55 1.83 5.23
CA GLY A 31 10.24 0.50 5.80
C GLY A 31 9.10 0.48 6.82
N VAL A 32 8.16 1.44 6.70
CA VAL A 32 6.97 1.52 7.59
C VAL A 32 5.78 0.74 7.01
N VAL A 33 6.01 0.07 5.86
CA VAL A 33 5.00 -0.73 5.16
C VAL A 33 5.20 -2.22 5.49
N ASP A 34 4.14 -2.88 5.97
CA ASP A 34 4.13 -4.31 6.33
C ASP A 34 3.87 -5.16 5.08
N ARG A 35 2.80 -4.80 4.36
CA ARG A 35 2.35 -5.53 3.16
C ARG A 35 1.58 -4.59 2.24
N LEU A 36 1.44 -4.99 0.97
CA LEU A 36 0.66 -4.26 -0.03
C LEU A 36 -0.53 -5.14 -0.45
N GLU A 37 -1.70 -4.79 0.09
CA GLU A 37 -2.95 -5.51 -0.19
C GLU A 37 -3.60 -4.92 -1.44
N VAL A 38 -3.43 -5.63 -2.56
CA VAL A 38 -3.86 -5.16 -3.88
C VAL A 38 -5.32 -5.59 -4.08
N VAL A 39 -6.24 -4.71 -3.65
CA VAL A 39 -7.67 -5.03 -3.62
C VAL A 39 -8.26 -4.84 -5.02
N ASN A 40 -8.95 -5.89 -5.47
CA ASN A 40 -9.63 -6.02 -6.75
C ASN A 40 -8.63 -5.87 -7.93
N LYS A 41 -7.32 -6.06 -7.63
CA LYS A 41 -6.16 -5.72 -8.50
C LYS A 41 -6.27 -4.35 -9.23
N ARG A 42 -7.15 -3.47 -8.74
CA ARG A 42 -7.42 -2.15 -9.33
C ARG A 42 -6.64 -1.09 -8.56
N PHE A 43 -6.44 -1.35 -7.25
CA PHE A 43 -5.72 -0.44 -6.35
C PHE A 43 -4.96 -1.24 -5.30
N VAL A 44 -3.89 -0.65 -4.82
CA VAL A 44 -3.00 -1.22 -3.81
C VAL A 44 -3.15 -0.42 -2.52
N ARG A 45 -3.41 -1.12 -1.42
CA ARG A 45 -3.55 -0.52 -0.10
C ARG A 45 -2.24 -0.73 0.65
N VAL A 46 -1.67 0.38 1.13
CA VAL A 46 -0.43 0.38 1.88
C VAL A 46 -0.78 0.06 3.33
N THR A 47 -0.46 -1.17 3.74
CA THR A 47 -0.71 -1.64 5.10
C THR A 47 0.55 -1.36 5.90
N PHE A 48 0.41 -0.66 7.03
CA PHE A 48 1.55 -0.26 7.86
C PHE A 48 1.96 -1.36 8.84
N THR A 49 3.27 -1.38 9.14
CA THR A 49 3.87 -2.24 10.17
C THR A 49 3.27 -1.91 11.56
N PRO A 50 2.78 -2.94 12.33
CA PRO A 50 2.28 -2.76 13.72
C PRO A 50 3.32 -2.07 14.63
N GLY A 51 2.96 -0.89 15.16
CA GLY A 51 3.85 -0.12 16.05
C GLY A 51 4.45 1.09 15.35
N LYS A 52 4.55 1.04 14.01
CA LYS A 52 5.01 2.16 13.16
C LYS A 52 3.88 2.59 12.21
N THR A 53 2.63 2.39 12.65
CA THR A 53 1.44 2.82 11.92
C THR A 53 1.12 4.30 12.27
N PRO A 54 1.28 5.27 11.32
CA PRO A 54 0.94 6.69 11.57
C PRO A 54 -0.60 6.88 11.71
N VAL A 55 -1.02 7.56 12.79
CA VAL A 55 -2.42 7.92 13.03
C VAL A 55 -2.85 9.06 12.06
N ASP A 56 -1.85 9.88 11.66
CA ASP A 56 -2.02 10.92 10.63
C ASP A 56 -2.15 10.27 9.23
N GLY A 57 -1.44 9.13 9.04
CA GLY A 57 -1.51 8.36 7.79
C GLY A 57 -2.77 7.50 7.72
N GLN A 58 -3.27 7.07 8.92
CA GLN A 58 -4.38 6.11 9.07
C GLN A 58 -4.07 4.83 8.27
N TYR A 59 -4.67 4.70 7.06
CA TYR A 59 -4.18 3.84 5.98
C TYR A 59 -4.17 4.66 4.69
N VAL A 60 -3.05 4.59 3.98
CA VAL A 60 -2.87 5.26 2.71
C VAL A 60 -2.91 4.19 1.60
N TRP A 61 -3.28 4.60 0.39
CA TRP A 61 -3.44 3.67 -0.74
C TRP A 61 -3.32 4.44 -2.07
N PHE A 62 -3.35 3.72 -3.19
CA PHE A 62 -3.25 4.34 -4.53
C PHE A 62 -3.85 3.39 -5.58
N ASN A 63 -4.46 3.97 -6.64
CA ASN A 63 -5.06 3.19 -7.72
C ASN A 63 -4.01 2.96 -8.83
N ILE A 64 -3.86 1.70 -9.26
CA ILE A 64 -2.85 1.30 -10.26
C ILE A 64 -3.48 1.10 -11.64
N GLY A 65 -4.61 0.37 -11.69
CA GLY A 65 -5.15 -0.13 -12.96
C GLY A 65 -4.28 -1.24 -13.53
N SER A 66 -3.20 -0.84 -14.25
CA SER A 66 -2.23 -1.78 -14.81
C SER A 66 -1.35 -2.36 -13.67
N VAL A 67 -1.76 -3.56 -13.23
CA VAL A 67 -1.07 -4.35 -12.19
C VAL A 67 0.39 -4.60 -12.60
N ASP A 68 0.60 -4.87 -13.91
CA ASP A 68 1.92 -5.17 -14.47
C ASP A 68 2.90 -4.02 -14.21
N THR A 69 2.42 -2.77 -14.39
CA THR A 69 3.22 -1.55 -14.17
C THR A 69 3.61 -1.45 -12.68
N PHE A 70 2.61 -1.67 -11.79
CA PHE A 70 2.85 -1.72 -10.32
C PHE A 70 3.98 -2.70 -9.96
N GLU A 71 3.88 -3.93 -10.49
CA GLU A 71 4.81 -5.03 -10.19
C GLU A 71 6.22 -4.69 -10.69
N ARG A 72 6.30 -4.18 -11.94
CA ARG A 72 7.57 -3.80 -12.59
C ARG A 72 8.30 -2.71 -11.78
N ASN A 73 7.57 -1.64 -11.41
CA ASN A 73 8.11 -0.50 -10.68
C ASN A 73 8.53 -0.93 -9.27
N LEU A 74 7.67 -1.74 -8.62
CA LEU A 74 7.91 -2.29 -7.27
C LEU A 74 9.23 -3.07 -7.23
N GLU A 75 9.42 -3.98 -8.19
CA GLU A 75 10.60 -4.85 -8.27
C GLU A 75 11.88 -4.06 -8.54
N THR A 76 11.85 -3.17 -9.55
CA THR A 76 13.01 -2.35 -9.95
C THR A 76 13.45 -1.45 -8.77
N LEU A 77 12.45 -0.85 -8.13
CA LEU A 77 12.59 -0.02 -6.92
C LEU A 77 13.25 -0.81 -5.77
N GLN A 78 12.67 -1.98 -5.45
CA GLN A 78 13.09 -2.79 -4.28
C GLN A 78 14.53 -3.30 -4.45
N GLN A 79 14.85 -3.82 -5.66
CA GLN A 79 16.20 -4.31 -6.01
C GLN A 79 17.24 -3.17 -5.90
N GLU A 80 16.82 -1.96 -6.31
CA GLU A 80 17.65 -0.74 -6.25
C GLU A 80 17.93 -0.34 -4.80
N LEU A 81 16.91 -0.46 -3.94
CA LEU A 81 16.99 -0.08 -2.51
C LEU A 81 17.50 -1.26 -1.65
N GLY A 82 17.81 -2.41 -2.30
CA GLY A 82 18.30 -3.59 -1.60
C GLY A 82 17.21 -4.41 -0.91
N ILE A 83 15.95 -3.90 -0.95
CA ILE A 83 14.76 -4.56 -0.36
C ILE A 83 14.43 -5.83 -1.17
N GLU A 84 14.53 -6.99 -0.51
CA GLU A 84 14.39 -8.30 -1.18
C GLU A 84 14.08 -9.39 -0.14
N GLY A 85 13.30 -10.40 -0.61
CA GLY A 85 13.03 -11.66 0.11
C GLY A 85 12.55 -11.48 1.54
N GLU A 86 13.50 -11.43 2.47
CA GLU A 86 13.26 -11.35 3.91
C GLU A 86 12.60 -10.01 4.27
N ASN A 87 13.12 -8.91 3.69
CA ASN A 87 12.66 -7.53 3.95
C ASN A 87 11.68 -7.04 2.87
N ARG A 88 11.42 -7.88 1.84
CA ARG A 88 10.54 -7.50 0.72
C ARG A 88 9.08 -7.43 1.19
N VAL A 89 8.40 -6.34 0.77
CA VAL A 89 7.00 -6.08 1.12
C VAL A 89 6.08 -7.07 0.32
N PRO A 90 5.39 -8.04 1.02
CA PRO A 90 4.53 -9.06 0.36
C PRO A 90 3.27 -8.47 -0.30
N VAL A 91 2.91 -9.02 -1.47
CA VAL A 91 1.81 -8.54 -2.32
C VAL A 91 0.62 -9.52 -2.20
N VAL A 92 -0.54 -9.00 -1.69
CA VAL A 92 -1.71 -9.83 -1.33
C VAL A 92 -2.94 -9.39 -2.17
N TYR A 93 -3.23 -10.13 -3.25
CA TYR A 93 -4.40 -9.86 -4.11
C TYR A 93 -5.69 -10.33 -3.43
N ILE A 94 -6.52 -9.38 -3.01
CA ILE A 94 -7.79 -9.63 -2.31
C ILE A 94 -8.95 -9.14 -3.20
N ALA A 95 -10.17 -9.71 -2.99
CA ALA A 95 -11.45 -9.24 -3.59
C ALA A 95 -11.58 -9.50 -5.10
N GLU A 96 -10.52 -9.96 -5.77
CA GLU A 96 -10.52 -10.20 -7.21
C GLU A 96 -10.48 -11.70 -7.54
N SER A 97 -10.46 -12.01 -8.84
CA SER A 97 -10.29 -13.37 -9.35
C SER A 97 -8.91 -13.50 -10.00
N ASP A 98 -8.21 -14.62 -9.71
CA ASP A 98 -6.87 -14.89 -10.27
C ASP A 98 -6.94 -15.11 -11.79
N GLY A 99 -8.05 -15.71 -12.26
CA GLY A 99 -8.26 -15.99 -13.68
C GLY A 99 -7.37 -17.14 -14.20
N MET A 1 -22.59 -15.99 7.34
CA MET A 1 -22.88 -15.09 8.48
C MET A 1 -24.39 -14.77 8.57
N GLY A 2 -25.21 -15.58 7.87
CA GLY A 2 -26.66 -15.42 7.87
C GLY A 2 -27.14 -14.43 6.81
N HIS A 3 -27.02 -13.13 7.12
CA HIS A 3 -27.45 -12.04 6.22
C HIS A 3 -26.33 -10.98 6.13
N HIS A 4 -26.60 -9.86 5.45
CA HIS A 4 -25.62 -8.75 5.27
C HIS A 4 -25.99 -7.51 6.11
N HIS A 5 -27.24 -7.46 6.60
CA HIS A 5 -27.81 -6.30 7.34
C HIS A 5 -26.99 -5.92 8.59
N HIS A 6 -26.36 -6.91 9.22
CA HIS A 6 -25.58 -6.74 10.46
C HIS A 6 -24.22 -6.04 10.25
N HIS A 7 -23.96 -5.51 9.03
CA HIS A 7 -22.73 -4.73 8.74
C HIS A 7 -22.77 -3.37 9.50
N HIS A 8 -22.32 -3.41 10.76
CA HIS A 8 -22.27 -2.22 11.63
C HIS A 8 -20.86 -1.63 11.61
N SER A 9 -19.89 -2.37 11.04
CA SER A 9 -18.56 -1.86 10.72
C SER A 9 -18.71 -0.93 9.51
N HIS A 10 -18.78 0.38 9.79
CA HIS A 10 -18.92 1.42 8.75
C HIS A 10 -17.59 1.61 8.00
N MET A 11 -17.53 2.59 7.10
CA MET A 11 -16.29 2.88 6.31
C MET A 11 -15.25 3.67 7.15
N LYS A 12 -15.16 3.35 8.47
CA LYS A 12 -14.14 3.88 9.37
C LYS A 12 -12.74 3.42 8.92
N ARG A 13 -12.65 2.15 8.46
CA ARG A 13 -11.45 1.66 7.75
C ARG A 13 -11.40 2.34 6.37
N SER A 14 -10.79 3.52 6.38
CA SER A 14 -10.56 4.34 5.20
C SER A 14 -9.04 4.43 4.99
N GLY A 15 -8.59 5.35 4.15
CA GLY A 15 -7.17 5.60 3.96
C GLY A 15 -6.92 6.88 3.22
N ARG A 16 -5.69 7.36 3.26
CA ARG A 16 -5.26 8.54 2.49
C ARG A 16 -4.82 8.09 1.10
N GLU A 17 -5.43 8.68 0.06
CA GLU A 17 -5.03 8.42 -1.32
C GLU A 17 -3.70 9.16 -1.59
N ILE A 18 -2.64 8.38 -1.73
CA ILE A 18 -1.29 8.85 -2.02
C ILE A 18 -0.95 8.51 -3.49
N THR A 19 0.21 8.96 -3.97
CA THR A 19 0.75 8.54 -5.27
C THR A 19 1.77 7.40 -5.07
N TRP A 20 2.16 6.73 -6.17
CA TRP A 20 3.29 5.79 -6.17
C TRP A 20 4.58 6.50 -5.68
N LYS A 21 4.81 7.75 -6.14
CA LYS A 21 6.01 8.53 -5.75
C LYS A 21 6.05 8.77 -4.24
N ASP A 22 4.93 9.24 -3.66
CA ASP A 22 4.81 9.53 -2.22
C ASP A 22 4.94 8.24 -1.40
N PHE A 23 4.33 7.17 -1.95
CA PHE A 23 4.45 5.80 -1.40
C PHE A 23 5.93 5.41 -1.23
N VAL A 24 6.71 5.55 -2.32
CA VAL A 24 8.12 5.18 -2.33
C VAL A 24 8.91 5.99 -1.29
N ASN A 25 8.68 7.31 -1.29
CA ASN A 25 9.45 8.25 -0.46
C ASN A 25 9.18 8.06 1.04
N ASN A 26 7.92 8.13 1.46
CA ASN A 26 7.55 8.15 2.89
C ASN A 26 7.44 6.74 3.48
N TYR A 27 7.10 5.73 2.65
CA TYR A 27 6.67 4.41 3.15
C TYR A 27 7.64 3.27 2.74
N LEU A 28 7.67 2.98 1.43
CA LEU A 28 8.37 1.80 0.85
C LEU A 28 9.89 1.81 1.13
N SER A 29 10.54 2.98 0.94
CA SER A 29 12.01 3.12 1.12
C SER A 29 12.45 2.88 2.58
N LYS A 30 11.50 3.02 3.53
CA LYS A 30 11.75 2.86 4.97
C LYS A 30 11.31 1.47 5.45
N GLY A 31 10.63 0.73 4.56
CA GLY A 31 10.00 -0.56 4.88
C GLY A 31 8.99 -0.50 6.01
N VAL A 32 8.18 0.59 6.07
CA VAL A 32 7.09 0.70 7.04
C VAL A 32 5.86 -0.09 6.56
N VAL A 33 5.97 -0.66 5.34
CA VAL A 33 4.88 -1.36 4.67
C VAL A 33 5.06 -2.88 4.85
N ASP A 34 4.00 -3.54 5.33
CA ASP A 34 3.97 -4.98 5.65
C ASP A 34 3.63 -5.79 4.41
N ARG A 35 2.56 -5.36 3.71
CA ARG A 35 2.06 -6.00 2.49
C ARG A 35 1.23 -4.99 1.67
N LEU A 36 1.25 -5.16 0.35
CA LEU A 36 0.53 -4.31 -0.59
C LEU A 36 -0.65 -5.10 -1.15
N GLU A 37 -1.84 -4.80 -0.62
CA GLU A 37 -3.06 -5.55 -0.91
C GLU A 37 -3.81 -4.89 -2.06
N VAL A 38 -3.75 -5.52 -3.23
CA VAL A 38 -4.34 -4.98 -4.45
C VAL A 38 -5.84 -5.31 -4.43
N VAL A 39 -6.67 -4.31 -4.09
CA VAL A 39 -8.10 -4.49 -3.88
C VAL A 39 -8.86 -4.28 -5.21
N ASN A 40 -9.47 -5.38 -5.70
CA ASN A 40 -10.25 -5.43 -6.97
C ASN A 40 -9.45 -5.03 -8.21
N LYS A 41 -8.11 -5.03 -8.09
CA LYS A 41 -7.17 -4.51 -9.11
C LYS A 41 -7.37 -3.01 -9.42
N ARG A 42 -8.21 -2.33 -8.63
CA ARG A 42 -8.56 -0.91 -8.82
C ARG A 42 -7.45 -0.04 -8.19
N PHE A 43 -6.96 -0.49 -7.05
CA PHE A 43 -5.96 0.22 -6.26
C PHE A 43 -5.19 -0.78 -5.40
N VAL A 44 -4.17 -0.27 -4.71
CA VAL A 44 -3.32 -1.05 -3.82
C VAL A 44 -3.35 -0.40 -2.44
N ARG A 45 -3.56 -1.21 -1.40
CA ARG A 45 -3.68 -0.72 -0.03
C ARG A 45 -2.38 -1.02 0.73
N VAL A 46 -1.84 0.02 1.33
CA VAL A 46 -0.61 -0.03 2.10
C VAL A 46 -0.95 -0.49 3.52
N THR A 47 -0.51 -1.71 3.86
CA THR A 47 -0.55 -2.24 5.22
C THR A 47 0.79 -1.85 5.87
N PHE A 48 0.77 -1.49 7.16
CA PHE A 48 2.01 -1.18 7.91
C PHE A 48 2.51 -2.36 8.75
N THR A 49 3.85 -2.42 8.94
CA THR A 49 4.53 -3.47 9.71
C THR A 49 4.25 -3.32 11.22
N PRO A 50 4.06 -4.45 11.97
CA PRO A 50 4.02 -4.46 13.46
C PRO A 50 5.38 -4.04 14.08
N GLY A 51 5.68 -2.74 14.01
CA GLY A 51 6.96 -2.17 14.43
C GLY A 51 7.19 -0.80 13.81
N LYS A 52 6.80 -0.64 12.52
CA LYS A 52 6.89 0.64 11.80
C LYS A 52 5.49 0.99 11.27
N THR A 53 4.71 1.66 12.11
CA THR A 53 3.37 2.19 11.77
C THR A 53 3.25 3.62 12.29
N PRO A 54 2.74 4.59 11.46
CA PRO A 54 2.28 5.90 11.95
C PRO A 54 1.18 5.71 13.02
N VAL A 55 1.60 5.80 14.30
CA VAL A 55 0.74 5.55 15.48
C VAL A 55 -0.36 6.64 15.60
N ASP A 56 -0.03 7.87 15.17
CA ASP A 56 -0.99 8.99 15.07
C ASP A 56 -1.86 8.84 13.80
N GLY A 57 -1.26 8.24 12.75
CA GLY A 57 -1.90 8.11 11.44
C GLY A 57 -2.73 6.86 11.27
N GLN A 58 -3.17 6.64 10.03
CA GLN A 58 -3.98 5.47 9.62
C GLN A 58 -3.41 4.88 8.33
N TYR A 59 -4.13 3.91 7.75
CA TYR A 59 -3.75 3.28 6.49
C TYR A 59 -3.79 4.28 5.33
N VAL A 60 -3.00 3.98 4.30
CA VAL A 60 -2.94 4.76 3.07
C VAL A 60 -3.05 3.79 1.88
N TRP A 61 -3.22 4.33 0.66
CA TRP A 61 -3.46 3.53 -0.56
C TRP A 61 -3.29 4.39 -1.80
N PHE A 62 -3.06 3.76 -2.96
CA PHE A 62 -2.84 4.46 -4.23
C PHE A 62 -3.47 3.67 -5.40
N ASN A 63 -4.10 4.39 -6.34
CA ASN A 63 -4.79 3.79 -7.51
C ASN A 63 -3.77 3.35 -8.56
N ILE A 64 -4.08 2.25 -9.28
CA ILE A 64 -3.21 1.69 -10.32
C ILE A 64 -4.02 1.43 -11.60
N GLY A 65 -3.42 1.74 -12.76
CA GLY A 65 -3.99 1.41 -14.06
C GLY A 65 -3.81 -0.07 -14.37
N SER A 66 -2.59 -0.57 -14.10
CA SER A 66 -2.22 -1.99 -14.26
C SER A 66 -1.53 -2.51 -13.01
N VAL A 67 -2.01 -3.67 -12.51
CA VAL A 67 -1.38 -4.42 -11.41
C VAL A 67 0.00 -4.94 -11.84
N ASP A 68 0.09 -5.37 -13.12
CA ASP A 68 1.34 -5.87 -13.69
C ASP A 68 2.38 -4.74 -13.68
N THR A 69 2.05 -3.59 -14.30
CA THR A 69 2.95 -2.41 -14.36
C THR A 69 3.40 -1.98 -12.94
N PHE A 70 2.42 -1.90 -12.00
CA PHE A 70 2.66 -1.62 -10.57
C PHE A 70 3.81 -2.47 -9.99
N GLU A 71 3.70 -3.81 -10.11
CA GLU A 71 4.65 -4.76 -9.49
C GLU A 71 5.99 -4.76 -10.21
N ARG A 72 6.01 -4.47 -11.53
CA ARG A 72 7.27 -4.38 -12.30
C ARG A 72 8.15 -3.29 -11.69
N ASN A 73 7.52 -2.13 -11.40
CA ASN A 73 8.20 -0.98 -10.79
C ASN A 73 8.61 -1.30 -9.36
N LEU A 74 7.75 -2.03 -8.62
CA LEU A 74 8.03 -2.46 -7.25
C LEU A 74 9.34 -3.28 -7.17
N GLU A 75 9.40 -4.38 -7.96
CA GLU A 75 10.53 -5.33 -7.97
C GLU A 75 11.87 -4.66 -8.37
N THR A 76 11.85 -3.86 -9.45
CA THR A 76 13.05 -3.15 -9.96
C THR A 76 13.57 -2.16 -8.89
N LEU A 77 12.62 -1.38 -8.37
CA LEU A 77 12.86 -0.41 -7.28
C LEU A 77 13.43 -1.08 -6.02
N GLN A 78 12.93 -2.27 -5.72
CA GLN A 78 13.43 -3.10 -4.60
C GLN A 78 14.90 -3.51 -4.84
N GLN A 79 15.23 -3.83 -6.10
CA GLN A 79 16.62 -4.16 -6.51
C GLN A 79 17.53 -2.92 -6.42
N GLU A 80 16.93 -1.72 -6.61
CA GLU A 80 17.62 -0.42 -6.43
C GLU A 80 17.88 -0.16 -4.93
N LEU A 81 16.84 -0.35 -4.10
CA LEU A 81 16.86 -0.07 -2.66
C LEU A 81 17.80 -1.05 -1.91
N GLY A 82 18.12 -2.20 -2.55
CA GLY A 82 18.97 -3.23 -1.95
C GLY A 82 18.35 -3.83 -0.70
N ILE A 83 17.00 -3.88 -0.70
CA ILE A 83 16.21 -4.36 0.44
C ILE A 83 16.44 -5.85 0.75
N GLU A 84 16.04 -6.22 1.95
CA GLU A 84 15.79 -7.60 2.34
C GLU A 84 14.31 -7.68 2.76
N GLY A 85 13.77 -8.90 2.95
CA GLY A 85 12.36 -9.15 3.29
C GLY A 85 11.73 -8.26 4.38
N GLU A 86 12.56 -7.72 5.30
CA GLU A 86 12.08 -6.82 6.38
C GLU A 86 11.50 -5.51 5.80
N ASN A 87 12.22 -4.89 4.86
CA ASN A 87 11.84 -3.60 4.23
C ASN A 87 11.21 -3.83 2.83
N ARG A 88 11.36 -5.07 2.32
CA ARG A 88 10.76 -5.51 1.06
C ARG A 88 9.32 -5.97 1.32
N VAL A 89 8.41 -5.65 0.39
CA VAL A 89 6.96 -5.77 0.61
C VAL A 89 6.32 -6.79 -0.36
N PRO A 90 5.67 -7.87 0.18
CA PRO A 90 4.90 -8.84 -0.64
C PRO A 90 3.54 -8.25 -1.12
N VAL A 91 3.03 -8.78 -2.24
CA VAL A 91 1.77 -8.31 -2.87
C VAL A 91 0.66 -9.35 -2.64
N VAL A 92 -0.48 -8.91 -2.06
CA VAL A 92 -1.63 -9.79 -1.79
C VAL A 92 -2.81 -9.36 -2.67
N TYR A 93 -3.19 -10.21 -3.62
CA TYR A 93 -4.28 -9.94 -4.57
C TYR A 93 -5.61 -10.26 -3.89
N ILE A 94 -6.39 -9.23 -3.56
CA ILE A 94 -7.66 -9.35 -2.83
C ILE A 94 -8.79 -8.82 -3.72
N ALA A 95 -9.88 -9.58 -3.81
CA ALA A 95 -11.11 -9.15 -4.48
C ALA A 95 -12.16 -8.86 -3.40
N GLU A 96 -12.62 -7.60 -3.31
CA GLU A 96 -13.65 -7.20 -2.35
C GLU A 96 -15.04 -7.41 -2.95
N SER A 97 -16.01 -7.80 -2.10
CA SER A 97 -17.39 -8.03 -2.51
C SER A 97 -18.17 -6.70 -2.53
N ASP A 98 -18.12 -6.02 -3.68
CA ASP A 98 -18.91 -4.81 -3.95
C ASP A 98 -20.27 -5.19 -4.54
N GLY A 99 -20.27 -6.26 -5.36
CA GLY A 99 -21.47 -6.80 -6.00
C GLY A 99 -21.88 -8.14 -5.40
N MET A 1 -13.50 -14.69 9.44
CA MET A 1 -13.24 -13.97 10.72
C MET A 1 -12.78 -12.51 10.46
N GLY A 2 -12.97 -12.01 9.22
CA GLY A 2 -12.57 -10.65 8.82
C GLY A 2 -11.52 -10.65 7.72
N HIS A 3 -11.18 -9.44 7.21
CA HIS A 3 -10.17 -9.25 6.16
C HIS A 3 -9.54 -7.85 6.32
N HIS A 4 -8.18 -7.79 6.39
CA HIS A 4 -7.39 -6.58 6.76
C HIS A 4 -7.51 -6.30 8.28
N HIS A 5 -8.77 -6.25 8.77
CA HIS A 5 -9.11 -6.30 10.21
C HIS A 5 -10.19 -7.36 10.44
N HIS A 6 -10.36 -7.74 11.71
CA HIS A 6 -11.28 -8.83 12.12
C HIS A 6 -12.73 -8.36 12.24
N HIS A 7 -13.66 -9.35 12.34
CA HIS A 7 -15.13 -9.12 12.37
C HIS A 7 -15.57 -8.41 11.07
N HIS A 8 -16.63 -7.58 11.14
CA HIS A 8 -16.91 -6.59 10.09
C HIS A 8 -15.76 -5.56 10.13
N SER A 9 -14.93 -5.56 9.08
CA SER A 9 -13.74 -4.73 8.99
C SER A 9 -14.12 -3.24 8.92
N HIS A 10 -14.19 -2.59 10.09
CA HIS A 10 -14.43 -1.16 10.23
C HIS A 10 -13.34 -0.41 9.45
N MET A 11 -13.75 0.61 8.69
CA MET A 11 -12.88 1.40 7.81
C MET A 11 -12.11 2.48 8.60
N LYS A 12 -11.42 2.00 9.66
CA LYS A 12 -10.53 2.83 10.48
C LYS A 12 -9.18 2.93 9.75
N ARG A 13 -8.91 4.13 9.23
CA ARG A 13 -7.83 4.35 8.26
C ARG A 13 -7.58 5.86 8.11
N SER A 14 -6.58 6.22 7.30
CA SER A 14 -6.41 7.58 6.81
C SER A 14 -7.25 7.73 5.53
N GLY A 15 -7.23 6.66 4.70
CA GLY A 15 -7.99 6.59 3.47
C GLY A 15 -7.66 7.72 2.52
N ARG A 16 -6.39 7.81 2.15
CA ARG A 16 -5.87 8.86 1.28
C ARG A 16 -5.22 8.22 0.07
N GLU A 17 -5.69 8.59 -1.14
CA GLU A 17 -5.04 8.17 -2.38
C GLU A 17 -3.80 9.07 -2.54
N ILE A 18 -2.63 8.48 -2.33
CA ILE A 18 -1.34 9.18 -2.38
C ILE A 18 -0.72 9.02 -3.76
N THR A 19 0.35 9.76 -4.04
CA THR A 19 1.13 9.62 -5.25
C THR A 19 2.17 8.50 -5.03
N TRP A 20 2.53 7.79 -6.12
CA TRP A 20 3.53 6.72 -6.11
C TRP A 20 4.86 7.19 -5.46
N LYS A 21 5.30 8.42 -5.80
CA LYS A 21 6.56 8.98 -5.26
C LYS A 21 6.51 9.12 -3.73
N ASP A 22 5.33 9.46 -3.17
CA ASP A 22 5.15 9.57 -1.71
C ASP A 22 5.20 8.18 -1.08
N PHE A 23 4.57 7.20 -1.76
CA PHE A 23 4.61 5.80 -1.34
C PHE A 23 6.07 5.30 -1.22
N VAL A 24 6.90 5.68 -2.19
CA VAL A 24 8.31 5.30 -2.24
C VAL A 24 9.10 5.96 -1.09
N ASN A 25 9.21 7.30 -1.15
CA ASN A 25 10.16 8.05 -0.30
C ASN A 25 9.74 8.05 1.18
N ASN A 26 8.44 8.30 1.40
CA ASN A 26 7.87 8.53 2.74
C ASN A 26 7.63 7.20 3.49
N TYR A 27 7.36 6.10 2.75
CA TYR A 27 6.88 4.83 3.36
C TYR A 27 7.83 3.65 3.10
N LEU A 28 7.93 3.25 1.81
CA LEU A 28 8.65 2.04 1.37
C LEU A 28 10.15 2.11 1.75
N SER A 29 10.76 3.29 1.52
CA SER A 29 12.17 3.56 1.82
C SER A 29 12.43 3.72 3.34
N LYS A 30 11.36 3.93 4.13
CA LYS A 30 11.45 4.02 5.61
C LYS A 30 11.13 2.65 6.26
N GLY A 31 10.74 1.66 5.42
CA GLY A 31 10.44 0.30 5.87
C GLY A 31 9.30 0.20 6.88
N VAL A 32 8.26 1.05 6.71
CA VAL A 32 7.10 1.10 7.64
C VAL A 32 5.89 0.32 7.11
N VAL A 33 6.04 -0.32 5.93
CA VAL A 33 4.94 -1.01 5.23
C VAL A 33 5.01 -2.53 5.49
N ASP A 34 3.89 -3.10 5.97
CA ASP A 34 3.78 -4.52 6.34
C ASP A 34 3.46 -5.39 5.11
N ARG A 35 2.47 -4.95 4.31
CA ARG A 35 2.04 -5.66 3.09
C ARG A 35 1.36 -4.70 2.12
N LEU A 36 1.30 -5.09 0.85
CA LEU A 36 0.61 -4.35 -0.21
C LEU A 36 -0.53 -5.19 -0.77
N GLU A 37 -1.75 -4.84 -0.36
CA GLU A 37 -2.97 -5.55 -0.73
C GLU A 37 -3.52 -4.98 -2.03
N VAL A 38 -3.48 -5.76 -3.10
CA VAL A 38 -4.03 -5.33 -4.39
C VAL A 38 -5.52 -5.65 -4.34
N VAL A 39 -6.37 -4.64 -4.07
CA VAL A 39 -7.81 -4.84 -3.82
C VAL A 39 -8.59 -4.73 -5.14
N ASN A 40 -9.20 -5.86 -5.56
CA ASN A 40 -9.99 -6.01 -6.82
C ASN A 40 -9.22 -5.54 -8.06
N LYS A 41 -7.87 -5.62 -7.98
CA LYS A 41 -6.90 -5.21 -9.05
C LYS A 41 -6.97 -3.70 -9.42
N ARG A 42 -7.87 -2.95 -8.77
CA ARG A 42 -8.16 -1.55 -9.14
C ARG A 42 -7.12 -0.60 -8.54
N PHE A 43 -6.63 -0.96 -7.34
CA PHE A 43 -5.65 -0.16 -6.60
C PHE A 43 -4.92 -1.08 -5.61
N VAL A 44 -3.99 -0.48 -4.87
CA VAL A 44 -3.22 -1.15 -3.82
C VAL A 44 -3.33 -0.35 -2.52
N ARG A 45 -3.69 -1.05 -1.44
CA ARG A 45 -3.84 -0.49 -0.11
C ARG A 45 -2.59 -0.83 0.70
N VAL A 46 -2.01 0.20 1.29
CA VAL A 46 -0.77 0.12 2.04
C VAL A 46 -1.11 -0.20 3.51
N THR A 47 -0.77 -1.43 3.95
CA THR A 47 -0.87 -1.82 5.36
C THR A 47 0.46 -1.44 6.02
N PHE A 48 0.38 -0.83 7.20
CA PHE A 48 1.57 -0.42 7.97
C PHE A 48 1.81 -1.37 9.15
N THR A 49 3.08 -1.44 9.57
CA THR A 49 3.52 -2.30 10.68
C THR A 49 3.09 -1.68 12.04
N PRO A 50 2.22 -2.40 12.85
CA PRO A 50 1.77 -1.91 14.18
C PRO A 50 2.96 -1.64 15.12
N GLY A 51 3.28 -0.35 15.28
CA GLY A 51 4.47 0.10 16.01
C GLY A 51 5.12 1.24 15.26
N LYS A 52 5.36 1.01 13.95
CA LYS A 52 5.94 2.00 13.03
C LYS A 52 4.88 2.52 12.04
N THR A 53 3.59 2.38 12.42
CA THR A 53 2.48 3.01 11.69
C THR A 53 2.50 4.53 11.98
N PRO A 54 2.65 5.43 10.95
CA PRO A 54 2.67 6.90 11.16
C PRO A 54 1.35 7.42 11.77
N VAL A 55 1.48 8.37 12.73
CA VAL A 55 0.32 9.08 13.33
C VAL A 55 -0.40 9.87 12.22
N ASP A 56 0.39 10.54 11.39
CA ASP A 56 -0.08 11.21 10.16
C ASP A 56 0.30 10.31 8.96
N GLY A 57 -0.54 9.31 8.70
CA GLY A 57 -0.38 8.38 7.58
C GLY A 57 -0.63 6.95 8.03
N GLN A 58 -1.74 6.76 8.77
CA GLN A 58 -2.08 5.49 9.46
C GLN A 58 -2.30 4.34 8.46
N TYR A 59 -3.28 4.49 7.57
CA TYR A 59 -3.52 3.55 6.45
C TYR A 59 -3.78 4.37 5.18
N VAL A 60 -2.95 4.22 4.15
CA VAL A 60 -3.14 4.92 2.87
C VAL A 60 -3.32 3.90 1.74
N TRP A 61 -3.50 4.40 0.52
CA TRP A 61 -3.67 3.58 -0.70
C TRP A 61 -3.33 4.43 -1.94
N PHE A 62 -3.14 3.77 -3.09
CA PHE A 62 -2.82 4.48 -4.36
C PHE A 62 -3.31 3.68 -5.58
N ASN A 63 -3.61 4.41 -6.66
CA ASN A 63 -4.03 3.85 -7.96
C ASN A 63 -2.81 3.30 -8.73
N ILE A 64 -3.04 2.26 -9.55
CA ILE A 64 -1.94 1.54 -10.26
C ILE A 64 -2.21 1.44 -11.77
N GLY A 65 -3.49 1.46 -12.16
CA GLY A 65 -3.90 1.35 -13.56
C GLY A 65 -3.83 -0.10 -14.03
N SER A 66 -2.60 -0.55 -14.33
CA SER A 66 -2.30 -1.94 -14.66
C SER A 66 -1.56 -2.58 -13.47
N VAL A 67 -2.01 -3.78 -13.07
CA VAL A 67 -1.34 -4.60 -12.04
C VAL A 67 0.08 -5.00 -12.50
N ASP A 68 0.25 -5.19 -13.83
CA ASP A 68 1.56 -5.49 -14.46
C ASP A 68 2.53 -4.31 -14.25
N THR A 69 2.00 -3.08 -14.34
CA THR A 69 2.77 -1.85 -14.08
C THR A 69 3.23 -1.82 -12.62
N PHE A 70 2.27 -2.03 -11.68
CA PHE A 70 2.54 -2.04 -10.23
C PHE A 70 3.66 -3.03 -9.87
N GLU A 71 3.48 -4.32 -10.22
CA GLU A 71 4.38 -5.40 -9.78
C GLU A 71 5.80 -5.19 -10.33
N ARG A 72 5.93 -4.89 -11.66
CA ARG A 72 7.24 -4.75 -12.31
C ARG A 72 8.01 -3.54 -11.73
N ASN A 73 7.32 -2.39 -11.62
CA ASN A 73 7.91 -1.12 -11.16
C ASN A 73 8.34 -1.24 -9.70
N LEU A 74 7.45 -1.85 -8.89
CA LEU A 74 7.67 -2.09 -7.46
C LEU A 74 8.93 -2.93 -7.21
N GLU A 75 9.01 -4.12 -7.85
CA GLU A 75 10.08 -5.11 -7.60
C GLU A 75 11.46 -4.61 -8.05
N THR A 76 11.48 -3.84 -9.17
CA THR A 76 12.70 -3.19 -9.68
C THR A 76 13.17 -2.13 -8.67
N LEU A 77 12.19 -1.32 -8.23
CA LEU A 77 12.35 -0.27 -7.21
C LEU A 77 12.86 -0.85 -5.88
N GLN A 78 12.35 -2.02 -5.48
CA GLN A 78 12.76 -2.72 -4.24
C GLN A 78 14.24 -3.13 -4.34
N GLN A 79 14.61 -3.72 -5.49
CA GLN A 79 15.98 -4.16 -5.75
C GLN A 79 16.96 -2.95 -5.82
N GLU A 80 16.43 -1.81 -6.28
CA GLU A 80 17.16 -0.55 -6.39
C GLU A 80 17.43 0.04 -4.98
N LEU A 81 16.37 0.20 -4.18
CA LEU A 81 16.42 0.88 -2.87
C LEU A 81 17.00 -0.03 -1.78
N GLY A 82 17.17 -1.33 -2.09
CA GLY A 82 17.75 -2.31 -1.15
C GLY A 82 16.72 -3.07 -0.32
N ILE A 83 15.44 -2.94 -0.68
CA ILE A 83 14.37 -3.79 -0.14
C ILE A 83 14.43 -5.12 -0.95
N GLU A 84 15.20 -6.10 -0.45
CA GLU A 84 15.49 -7.35 -1.22
C GLU A 84 15.24 -8.61 -0.38
N GLY A 85 14.72 -9.65 -1.05
CA GLY A 85 14.48 -10.97 -0.47
C GLY A 85 13.54 -10.96 0.72
N GLU A 86 14.14 -11.01 1.92
CA GLU A 86 13.42 -11.10 3.19
C GLU A 86 12.89 -9.71 3.61
N ASN A 87 13.57 -8.65 3.17
CA ASN A 87 13.20 -7.25 3.49
C ASN A 87 11.99 -6.79 2.64
N ARG A 88 11.60 -7.60 1.64
CA ARG A 88 10.53 -7.24 0.69
C ARG A 88 9.14 -7.22 1.34
N VAL A 89 8.28 -6.37 0.77
CA VAL A 89 6.91 -6.15 1.25
C VAL A 89 5.96 -7.12 0.52
N PRO A 90 5.41 -8.17 1.20
CA PRO A 90 4.56 -9.21 0.56
C PRO A 90 3.33 -8.58 -0.14
N VAL A 91 3.18 -8.88 -1.43
CA VAL A 91 2.13 -8.32 -2.27
C VAL A 91 0.99 -9.35 -2.29
N VAL A 92 -0.11 -9.01 -1.61
CA VAL A 92 -1.21 -9.93 -1.38
C VAL A 92 -2.37 -9.51 -2.28
N TYR A 93 -2.49 -10.19 -3.42
CA TYR A 93 -3.57 -9.96 -4.38
C TYR A 93 -4.88 -10.49 -3.78
N ILE A 94 -5.77 -9.57 -3.37
CA ILE A 94 -7.03 -9.89 -2.67
C ILE A 94 -8.23 -9.41 -3.51
N ALA A 95 -9.32 -10.19 -3.47
CA ALA A 95 -10.62 -9.81 -4.03
C ALA A 95 -11.56 -9.56 -2.83
N GLU A 96 -11.79 -8.27 -2.53
CA GLU A 96 -12.63 -7.82 -1.40
C GLU A 96 -14.12 -8.09 -1.68
N SER A 97 -14.56 -7.70 -2.90
CA SER A 97 -15.99 -7.79 -3.29
C SER A 97 -16.15 -8.15 -4.77
N ASP A 98 -15.10 -8.75 -5.36
CA ASP A 98 -15.08 -9.13 -6.79
C ASP A 98 -15.97 -10.38 -7.01
N GLY A 99 -15.92 -11.30 -6.04
CA GLY A 99 -16.70 -12.55 -6.07
C GLY A 99 -17.97 -12.44 -5.23
N MET A 1 1.49 21.21 -15.29
CA MET A 1 1.61 19.76 -15.00
C MET A 1 2.64 19.54 -13.87
N GLY A 2 2.16 19.03 -12.73
CA GLY A 2 3.01 18.82 -11.55
C GLY A 2 3.48 20.12 -10.89
N HIS A 3 4.63 20.04 -10.18
CA HIS A 3 5.31 21.18 -9.51
C HIS A 3 4.60 21.64 -8.20
N HIS A 4 3.32 21.26 -8.04
CA HIS A 4 2.53 21.57 -6.84
C HIS A 4 2.92 20.62 -5.71
N HIS A 5 3.75 21.09 -4.78
CA HIS A 5 4.20 20.33 -3.61
C HIS A 5 3.08 20.28 -2.54
N HIS A 6 2.09 19.43 -2.82
CA HIS A 6 0.93 19.22 -1.94
C HIS A 6 1.21 18.02 -1.02
N HIS A 7 1.09 18.23 0.30
CA HIS A 7 1.37 17.20 1.30
C HIS A 7 0.06 16.79 1.97
N HIS A 8 -0.10 15.48 2.23
CA HIS A 8 -1.29 14.93 2.91
C HIS A 8 -1.25 15.29 4.40
N SER A 9 -1.61 16.54 4.69
CA SER A 9 -1.66 17.08 6.06
C SER A 9 -2.91 17.99 6.21
N HIS A 10 -3.66 18.16 5.10
CA HIS A 10 -4.96 18.84 5.08
C HIS A 10 -6.06 17.79 5.27
N MET A 11 -7.16 18.20 5.94
CA MET A 11 -8.28 17.30 6.33
C MET A 11 -7.79 16.29 7.39
N LYS A 12 -8.60 15.25 7.66
CA LYS A 12 -8.21 14.16 8.58
C LYS A 12 -7.34 13.14 7.84
N ARG A 13 -6.10 12.92 8.32
CA ARG A 13 -5.25 11.84 7.82
C ARG A 13 -5.73 10.48 8.39
N SER A 14 -6.71 9.89 7.73
CA SER A 14 -7.21 8.55 8.06
C SER A 14 -7.01 7.64 6.84
N GLY A 15 -7.92 7.75 5.85
CA GLY A 15 -7.76 7.10 4.56
C GLY A 15 -7.30 8.09 3.52
N ARG A 16 -5.99 8.10 3.24
CA ARG A 16 -5.38 9.12 2.36
C ARG A 16 -4.97 8.51 1.02
N GLU A 17 -5.60 9.00 -0.07
CA GLU A 17 -5.26 8.59 -1.42
C GLU A 17 -3.94 9.25 -1.83
N ILE A 18 -2.88 8.45 -1.90
CA ILE A 18 -1.55 8.87 -2.32
C ILE A 18 -1.32 8.48 -3.78
N THR A 19 -0.21 8.93 -4.37
CA THR A 19 0.26 8.40 -5.66
C THR A 19 1.40 7.41 -5.42
N TRP A 20 1.90 6.82 -6.51
CA TRP A 20 3.07 5.95 -6.49
C TRP A 20 4.30 6.71 -5.93
N LYS A 21 4.39 8.02 -6.24
CA LYS A 21 5.48 8.90 -5.78
C LYS A 21 5.55 9.00 -4.25
N ASP A 22 4.38 9.22 -3.60
CA ASP A 22 4.28 9.20 -2.13
C ASP A 22 4.65 7.83 -1.58
N PHE A 23 4.11 6.77 -2.22
CA PHE A 23 4.33 5.39 -1.82
C PHE A 23 5.83 5.06 -1.74
N VAL A 24 6.55 5.39 -2.80
CA VAL A 24 8.00 5.16 -2.92
C VAL A 24 8.78 5.99 -1.88
N ASN A 25 8.75 7.31 -2.03
CA ASN A 25 9.66 8.22 -1.31
C ASN A 25 9.33 8.31 0.17
N ASN A 26 8.05 8.50 0.50
CA ASN A 26 7.60 8.77 1.87
C ASN A 26 7.51 7.49 2.73
N TYR A 27 7.37 6.30 2.08
CA TYR A 27 7.05 5.04 2.81
C TYR A 27 8.01 3.88 2.47
N LEU A 28 8.04 3.49 1.19
CA LEU A 28 8.71 2.26 0.71
C LEU A 28 10.23 2.32 0.95
N SER A 29 10.85 3.47 0.62
CA SER A 29 12.30 3.69 0.80
C SER A 29 12.73 3.63 2.27
N LYS A 30 11.78 3.81 3.19
CA LYS A 30 12.02 3.79 4.64
C LYS A 30 11.69 2.41 5.24
N GLY A 31 11.05 1.54 4.42
CA GLY A 31 10.60 0.23 4.86
C GLY A 31 9.54 0.25 5.97
N VAL A 32 8.69 1.30 5.99
CA VAL A 32 7.56 1.38 6.95
C VAL A 32 6.37 0.53 6.48
N VAL A 33 6.53 -0.12 5.30
CA VAL A 33 5.49 -0.91 4.66
C VAL A 33 5.71 -2.40 4.99
N ASP A 34 4.62 -3.08 5.39
CA ASP A 34 4.63 -4.51 5.72
C ASP A 34 4.26 -5.33 4.48
N ARG A 35 3.10 -4.98 3.89
CA ARG A 35 2.54 -5.70 2.72
C ARG A 35 1.63 -4.76 1.92
N LEU A 36 1.31 -5.20 0.69
CA LEU A 36 0.46 -4.43 -0.25
C LEU A 36 -0.77 -5.25 -0.63
N GLU A 37 -1.94 -4.81 -0.12
CA GLU A 37 -3.23 -5.47 -0.35
C GLU A 37 -3.89 -4.93 -1.63
N VAL A 38 -3.81 -5.72 -2.71
CA VAL A 38 -4.25 -5.30 -4.04
C VAL A 38 -5.67 -5.85 -4.27
N VAL A 39 -6.67 -5.04 -3.91
CA VAL A 39 -8.08 -5.43 -3.94
C VAL A 39 -8.62 -5.36 -5.37
N ASN A 40 -9.03 -6.52 -5.88
CA ASN A 40 -9.59 -6.73 -7.24
C ASN A 40 -8.72 -6.11 -8.35
N LYS A 41 -7.39 -6.03 -8.06
CA LYS A 41 -6.38 -5.39 -8.93
C LYS A 41 -6.71 -3.93 -9.33
N ARG A 42 -7.67 -3.30 -8.63
CA ARG A 42 -8.09 -1.92 -8.87
C ARG A 42 -7.19 -0.94 -8.11
N PHE A 43 -6.95 -1.24 -6.84
CA PHE A 43 -6.19 -0.36 -5.95
C PHE A 43 -5.41 -1.17 -4.94
N VAL A 44 -4.37 -0.55 -4.37
CA VAL A 44 -3.45 -1.17 -3.43
C VAL A 44 -3.47 -0.39 -2.11
N ARG A 45 -3.60 -1.13 -1.00
CA ARG A 45 -3.56 -0.56 0.35
C ARG A 45 -2.16 -0.76 0.93
N VAL A 46 -1.54 0.35 1.35
CA VAL A 46 -0.22 0.34 1.98
C VAL A 46 -0.41 0.00 3.46
N THR A 47 0.01 -1.22 3.83
CA THR A 47 -0.04 -1.70 5.21
C THR A 47 1.27 -1.27 5.89
N PHE A 48 1.17 -0.64 7.06
CA PHE A 48 2.33 -0.29 7.87
C PHE A 48 2.74 -1.46 8.78
N THR A 49 4.05 -1.63 9.01
CA THR A 49 4.60 -2.71 9.86
C THR A 49 4.63 -2.30 11.36
N PRO A 50 4.40 -3.26 12.32
CA PRO A 50 4.35 -2.98 13.80
C PRO A 50 5.53 -2.15 14.32
N GLY A 51 5.24 -1.21 15.24
CA GLY A 51 6.23 -0.26 15.74
C GLY A 51 6.29 1.00 14.89
N LYS A 52 6.12 0.84 13.58
CA LYS A 52 6.07 1.96 12.62
C LYS A 52 4.60 2.31 12.27
N THR A 53 3.66 1.38 12.52
CA THR A 53 2.23 1.58 12.28
C THR A 53 1.66 2.69 13.20
N PRO A 54 0.92 3.69 12.64
CA PRO A 54 0.06 4.56 13.44
C PRO A 54 -1.19 3.76 13.88
N VAL A 55 -1.14 3.21 15.12
CA VAL A 55 -2.14 2.22 15.62
C VAL A 55 -3.54 2.85 15.81
N ASP A 56 -3.57 4.19 15.87
CA ASP A 56 -4.82 4.98 15.92
C ASP A 56 -5.72 4.75 14.68
N GLY A 57 -5.07 4.42 13.56
CA GLY A 57 -5.75 4.11 12.31
C GLY A 57 -5.47 5.15 11.24
N GLN A 58 -4.32 5.01 10.57
CA GLN A 58 -3.90 5.90 9.47
C GLN A 58 -3.44 5.01 8.30
N TYR A 59 -4.35 4.74 7.37
CA TYR A 59 -4.11 3.92 6.18
C TYR A 59 -3.98 4.81 4.95
N VAL A 60 -2.89 4.64 4.21
CA VAL A 60 -2.68 5.31 2.93
C VAL A 60 -2.79 4.28 1.80
N TRP A 61 -3.36 4.70 0.66
CA TRP A 61 -3.68 3.78 -0.45
C TRP A 61 -3.71 4.54 -1.79
N PHE A 62 -3.64 3.80 -2.90
CA PHE A 62 -3.58 4.41 -4.25
C PHE A 62 -4.22 3.47 -5.27
N ASN A 63 -4.79 4.08 -6.33
CA ASN A 63 -5.43 3.36 -7.44
C ASN A 63 -4.39 3.16 -8.55
N ILE A 64 -4.11 1.88 -8.88
CA ILE A 64 -3.13 1.52 -9.90
C ILE A 64 -3.77 1.55 -11.30
N GLY A 65 -3.26 2.46 -12.15
CA GLY A 65 -3.69 2.58 -13.54
C GLY A 65 -3.42 1.30 -14.32
N SER A 66 -2.22 0.74 -14.11
CA SER A 66 -1.82 -0.56 -14.63
C SER A 66 -1.20 -1.38 -13.50
N VAL A 67 -1.72 -2.60 -13.30
CA VAL A 67 -1.15 -3.59 -12.36
C VAL A 67 0.29 -3.95 -12.79
N ASP A 68 0.51 -4.03 -14.12
CA ASP A 68 1.84 -4.30 -14.72
C ASP A 68 2.87 -3.24 -14.28
N THR A 69 2.44 -1.96 -14.30
CA THR A 69 3.27 -0.84 -13.85
C THR A 69 3.58 -0.95 -12.35
N PHE A 70 2.53 -1.24 -11.55
CA PHE A 70 2.65 -1.45 -10.09
C PHE A 70 3.74 -2.49 -9.74
N GLU A 71 3.65 -3.66 -10.35
CA GLU A 71 4.50 -4.82 -10.04
C GLU A 71 5.95 -4.58 -10.44
N ARG A 72 6.17 -4.20 -11.71
CA ARG A 72 7.52 -4.07 -12.30
C ARG A 72 8.28 -2.89 -11.69
N ASN A 73 7.59 -1.78 -11.36
CA ASN A 73 8.22 -0.65 -10.65
C ASN A 73 8.52 -1.03 -9.20
N LEU A 74 7.59 -1.77 -8.55
CA LEU A 74 7.78 -2.26 -7.17
C LEU A 74 9.06 -3.10 -7.04
N GLU A 75 9.27 -4.01 -8.01
CA GLU A 75 10.47 -4.87 -8.07
C GLU A 75 11.75 -4.03 -8.23
N THR A 76 11.67 -3.00 -9.10
CA THR A 76 12.79 -2.10 -9.38
C THR A 76 13.22 -1.38 -8.09
N LEU A 77 12.25 -0.68 -7.48
CA LEU A 77 12.44 0.01 -6.20
C LEU A 77 13.03 -0.91 -5.11
N GLN A 78 12.41 -2.08 -4.91
CA GLN A 78 12.79 -3.01 -3.85
C GLN A 78 14.26 -3.49 -4.02
N GLN A 79 14.64 -3.81 -5.28
CA GLN A 79 15.99 -4.26 -5.63
C GLN A 79 17.04 -3.18 -5.32
N GLU A 80 16.73 -1.93 -5.71
CA GLU A 80 17.65 -0.79 -5.57
C GLU A 80 17.84 -0.41 -4.09
N LEU A 81 16.76 -0.48 -3.34
CA LEU A 81 16.74 -0.20 -1.90
C LEU A 81 17.31 -1.39 -1.11
N GLY A 82 17.37 -2.57 -1.76
CA GLY A 82 17.84 -3.82 -1.13
C GLY A 82 16.79 -4.52 -0.29
N ILE A 83 15.53 -4.02 -0.33
CA ILE A 83 14.40 -4.54 0.45
C ILE A 83 13.98 -5.92 -0.12
N GLU A 84 14.57 -6.99 0.46
CA GLU A 84 14.49 -8.35 -0.07
C GLU A 84 14.23 -9.35 1.08
N GLY A 85 13.59 -10.47 0.70
CA GLY A 85 13.38 -11.63 1.56
C GLY A 85 12.57 -11.36 2.82
N GLU A 86 13.27 -11.07 3.93
CA GLU A 86 12.64 -10.87 5.25
C GLU A 86 12.01 -9.47 5.31
N ASN A 87 12.78 -8.48 4.84
CA ASN A 87 12.38 -7.07 4.87
C ASN A 87 11.41 -6.74 3.73
N ARG A 88 11.35 -7.64 2.74
CA ARG A 88 10.57 -7.45 1.50
C ARG A 88 9.09 -7.18 1.79
N VAL A 89 8.43 -6.46 0.87
CA VAL A 89 7.01 -6.13 0.97
C VAL A 89 6.22 -7.11 0.07
N PRO A 90 5.59 -8.20 0.65
CA PRO A 90 4.79 -9.17 -0.13
C PRO A 90 3.47 -8.57 -0.63
N VAL A 91 3.03 -9.06 -1.78
CA VAL A 91 1.86 -8.54 -2.49
C VAL A 91 0.71 -9.55 -2.39
N VAL A 92 -0.40 -9.11 -1.79
CA VAL A 92 -1.57 -9.95 -1.56
C VAL A 92 -2.65 -9.56 -2.57
N TYR A 93 -2.75 -10.28 -3.70
CA TYR A 93 -3.81 -10.06 -4.70
C TYR A 93 -5.11 -10.62 -4.16
N ILE A 94 -5.93 -9.73 -3.62
CA ILE A 94 -7.21 -10.07 -3.02
C ILE A 94 -8.27 -10.05 -4.14
N ALA A 95 -9.05 -11.11 -4.23
CA ALA A 95 -10.05 -11.28 -5.30
C ALA A 95 -11.42 -11.53 -4.65
N GLU A 96 -12.00 -10.44 -4.14
CA GLU A 96 -13.26 -10.50 -3.37
C GLU A 96 -14.45 -10.77 -4.31
N SER A 97 -14.50 -10.02 -5.43
CA SER A 97 -15.60 -10.09 -6.42
C SER A 97 -16.92 -9.56 -5.81
N ASP A 98 -17.25 -8.29 -6.09
CA ASP A 98 -18.47 -7.61 -5.60
C ASP A 98 -19.71 -8.18 -6.31
N GLY A 99 -19.56 -8.42 -7.62
CA GLY A 99 -20.60 -9.08 -8.42
C GLY A 99 -20.35 -10.59 -8.49
N MET A 1 -0.51 -22.31 -1.33
CA MET A 1 -1.74 -22.38 -0.47
C MET A 1 -1.81 -21.19 0.48
N GLY A 2 -2.93 -21.08 1.23
CA GLY A 2 -3.17 -19.94 2.13
C GLY A 2 -3.86 -18.79 1.43
N HIS A 3 -4.63 -19.11 0.36
CA HIS A 3 -5.41 -18.12 -0.40
C HIS A 3 -6.44 -17.42 0.49
N HIS A 4 -7.07 -18.20 1.39
CA HIS A 4 -7.85 -17.63 2.49
C HIS A 4 -6.88 -17.15 3.59
N HIS A 5 -6.34 -15.93 3.37
CA HIS A 5 -5.39 -15.30 4.29
C HIS A 5 -6.07 -15.00 5.63
N HIS A 6 -7.05 -14.10 5.62
CA HIS A 6 -7.91 -13.84 6.79
C HIS A 6 -9.33 -13.51 6.30
N HIS A 7 -10.30 -14.38 6.65
CA HIS A 7 -11.72 -14.14 6.38
C HIS A 7 -12.23 -12.95 7.19
N HIS A 8 -13.25 -12.26 6.65
CA HIS A 8 -13.83 -11.01 7.21
C HIS A 8 -12.75 -9.98 7.60
N SER A 9 -11.61 -9.99 6.84
CA SER A 9 -10.42 -9.14 7.12
C SER A 9 -10.81 -7.67 7.28
N HIS A 10 -10.00 -6.92 8.09
CA HIS A 10 -10.29 -5.53 8.52
C HIS A 10 -10.78 -4.68 7.33
N MET A 11 -11.89 -3.94 7.58
CA MET A 11 -12.58 -3.09 6.60
C MET A 11 -11.57 -2.28 5.77
N LYS A 12 -11.39 -2.71 4.51
CA LYS A 12 -10.52 -2.06 3.50
C LYS A 12 -10.69 -0.54 3.56
N ARG A 13 -11.97 -0.13 3.41
CA ARG A 13 -12.39 1.27 3.43
C ARG A 13 -11.65 2.04 2.30
N SER A 14 -10.44 2.55 2.62
CA SER A 14 -9.53 3.20 1.67
C SER A 14 -8.30 3.76 2.40
N GLY A 15 -8.56 4.83 3.19
CA GLY A 15 -7.51 5.65 3.78
C GLY A 15 -7.29 6.94 2.98
N ARG A 16 -6.08 7.50 3.06
CA ARG A 16 -5.70 8.72 2.32
C ARG A 16 -5.13 8.33 0.96
N GLU A 17 -5.66 8.91 -0.14
CA GLU A 17 -5.11 8.64 -1.49
C GLU A 17 -3.78 9.40 -1.63
N ILE A 18 -2.74 8.69 -2.04
CA ILE A 18 -1.38 9.22 -2.14
C ILE A 18 -0.80 8.92 -3.52
N THR A 19 0.36 9.50 -3.84
CA THR A 19 1.05 9.24 -5.10
C THR A 19 2.04 8.08 -4.90
N TRP A 20 2.36 7.37 -6.00
CA TRP A 20 3.37 6.29 -6.00
C TRP A 20 4.72 6.80 -5.45
N LYS A 21 5.15 8.00 -5.93
CA LYS A 21 6.44 8.61 -5.55
C LYS A 21 6.59 8.77 -4.02
N ASP A 22 5.57 9.36 -3.36
CA ASP A 22 5.63 9.63 -1.91
C ASP A 22 5.53 8.33 -1.13
N PHE A 23 4.76 7.36 -1.65
CA PHE A 23 4.70 5.99 -1.11
C PHE A 23 6.11 5.39 -1.00
N VAL A 24 6.89 5.55 -2.08
CA VAL A 24 8.24 5.03 -2.15
C VAL A 24 9.12 5.58 -1.02
N ASN A 25 9.33 6.91 -1.02
CA ASN A 25 10.38 7.51 -0.18
C ASN A 25 9.97 7.57 1.31
N ASN A 26 8.66 7.75 1.57
CA ASN A 26 8.12 7.85 2.95
C ASN A 26 7.95 6.46 3.59
N TYR A 27 7.44 5.49 2.81
CA TYR A 27 6.89 4.25 3.38
C TYR A 27 7.73 3.01 3.02
N LEU A 28 7.76 2.69 1.70
CA LEU A 28 8.42 1.47 1.19
C LEU A 28 9.94 1.46 1.53
N SER A 29 10.60 2.59 1.29
CA SER A 29 12.04 2.79 1.53
C SER A 29 12.36 2.87 3.04
N LYS A 30 11.33 3.06 3.88
CA LYS A 30 11.49 3.03 5.36
C LYS A 30 11.00 1.69 5.94
N GLY A 31 10.49 0.81 5.06
CA GLY A 31 9.96 -0.52 5.46
C GLY A 31 8.85 -0.49 6.51
N VAL A 32 8.16 0.67 6.64
CA VAL A 32 7.10 0.87 7.67
C VAL A 32 5.78 0.18 7.26
N VAL A 33 5.78 -0.39 6.05
CA VAL A 33 4.63 -1.04 5.44
C VAL A 33 4.69 -2.53 5.77
N ASP A 34 3.57 -3.07 6.27
CA ASP A 34 3.47 -4.49 6.64
C ASP A 34 3.20 -5.35 5.40
N ARG A 35 2.25 -4.90 4.56
CA ARG A 35 1.86 -5.63 3.34
C ARG A 35 1.16 -4.68 2.36
N LEU A 36 1.17 -5.06 1.07
CA LEU A 36 0.55 -4.29 -0.02
C LEU A 36 -0.61 -5.10 -0.61
N GLU A 37 -1.84 -4.72 -0.22
CA GLU A 37 -3.05 -5.43 -0.62
C GLU A 37 -3.60 -4.84 -1.93
N VAL A 38 -3.47 -5.61 -3.03
CA VAL A 38 -3.89 -5.15 -4.36
C VAL A 38 -5.37 -5.53 -4.54
N VAL A 39 -6.28 -4.58 -4.23
CA VAL A 39 -7.71 -4.86 -4.15
C VAL A 39 -8.41 -4.64 -5.50
N ASN A 40 -9.16 -5.68 -5.94
CA ASN A 40 -9.95 -5.71 -7.19
C ASN A 40 -9.15 -5.33 -8.45
N LYS A 41 -7.81 -5.50 -8.37
CA LYS A 41 -6.86 -5.19 -9.45
C LYS A 41 -6.84 -3.69 -9.87
N ARG A 42 -7.57 -2.82 -9.15
CA ARG A 42 -7.68 -1.39 -9.52
C ARG A 42 -6.59 -0.57 -8.81
N PHE A 43 -6.34 -0.90 -7.54
CA PHE A 43 -5.48 -0.09 -6.67
C PHE A 43 -4.82 -0.98 -5.62
N VAL A 44 -3.91 -0.36 -4.83
CA VAL A 44 -3.23 -1.02 -3.72
C VAL A 44 -3.56 -0.26 -2.44
N ARG A 45 -4.13 -0.95 -1.45
CA ARG A 45 -4.42 -0.39 -0.13
C ARG A 45 -3.29 -0.86 0.80
N VAL A 46 -2.60 0.12 1.39
CA VAL A 46 -1.34 -0.09 2.12
C VAL A 46 -1.61 -0.37 3.59
N THR A 47 -1.18 -1.55 4.07
CA THR A 47 -1.20 -1.92 5.48
C THR A 47 0.16 -1.57 6.09
N PHE A 48 0.15 -0.84 7.21
CA PHE A 48 1.38 -0.48 7.95
C PHE A 48 1.63 -1.46 9.10
N THR A 49 2.82 -1.35 9.72
CA THR A 49 3.19 -2.16 10.90
C THR A 49 2.64 -1.51 12.20
N PRO A 50 2.16 -2.35 13.18
CA PRO A 50 1.72 -1.88 14.53
C PRO A 50 2.81 -1.06 15.27
N GLY A 51 2.38 -0.07 16.06
CA GLY A 51 3.31 0.80 16.79
C GLY A 51 3.59 2.10 16.05
N LYS A 52 4.02 1.97 14.78
CA LYS A 52 4.25 3.11 13.89
C LYS A 52 2.88 3.71 13.49
N THR A 53 2.05 2.87 12.89
CA THR A 53 0.69 3.21 12.52
C THR A 53 -0.23 2.04 12.94
N PRO A 54 -0.93 2.14 14.12
CA PRO A 54 -1.85 1.08 14.61
C PRO A 54 -3.24 1.13 13.94
N VAL A 55 -4.23 0.50 14.59
CA VAL A 55 -5.63 0.46 14.12
C VAL A 55 -6.25 1.88 14.06
N ASP A 56 -5.83 2.73 15.03
CA ASP A 56 -6.24 4.14 15.08
C ASP A 56 -5.62 4.92 13.92
N GLY A 57 -4.36 4.60 13.59
CA GLY A 57 -3.61 5.29 12.55
C GLY A 57 -4.20 5.06 11.16
N GLN A 58 -4.49 6.17 10.43
CA GLN A 58 -5.11 6.13 9.10
C GLN A 58 -4.19 5.44 8.07
N TYR A 59 -4.78 4.58 7.23
CA TYR A 59 -4.08 3.92 6.12
C TYR A 59 -3.94 4.89 4.93
N VAL A 60 -3.23 4.42 3.91
CA VAL A 60 -3.15 5.11 2.62
C VAL A 60 -3.45 4.12 1.50
N TRP A 61 -3.62 4.64 0.28
CA TRP A 61 -3.85 3.82 -0.93
C TRP A 61 -3.47 4.64 -2.16
N PHE A 62 -3.20 3.95 -3.26
CA PHE A 62 -2.86 4.58 -4.55
C PHE A 62 -3.39 3.73 -5.70
N ASN A 63 -3.91 4.40 -6.74
CA ASN A 63 -4.46 3.72 -7.92
C ASN A 63 -3.33 3.35 -8.90
N ILE A 64 -3.29 2.08 -9.32
CA ILE A 64 -2.23 1.54 -10.19
C ILE A 64 -2.77 1.31 -11.61
N GLY A 65 -4.08 1.04 -11.72
CA GLY A 65 -4.71 0.68 -12.99
C GLY A 65 -4.36 -0.73 -13.41
N SER A 66 -3.10 -0.92 -13.83
CA SER A 66 -2.53 -2.22 -14.15
C SER A 66 -1.68 -2.74 -12.98
N VAL A 67 -2.06 -3.92 -12.46
CA VAL A 67 -1.27 -4.66 -11.45
C VAL A 67 0.06 -5.15 -12.02
N ASP A 68 0.07 -5.50 -13.32
CA ASP A 68 1.28 -5.99 -14.00
C ASP A 68 2.35 -4.89 -14.03
N THR A 69 1.89 -3.63 -14.22
CA THR A 69 2.73 -2.43 -14.12
C THR A 69 3.23 -2.24 -12.67
N PHE A 70 2.30 -2.39 -11.69
CA PHE A 70 2.62 -2.32 -10.25
C PHE A 70 3.78 -3.26 -9.87
N GLU A 71 3.76 -4.47 -10.44
CA GLU A 71 4.79 -5.48 -10.19
C GLU A 71 6.13 -5.02 -10.79
N ARG A 72 6.11 -4.64 -12.08
CA ARG A 72 7.34 -4.27 -12.83
C ARG A 72 8.13 -3.16 -12.13
N ASN A 73 7.44 -2.03 -11.86
CA ASN A 73 8.09 -0.85 -11.28
C ASN A 73 8.47 -1.08 -9.80
N LEU A 74 7.67 -1.88 -9.07
CA LEU A 74 7.99 -2.32 -7.69
C LEU A 74 9.29 -3.16 -7.63
N GLU A 75 9.43 -4.12 -8.57
CA GLU A 75 10.59 -5.03 -8.64
C GLU A 75 11.91 -4.27 -8.90
N THR A 76 11.86 -3.34 -9.86
CA THR A 76 12.99 -2.49 -10.21
C THR A 76 13.34 -1.60 -9.00
N LEU A 77 12.31 -0.96 -8.47
CA LEU A 77 12.41 -0.04 -7.33
C LEU A 77 13.09 -0.66 -6.10
N GLN A 78 12.62 -1.84 -5.68
CA GLN A 78 13.15 -2.53 -4.50
C GLN A 78 14.61 -2.95 -4.71
N GLN A 79 14.95 -3.42 -5.92
CA GLN A 79 16.34 -3.87 -6.22
C GLN A 79 17.31 -2.67 -6.22
N GLU A 80 16.83 -1.50 -6.69
CA GLU A 80 17.63 -0.26 -6.75
C GLU A 80 17.81 0.35 -5.35
N LEU A 81 16.71 0.38 -4.57
CA LEU A 81 16.71 0.90 -3.19
C LEU A 81 17.45 -0.05 -2.20
N GLY A 82 17.83 -1.25 -2.68
CA GLY A 82 18.55 -2.23 -1.84
C GLY A 82 17.63 -3.09 -1.00
N ILE A 83 16.31 -2.89 -1.17
CA ILE A 83 15.26 -3.62 -0.45
C ILE A 83 15.18 -5.06 -1.01
N GLU A 84 15.75 -6.03 -0.27
CA GLU A 84 15.79 -7.45 -0.68
C GLU A 84 15.49 -8.38 0.50
N GLY A 85 15.00 -9.59 0.17
CA GLY A 85 14.73 -10.64 1.15
C GLY A 85 13.64 -10.28 2.15
N GLU A 86 14.01 -10.24 3.43
CA GLU A 86 13.10 -9.92 4.56
C GLU A 86 12.60 -8.46 4.49
N ASN A 87 13.33 -7.60 3.77
CA ASN A 87 12.97 -6.18 3.62
C ASN A 87 11.88 -5.97 2.57
N ARG A 88 11.75 -6.91 1.60
CA ARG A 88 10.73 -6.81 0.54
C ARG A 88 9.32 -7.01 1.11
N VAL A 89 8.47 -5.97 0.99
CA VAL A 89 7.12 -5.97 1.57
C VAL A 89 6.20 -6.96 0.80
N PRO A 90 5.53 -7.93 1.50
CA PRO A 90 4.68 -8.96 0.85
C PRO A 90 3.42 -8.36 0.17
N VAL A 91 3.05 -8.93 -0.98
CA VAL A 91 1.95 -8.44 -1.82
C VAL A 91 0.77 -9.42 -1.74
N VAL A 92 -0.40 -8.92 -1.30
CA VAL A 92 -1.59 -9.74 -1.04
C VAL A 92 -2.69 -9.36 -2.04
N TYR A 93 -2.87 -10.19 -3.06
CA TYR A 93 -3.87 -9.98 -4.10
C TYR A 93 -5.28 -10.32 -3.58
N ILE A 94 -6.07 -9.28 -3.29
CA ILE A 94 -7.46 -9.41 -2.85
C ILE A 94 -8.36 -8.99 -4.01
N ALA A 95 -9.34 -9.81 -4.36
CA ALA A 95 -10.29 -9.51 -5.44
C ALA A 95 -11.60 -10.26 -5.21
N GLU A 96 -12.29 -9.87 -4.12
CA GLU A 96 -13.56 -10.48 -3.69
C GLU A 96 -14.73 -10.04 -4.59
N SER A 97 -15.97 -10.41 -4.22
CA SER A 97 -17.17 -10.09 -4.99
C SER A 97 -18.12 -9.22 -4.15
N ASP A 98 -18.10 -7.90 -4.39
CA ASP A 98 -18.96 -6.92 -3.68
C ASP A 98 -20.44 -7.07 -4.12
N GLY A 99 -20.65 -7.60 -5.33
CA GLY A 99 -21.98 -7.80 -5.88
C GLY A 99 -21.98 -7.88 -7.40
N MET A 1 -14.92 9.10 -16.82
CA MET A 1 -14.37 8.50 -15.58
C MET A 1 -12.91 8.10 -15.83
N GLY A 2 -12.71 7.10 -16.73
CA GLY A 2 -11.38 6.61 -17.10
C GLY A 2 -10.70 5.89 -15.95
N HIS A 3 -9.54 6.40 -15.53
CA HIS A 3 -8.79 5.90 -14.36
C HIS A 3 -8.99 6.84 -13.14
N HIS A 4 -9.56 8.03 -13.41
CA HIS A 4 -9.78 9.09 -12.41
C HIS A 4 -11.02 8.75 -11.55
N HIS A 5 -10.80 8.57 -10.24
CA HIS A 5 -11.85 8.26 -9.24
C HIS A 5 -12.64 6.97 -9.57
N HIS A 6 -13.80 7.13 -10.28
CA HIS A 6 -14.77 6.04 -10.63
C HIS A 6 -15.10 5.09 -9.45
N HIS A 7 -14.92 5.55 -8.20
CA HIS A 7 -15.02 4.71 -7.00
C HIS A 7 -15.19 5.57 -5.75
N HIS A 8 -16.41 5.65 -5.20
CA HIS A 8 -16.66 6.20 -3.85
C HIS A 8 -16.74 5.02 -2.85
N SER A 9 -15.80 4.96 -1.89
CA SER A 9 -15.72 3.89 -0.90
C SER A 9 -16.83 4.05 0.15
N HIS A 10 -17.54 2.95 0.44
CA HIS A 10 -18.60 2.89 1.46
C HIS A 10 -17.99 2.56 2.81
N MET A 11 -16.85 1.84 2.78
CA MET A 11 -16.06 1.51 3.98
C MET A 11 -15.53 2.81 4.61
N LYS A 12 -15.59 2.89 5.96
CA LYS A 12 -15.25 4.11 6.73
C LYS A 12 -13.75 4.46 6.58
N ARG A 13 -13.45 5.16 5.47
CA ARG A 13 -12.11 5.60 5.09
C ARG A 13 -11.14 4.40 4.94
N SER A 14 -11.12 3.79 3.74
CA SER A 14 -10.14 2.72 3.39
C SER A 14 -8.70 3.23 3.55
N GLY A 15 -8.53 4.55 3.36
CA GLY A 15 -7.27 5.22 3.67
C GLY A 15 -7.15 6.58 2.99
N ARG A 16 -5.99 7.19 3.19
CA ARG A 16 -5.63 8.46 2.55
C ARG A 16 -5.04 8.16 1.17
N GLU A 17 -5.65 8.71 0.12
CA GLU A 17 -5.19 8.47 -1.26
C GLU A 17 -3.89 9.27 -1.51
N ILE A 18 -2.87 8.59 -2.05
CA ILE A 18 -1.54 9.17 -2.31
C ILE A 18 -1.11 8.79 -3.73
N THR A 19 0.05 9.32 -4.14
CA THR A 19 0.70 8.93 -5.40
C THR A 19 1.77 7.85 -5.13
N TRP A 20 2.22 7.18 -6.21
CA TRP A 20 3.31 6.19 -6.19
C TRP A 20 4.59 6.81 -5.59
N LYS A 21 4.92 8.06 -6.01
CA LYS A 21 6.13 8.79 -5.55
C LYS A 21 6.14 8.91 -4.01
N ASP A 22 5.00 9.32 -3.41
CA ASP A 22 4.85 9.48 -1.96
C ASP A 22 4.96 8.12 -1.26
N PHE A 23 4.33 7.09 -1.85
CA PHE A 23 4.41 5.70 -1.35
C PHE A 23 5.88 5.27 -1.16
N VAL A 24 6.69 5.47 -2.21
CA VAL A 24 8.09 5.04 -2.23
C VAL A 24 8.93 5.77 -1.16
N ASN A 25 8.99 7.10 -1.28
CA ASN A 25 9.93 7.94 -0.53
C ASN A 25 9.55 8.05 0.95
N ASN A 26 8.24 8.20 1.22
CA ASN A 26 7.71 8.40 2.58
C ASN A 26 7.62 7.06 3.35
N TYR A 27 7.15 5.97 2.69
CA TYR A 27 6.70 4.75 3.39
C TYR A 27 7.58 3.51 3.09
N LEU A 28 7.55 3.06 1.81
CA LEU A 28 8.19 1.81 1.35
C LEU A 28 9.69 1.75 1.73
N SER A 29 10.39 2.85 1.48
CA SER A 29 11.85 2.96 1.73
C SER A 29 12.20 3.00 3.24
N LYS A 30 11.21 3.14 4.12
CA LYS A 30 11.41 3.21 5.58
C LYS A 30 11.23 1.83 6.26
N GLY A 31 10.79 0.80 5.50
CA GLY A 31 10.50 -0.52 6.09
C GLY A 31 9.34 -0.50 7.10
N VAL A 32 8.37 0.41 6.87
CA VAL A 32 7.20 0.59 7.76
C VAL A 32 5.94 -0.04 7.16
N VAL A 33 6.03 -0.58 5.94
CA VAL A 33 4.90 -1.20 5.24
C VAL A 33 4.99 -2.73 5.41
N ASP A 34 3.88 -3.34 5.81
CA ASP A 34 3.77 -4.77 6.13
C ASP A 34 3.43 -5.57 4.86
N ARG A 35 2.38 -5.13 4.16
CA ARG A 35 1.84 -5.81 2.98
C ARG A 35 1.16 -4.80 2.05
N LEU A 36 1.16 -5.14 0.74
CA LEU A 36 0.53 -4.34 -0.31
C LEU A 36 -0.68 -5.09 -0.86
N GLU A 37 -1.88 -4.67 -0.43
CA GLU A 37 -3.14 -5.36 -0.72
C GLU A 37 -3.80 -4.78 -1.97
N VAL A 38 -3.64 -5.49 -3.10
CA VAL A 38 -4.14 -5.05 -4.41
C VAL A 38 -5.64 -5.40 -4.48
N VAL A 39 -6.52 -4.39 -4.33
CA VAL A 39 -7.97 -4.60 -4.27
C VAL A 39 -8.61 -4.42 -5.66
N ASN A 40 -9.18 -5.54 -6.18
CA ASN A 40 -9.91 -5.63 -7.48
C ASN A 40 -9.11 -5.09 -8.69
N LYS A 41 -7.76 -5.09 -8.56
CA LYS A 41 -6.80 -4.58 -9.57
C LYS A 41 -6.88 -3.04 -9.76
N ARG A 42 -7.77 -2.38 -8.99
CA ARG A 42 -8.03 -0.94 -9.08
C ARG A 42 -6.91 -0.16 -8.41
N PHE A 43 -6.53 -0.63 -7.22
CA PHE A 43 -5.57 0.06 -6.37
C PHE A 43 -4.82 -0.93 -5.47
N VAL A 44 -3.85 -0.39 -4.73
CA VAL A 44 -3.03 -1.11 -3.77
C VAL A 44 -3.15 -0.40 -2.43
N ARG A 45 -3.42 -1.19 -1.38
CA ARG A 45 -3.63 -0.72 -0.01
C ARG A 45 -2.33 -0.88 0.77
N VAL A 46 -1.79 0.25 1.21
CA VAL A 46 -0.55 0.30 1.97
C VAL A 46 -0.89 0.06 3.45
N THR A 47 -0.55 -1.13 3.92
CA THR A 47 -0.81 -1.57 5.30
C THR A 47 0.50 -1.49 6.07
N PHE A 48 0.44 -0.96 7.28
CA PHE A 48 1.64 -0.68 8.10
C PHE A 48 1.92 -1.80 9.10
N THR A 49 3.22 -2.01 9.37
CA THR A 49 3.74 -3.08 10.24
C THR A 49 3.22 -2.92 11.69
N PRO A 50 2.71 -4.03 12.33
CA PRO A 50 2.33 -4.04 13.79
C PRO A 50 3.56 -4.05 14.74
N GLY A 51 4.64 -3.35 14.34
CA GLY A 51 5.91 -3.39 15.07
C GLY A 51 6.62 -2.04 15.02
N LYS A 52 6.69 -1.44 13.82
CA LYS A 52 7.26 -0.09 13.63
C LYS A 52 6.18 0.95 13.98
N THR A 53 5.14 1.01 13.14
CA THR A 53 4.06 2.00 13.26
C THR A 53 2.69 1.32 12.98
N PRO A 54 2.13 0.52 13.96
CA PRO A 54 0.83 -0.16 13.79
C PRO A 54 -0.33 0.83 13.61
N VAL A 55 -0.84 1.37 14.72
CA VAL A 55 -2.05 2.22 14.71
C VAL A 55 -1.66 3.67 14.31
N ASP A 56 -0.41 4.06 14.63
CA ASP A 56 0.20 5.32 14.15
C ASP A 56 0.37 5.31 12.62
N GLY A 57 0.41 4.09 12.03
CA GLY A 57 0.49 3.91 10.60
C GLY A 57 -0.70 4.51 9.89
N GLN A 58 -0.51 5.74 9.36
CA GLN A 58 -1.54 6.45 8.59
C GLN A 58 -1.82 5.68 7.30
N TYR A 59 -2.84 4.80 7.38
CA TYR A 59 -3.18 3.86 6.33
C TYR A 59 -3.53 4.60 5.04
N VAL A 60 -2.70 4.39 4.03
CA VAL A 60 -2.79 5.07 2.75
C VAL A 60 -3.01 4.06 1.63
N TRP A 61 -3.31 4.54 0.43
CA TRP A 61 -3.50 3.70 -0.76
C TRP A 61 -3.24 4.53 -2.03
N PHE A 62 -2.99 3.85 -3.14
CA PHE A 62 -2.75 4.49 -4.44
C PHE A 62 -3.29 3.56 -5.54
N ASN A 63 -3.83 4.14 -6.63
CA ASN A 63 -4.39 3.35 -7.74
C ASN A 63 -3.25 2.82 -8.63
N ILE A 64 -3.50 1.71 -9.33
CA ILE A 64 -2.56 1.15 -10.29
C ILE A 64 -3.25 0.89 -11.64
N GLY A 65 -4.45 0.28 -11.60
CA GLY A 65 -5.11 -0.26 -12.78
C GLY A 65 -4.36 -1.47 -13.33
N SER A 66 -3.18 -1.21 -13.93
CA SER A 66 -2.26 -2.24 -14.41
C SER A 66 -1.45 -2.84 -13.25
N VAL A 67 -1.83 -4.06 -12.85
CA VAL A 67 -1.09 -4.86 -11.85
C VAL A 67 0.29 -5.28 -12.40
N ASP A 68 0.41 -5.49 -13.74
CA ASP A 68 1.69 -5.86 -14.39
C ASP A 68 2.72 -4.73 -14.23
N THR A 69 2.27 -3.47 -14.43
CA THR A 69 3.12 -2.29 -14.24
C THR A 69 3.57 -2.21 -12.78
N PHE A 70 2.59 -2.34 -11.84
CA PHE A 70 2.83 -2.31 -10.39
C PHE A 70 3.94 -3.29 -9.97
N GLU A 71 3.81 -4.56 -10.37
CA GLU A 71 4.74 -5.62 -9.95
C GLU A 71 6.15 -5.38 -10.52
N ARG A 72 6.23 -4.98 -11.81
CA ARG A 72 7.51 -4.75 -12.49
C ARG A 72 8.30 -3.57 -11.89
N ASN A 73 7.62 -2.40 -11.72
CA ASN A 73 8.27 -1.19 -11.19
C ASN A 73 8.60 -1.34 -9.70
N LEU A 74 7.75 -2.09 -8.97
CA LEU A 74 7.98 -2.46 -7.56
C LEU A 74 9.29 -3.26 -7.41
N GLU A 75 9.46 -4.30 -8.26
CA GLU A 75 10.66 -5.17 -8.25
C GLU A 75 11.95 -4.41 -8.60
N THR A 76 11.86 -3.53 -9.64
CA THR A 76 12.99 -2.67 -10.07
C THR A 76 13.42 -1.76 -8.91
N LEU A 77 12.40 -1.12 -8.34
CA LEU A 77 12.49 -0.20 -7.21
C LEU A 77 13.09 -0.85 -5.95
N GLN A 78 12.68 -2.09 -5.66
CA GLN A 78 13.18 -2.86 -4.51
C GLN A 78 14.67 -3.20 -4.70
N GLN A 79 15.07 -3.49 -5.95
CA GLN A 79 16.49 -3.74 -6.30
C GLN A 79 17.31 -2.44 -6.20
N GLU A 80 16.68 -1.30 -6.57
CA GLU A 80 17.30 0.02 -6.59
C GLU A 80 17.56 0.53 -5.15
N LEU A 81 16.49 0.50 -4.32
CA LEU A 81 16.53 0.96 -2.92
C LEU A 81 17.29 -0.02 -2.02
N GLY A 82 17.45 -1.28 -2.48
CA GLY A 82 18.06 -2.35 -1.69
C GLY A 82 17.06 -3.12 -0.83
N ILE A 83 15.75 -2.85 -1.02
CA ILE A 83 14.65 -3.55 -0.32
C ILE A 83 14.59 -5.02 -0.81
N GLU A 84 15.28 -5.90 -0.08
CA GLU A 84 15.49 -7.31 -0.50
C GLU A 84 15.32 -8.24 0.72
N GLY A 85 14.82 -9.46 0.43
CA GLY A 85 14.66 -10.53 1.43
C GLY A 85 13.61 -10.18 2.48
N GLU A 86 14.11 -9.80 3.67
CA GLU A 86 13.28 -9.47 4.83
C GLU A 86 12.65 -8.09 4.67
N ASN A 87 13.36 -7.18 3.96
CA ASN A 87 12.91 -5.79 3.75
C ASN A 87 11.73 -5.73 2.77
N ARG A 88 11.57 -6.78 1.95
CA ARG A 88 10.50 -6.87 0.94
C ARG A 88 9.12 -6.85 1.57
N VAL A 89 8.19 -6.18 0.90
CA VAL A 89 6.81 -6.03 1.35
C VAL A 89 5.90 -6.91 0.45
N PRO A 90 5.38 -8.07 0.99
CA PRO A 90 4.56 -9.06 0.23
C PRO A 90 3.28 -8.45 -0.39
N VAL A 91 2.93 -8.93 -1.58
CA VAL A 91 1.77 -8.45 -2.33
C VAL A 91 0.61 -9.45 -2.10
N VAL A 92 -0.48 -8.95 -1.51
CA VAL A 92 -1.67 -9.74 -1.17
C VAL A 92 -2.82 -9.30 -2.08
N TYR A 93 -3.40 -10.22 -2.86
CA TYR A 93 -4.50 -9.91 -3.75
C TYR A 93 -5.83 -10.04 -2.99
N ILE A 94 -6.64 -8.98 -3.04
CA ILE A 94 -7.92 -8.85 -2.31
C ILE A 94 -9.02 -8.54 -3.34
N ALA A 95 -10.13 -9.31 -3.31
CA ALA A 95 -11.31 -9.05 -4.17
C ALA A 95 -12.54 -8.79 -3.32
N GLU A 96 -13.42 -7.89 -3.81
CA GLU A 96 -14.70 -7.54 -3.17
C GLU A 96 -15.88 -8.10 -3.98
N SER A 97 -15.56 -8.95 -4.98
CA SER A 97 -16.52 -9.40 -6.01
C SER A 97 -17.38 -10.60 -5.57
N ASP A 98 -17.31 -10.93 -4.27
CA ASP A 98 -18.11 -11.99 -3.64
C ASP A 98 -18.30 -11.67 -2.15
N GLY A 99 -17.16 -11.36 -1.52
CA GLY A 99 -17.11 -11.01 -0.11
C GLY A 99 -15.68 -11.15 0.43
N MET A 1 -14.85 28.99 11.11
CA MET A 1 -13.82 27.97 10.79
C MET A 1 -14.39 26.88 9.86
N GLY A 2 -15.71 26.98 9.54
CA GLY A 2 -16.39 26.00 8.69
C GLY A 2 -16.87 24.79 9.49
N HIS A 3 -17.92 24.11 8.99
CA HIS A 3 -18.46 22.89 9.63
C HIS A 3 -18.04 21.66 8.80
N HIS A 4 -16.73 21.32 8.90
CA HIS A 4 -16.14 20.16 8.19
C HIS A 4 -14.75 19.82 8.79
N HIS A 5 -14.63 20.00 10.12
CA HIS A 5 -13.35 19.82 10.87
C HIS A 5 -12.87 18.36 10.79
N HIS A 6 -13.83 17.45 10.87
CA HIS A 6 -13.59 16.00 10.78
C HIS A 6 -14.81 15.35 10.15
N HIS A 7 -14.59 14.27 9.39
CA HIS A 7 -15.64 13.49 8.68
C HIS A 7 -16.38 12.58 9.70
N HIS A 8 -17.15 13.22 10.63
CA HIS A 8 -17.96 12.58 11.71
C HIS A 8 -17.25 11.37 12.40
N SER A 9 -17.36 10.20 11.78
CA SER A 9 -16.76 8.95 12.26
C SER A 9 -16.32 8.10 11.04
N HIS A 10 -15.82 6.87 11.27
CA HIS A 10 -15.29 5.99 10.20
C HIS A 10 -15.22 4.53 10.68
N MET A 11 -16.29 3.76 10.40
CA MET A 11 -16.29 2.28 10.55
C MET A 11 -15.81 1.63 9.23
N LYS A 12 -16.20 2.28 8.12
CA LYS A 12 -15.90 1.84 6.74
C LYS A 12 -14.38 1.95 6.43
N ARG A 13 -13.98 1.26 5.35
CA ARG A 13 -12.61 1.22 4.82
C ARG A 13 -12.24 2.59 4.24
N SER A 14 -11.84 3.51 5.13
CA SER A 14 -11.43 4.87 4.80
C SER A 14 -9.90 4.94 4.72
N GLY A 15 -9.41 5.68 3.73
CA GLY A 15 -7.99 5.78 3.47
C GLY A 15 -7.63 7.01 2.66
N ARG A 16 -6.40 7.50 2.86
CA ARG A 16 -5.91 8.72 2.21
C ARG A 16 -5.31 8.30 0.85
N GLU A 17 -5.85 8.83 -0.26
CA GLU A 17 -5.35 8.52 -1.60
C GLU A 17 -4.02 9.25 -1.82
N ILE A 18 -2.94 8.48 -1.80
CA ILE A 18 -1.59 8.94 -2.13
C ILE A 18 -1.24 8.55 -3.58
N THR A 19 -0.06 9.00 -4.01
CA THR A 19 0.54 8.59 -5.28
C THR A 19 1.68 7.59 -5.01
N TRP A 20 2.21 6.99 -6.10
CA TRP A 20 3.43 6.14 -6.05
C TRP A 20 4.61 6.95 -5.47
N LYS A 21 4.70 8.23 -5.85
CA LYS A 21 5.71 9.17 -5.35
C LYS A 21 5.68 9.26 -3.80
N ASP A 22 4.47 9.44 -3.21
CA ASP A 22 4.29 9.44 -1.75
C ASP A 22 4.61 8.10 -1.11
N PHE A 23 4.11 7.01 -1.75
CA PHE A 23 4.34 5.62 -1.30
C PHE A 23 5.82 5.37 -1.04
N VAL A 24 6.64 5.61 -2.06
CA VAL A 24 8.06 5.31 -2.03
C VAL A 24 8.81 6.20 -1.01
N ASN A 25 8.68 7.51 -1.18
CA ASN A 25 9.52 8.49 -0.45
C ASN A 25 9.10 8.67 1.01
N ASN A 26 7.79 8.89 1.27
CA ASN A 26 7.26 9.16 2.63
C ASN A 26 7.18 7.86 3.48
N TYR A 27 6.78 6.74 2.87
CA TYR A 27 6.37 5.53 3.62
C TYR A 27 7.41 4.39 3.50
N LEU A 28 7.57 3.88 2.27
CA LEU A 28 8.39 2.70 1.97
C LEU A 28 9.85 2.90 2.40
N SER A 29 10.41 4.08 2.09
CA SER A 29 11.79 4.45 2.41
C SER A 29 12.10 4.36 3.92
N LYS A 30 11.07 4.59 4.74
CA LYS A 30 11.18 4.63 6.22
C LYS A 30 10.90 3.23 6.84
N GLY A 31 10.63 2.24 5.97
CA GLY A 31 10.30 0.88 6.39
C GLY A 31 9.04 0.76 7.26
N VAL A 32 8.11 1.73 7.13
CA VAL A 32 6.86 1.75 7.91
C VAL A 32 5.77 0.90 7.22
N VAL A 33 6.11 0.33 6.05
CA VAL A 33 5.18 -0.50 5.25
C VAL A 33 5.40 -1.99 5.60
N ASP A 34 4.33 -2.64 6.05
CA ASP A 34 4.30 -4.08 6.36
C ASP A 34 4.09 -4.87 5.06
N ARG A 35 3.03 -4.50 4.31
CA ARG A 35 2.58 -5.23 3.11
C ARG A 35 1.81 -4.30 2.16
N LEU A 36 1.59 -4.77 0.91
CA LEU A 36 0.80 -4.07 -0.11
C LEU A 36 -0.40 -4.92 -0.53
N GLU A 37 -1.61 -4.53 -0.10
CA GLU A 37 -2.86 -5.26 -0.40
C GLU A 37 -3.54 -4.67 -1.65
N VAL A 38 -3.39 -5.35 -2.81
CA VAL A 38 -3.90 -4.87 -4.10
C VAL A 38 -5.39 -5.25 -4.20
N VAL A 39 -6.25 -4.33 -3.72
CA VAL A 39 -7.68 -4.57 -3.52
C VAL A 39 -8.44 -4.62 -4.86
N ASN A 40 -9.02 -5.80 -5.17
CA ASN A 40 -9.83 -6.04 -6.40
C ASN A 40 -9.05 -5.72 -7.68
N LYS A 41 -7.71 -5.71 -7.55
CA LYS A 41 -6.75 -5.31 -8.59
C LYS A 41 -6.88 -3.82 -9.04
N ARG A 42 -7.80 -3.06 -8.41
CA ARG A 42 -8.13 -1.68 -8.82
C ARG A 42 -7.11 -0.69 -8.28
N PHE A 43 -6.70 -0.94 -7.03
CA PHE A 43 -5.80 -0.06 -6.28
C PHE A 43 -5.04 -0.91 -5.26
N VAL A 44 -3.99 -0.32 -4.69
CA VAL A 44 -3.09 -0.98 -3.76
C VAL A 44 -3.13 -0.23 -2.43
N ARG A 45 -3.31 -0.97 -1.33
CA ARG A 45 -3.27 -0.42 0.02
C ARG A 45 -1.83 -0.51 0.53
N VAL A 46 -1.31 0.62 1.00
CA VAL A 46 -0.08 0.64 1.78
C VAL A 46 -0.50 0.33 3.23
N THR A 47 -0.20 -0.90 3.66
CA THR A 47 -0.49 -1.38 5.00
C THR A 47 0.76 -1.14 5.84
N PHE A 48 0.58 -0.53 7.00
CA PHE A 48 1.68 -0.16 7.88
C PHE A 48 2.04 -1.30 8.84
N THR A 49 3.28 -1.29 9.34
CA THR A 49 3.77 -2.22 10.37
C THR A 49 2.94 -2.02 11.67
N PRO A 50 2.59 -3.12 12.43
CA PRO A 50 1.53 -3.09 13.50
C PRO A 50 1.69 -1.96 14.55
N GLY A 51 2.94 -1.69 14.98
CA GLY A 51 3.24 -0.67 15.98
C GLY A 51 3.29 0.75 15.41
N LYS A 52 3.42 0.86 14.08
CA LYS A 52 3.43 2.15 13.36
C LYS A 52 2.10 2.38 12.61
N THR A 53 1.15 1.42 12.70
CA THR A 53 -0.15 1.52 12.02
C THR A 53 -0.98 2.67 12.62
N PRO A 54 -1.50 3.63 11.77
CA PRO A 54 -2.54 4.56 12.21
C PRO A 54 -3.82 3.75 12.55
N VAL A 55 -3.90 3.34 13.84
CA VAL A 55 -4.97 2.49 14.38
C VAL A 55 -6.32 3.21 14.40
N ASP A 56 -6.30 4.52 14.13
CA ASP A 56 -7.51 5.35 13.90
C ASP A 56 -8.36 4.79 12.73
N GLY A 57 -7.70 4.04 11.82
CA GLY A 57 -8.35 3.25 10.76
C GLY A 57 -7.79 3.53 9.37
N GLN A 58 -7.36 4.79 9.16
CA GLN A 58 -7.05 5.31 7.82
C GLN A 58 -5.62 4.95 7.41
N TYR A 59 -5.52 3.91 6.56
CA TYR A 59 -4.30 3.60 5.80
C TYR A 59 -4.17 4.59 4.64
N VAL A 60 -3.06 4.50 3.91
CA VAL A 60 -2.88 5.24 2.66
C VAL A 60 -2.89 4.22 1.50
N TRP A 61 -3.29 4.68 0.30
CA TRP A 61 -3.46 3.80 -0.87
C TRP A 61 -3.29 4.59 -2.18
N PHE A 62 -2.94 3.88 -3.26
CA PHE A 62 -2.70 4.48 -4.58
C PHE A 62 -3.29 3.57 -5.67
N ASN A 63 -3.91 4.18 -6.69
CA ASN A 63 -4.54 3.47 -7.82
C ASN A 63 -3.46 3.06 -8.85
N ILE A 64 -3.62 1.88 -9.47
CA ILE A 64 -2.69 1.37 -10.51
C ILE A 64 -3.46 1.15 -11.83
N GLY A 65 -2.82 1.50 -12.96
CA GLY A 65 -3.41 1.28 -14.29
C GLY A 65 -3.39 -0.19 -14.67
N SER A 66 -2.24 -0.84 -14.46
CA SER A 66 -2.06 -2.29 -14.69
C SER A 66 -1.37 -2.90 -13.45
N VAL A 67 -1.84 -4.10 -13.06
CA VAL A 67 -1.23 -4.90 -11.97
C VAL A 67 0.21 -5.32 -12.33
N ASP A 68 0.42 -5.73 -13.60
CA ASP A 68 1.76 -6.13 -14.11
C ASP A 68 2.75 -4.96 -14.04
N THR A 69 2.25 -3.76 -14.37
CA THR A 69 3.03 -2.52 -14.31
C THR A 69 3.45 -2.21 -12.85
N PHE A 70 2.49 -2.35 -11.92
CA PHE A 70 2.72 -2.23 -10.47
C PHE A 70 3.85 -3.15 -10.01
N GLU A 71 3.80 -4.42 -10.43
CA GLU A 71 4.78 -5.44 -10.05
C GLU A 71 6.18 -5.08 -10.57
N ARG A 72 6.27 -4.70 -11.86
CA ARG A 72 7.55 -4.37 -12.52
C ARG A 72 8.23 -3.18 -11.83
N ASN A 73 7.43 -2.13 -11.53
CA ASN A 73 7.90 -0.92 -10.84
C ASN A 73 8.38 -1.26 -9.42
N LEU A 74 7.55 -2.05 -8.70
CA LEU A 74 7.81 -2.46 -7.32
C LEU A 74 9.12 -3.28 -7.20
N GLU A 75 9.27 -4.28 -8.07
CA GLU A 75 10.46 -5.17 -8.08
C GLU A 75 11.74 -4.36 -8.36
N THR A 76 11.71 -3.52 -9.41
CA THR A 76 12.83 -2.65 -9.80
C THR A 76 13.25 -1.74 -8.62
N LEU A 77 12.23 -1.00 -8.13
CA LEU A 77 12.29 -0.13 -6.94
C LEU A 77 12.99 -0.79 -5.74
N GLN A 78 12.53 -2.01 -5.43
CA GLN A 78 13.05 -2.80 -4.31
C GLN A 78 14.53 -3.18 -4.53
N GLN A 79 14.89 -3.56 -5.76
CA GLN A 79 16.28 -3.94 -6.11
C GLN A 79 17.22 -2.72 -5.95
N GLU A 80 16.72 -1.54 -6.35
CA GLU A 80 17.43 -0.24 -6.19
C GLU A 80 17.71 0.05 -4.70
N LEU A 81 16.73 -0.27 -3.84
CA LEU A 81 16.82 -0.07 -2.38
C LEU A 81 17.54 -1.24 -1.67
N GLY A 82 17.83 -2.33 -2.42
CA GLY A 82 18.47 -3.53 -1.86
C GLY A 82 17.49 -4.46 -1.14
N ILE A 83 16.19 -4.14 -1.23
CA ILE A 83 15.07 -4.91 -0.66
C ILE A 83 14.80 -6.15 -1.54
N GLU A 84 15.16 -7.34 -1.03
CA GLU A 84 15.03 -8.63 -1.76
C GLU A 84 14.82 -9.78 -0.77
N GLY A 85 14.62 -11.00 -1.32
CA GLY A 85 14.47 -12.23 -0.52
C GLY A 85 13.22 -12.24 0.35
N GLU A 86 13.40 -12.45 1.66
CA GLU A 86 12.30 -12.47 2.64
C GLU A 86 11.98 -11.03 3.14
N ASN A 87 12.84 -10.07 2.77
CA ASN A 87 12.72 -8.66 3.18
C ASN A 87 11.82 -7.87 2.21
N ARG A 88 11.52 -8.46 1.03
CA ARG A 88 10.63 -7.80 0.03
C ARG A 88 9.22 -7.62 0.60
N VAL A 89 8.55 -6.52 0.17
CA VAL A 89 7.23 -6.16 0.68
C VAL A 89 6.19 -7.23 0.24
N PRO A 90 5.55 -7.98 1.21
CA PRO A 90 4.54 -9.02 0.91
C PRO A 90 3.34 -8.42 0.16
N VAL A 91 3.11 -8.88 -1.08
CA VAL A 91 2.03 -8.33 -1.92
C VAL A 91 0.85 -9.32 -1.91
N VAL A 92 -0.33 -8.81 -1.55
CA VAL A 92 -1.56 -9.59 -1.44
C VAL A 92 -2.50 -9.15 -2.56
N TYR A 93 -2.50 -9.88 -3.68
CA TYR A 93 -3.36 -9.58 -4.83
C TYR A 93 -4.76 -10.07 -4.49
N ILE A 94 -5.62 -9.13 -4.10
CA ILE A 94 -7.00 -9.39 -3.68
C ILE A 94 -7.94 -9.19 -4.88
N ALA A 95 -8.98 -10.04 -4.98
CA ALA A 95 -10.03 -9.93 -6.00
C ALA A 95 -11.38 -10.36 -5.39
N GLU A 96 -12.01 -9.45 -4.64
CA GLU A 96 -13.32 -9.69 -3.98
C GLU A 96 -14.47 -9.42 -4.95
N SER A 97 -15.62 -10.07 -4.70
CA SER A 97 -16.86 -9.85 -5.45
C SER A 97 -17.47 -8.49 -5.04
N ASP A 98 -17.11 -8.04 -3.82
CA ASP A 98 -17.52 -6.74 -3.24
C ASP A 98 -19.03 -6.70 -2.97
N GLY A 99 -19.83 -6.53 -4.03
CA GLY A 99 -21.27 -6.64 -3.96
C GLY A 99 -21.73 -8.10 -4.12
N MET A 1 0.97 27.63 7.72
CA MET A 1 1.07 26.29 7.09
C MET A 1 1.92 25.33 7.94
N GLY A 2 1.99 24.05 7.52
CA GLY A 2 2.67 23.01 8.27
C GLY A 2 1.71 22.25 9.16
N HIS A 3 2.22 21.68 10.26
CA HIS A 3 1.40 20.90 11.21
C HIS A 3 0.52 21.83 12.05
N HIS A 4 -0.79 21.89 11.70
CA HIS A 4 -1.80 22.64 12.47
C HIS A 4 -2.15 21.83 13.75
N HIS A 5 -2.23 22.52 14.91
CA HIS A 5 -2.47 21.87 16.22
C HIS A 5 -3.87 21.20 16.29
N HIS A 6 -3.90 19.98 15.73
CA HIS A 6 -5.07 19.11 15.61
C HIS A 6 -4.69 17.96 14.68
N HIS A 7 -4.92 16.71 15.10
CA HIS A 7 -4.66 15.53 14.26
C HIS A 7 -5.76 15.38 13.20
N HIS A 8 -5.33 15.27 11.92
CA HIS A 8 -6.22 15.17 10.74
C HIS A 8 -7.09 13.90 10.82
N SER A 9 -8.41 14.06 10.62
CA SER A 9 -9.39 12.94 10.63
C SER A 9 -9.29 12.12 9.33
N HIS A 10 -8.55 11.01 9.40
CA HIS A 10 -8.42 10.02 8.31
C HIS A 10 -9.40 8.88 8.58
N MET A 11 -10.59 8.91 7.94
CA MET A 11 -11.69 7.99 8.27
C MET A 11 -12.58 7.73 7.04
N LYS A 12 -13.17 8.80 6.50
CA LYS A 12 -14.19 8.72 5.43
C LYS A 12 -13.53 8.71 4.04
N ARG A 13 -12.96 7.51 3.66
CA ARG A 13 -12.46 7.11 2.29
C ARG A 13 -11.26 6.13 2.48
N SER A 14 -11.40 5.23 3.48
CA SER A 14 -10.39 4.18 3.84
C SER A 14 -8.98 4.79 4.05
N GLY A 15 -8.94 5.98 4.65
CA GLY A 15 -7.70 6.72 4.81
C GLY A 15 -7.41 7.64 3.63
N ARG A 16 -6.12 7.87 3.37
CA ARG A 16 -5.66 8.85 2.35
C ARG A 16 -5.24 8.14 1.07
N GLU A 17 -5.67 8.69 -0.07
CA GLU A 17 -5.16 8.27 -1.37
C GLU A 17 -3.94 9.12 -1.74
N ILE A 18 -2.78 8.45 -1.85
CA ILE A 18 -1.52 9.10 -2.24
C ILE A 18 -1.17 8.71 -3.70
N THR A 19 -0.02 9.18 -4.18
CA THR A 19 0.55 8.73 -5.46
C THR A 19 1.62 7.65 -5.17
N TRP A 20 2.02 6.91 -6.23
CA TRP A 20 3.15 5.98 -6.16
C TRP A 20 4.43 6.71 -5.68
N LYS A 21 4.65 7.97 -6.19
CA LYS A 21 5.80 8.82 -5.83
C LYS A 21 5.94 8.99 -4.31
N ASP A 22 4.83 9.43 -3.65
CA ASP A 22 4.77 9.61 -2.19
C ASP A 22 5.22 8.32 -1.52
N PHE A 23 4.54 7.23 -1.91
CA PHE A 23 4.72 5.89 -1.32
C PHE A 23 6.20 5.48 -1.29
N VAL A 24 6.92 5.69 -2.41
CA VAL A 24 8.35 5.39 -2.51
C VAL A 24 9.15 6.10 -1.40
N ASN A 25 9.13 7.44 -1.44
CA ASN A 25 10.05 8.27 -0.63
C ASN A 25 9.77 8.16 0.89
N ASN A 26 8.49 8.17 1.31
CA ASN A 26 8.13 8.21 2.74
C ASN A 26 7.87 6.82 3.37
N TYR A 27 7.55 5.80 2.55
CA TYR A 27 7.06 4.51 3.09
C TYR A 27 7.94 3.31 2.67
N LEU A 28 7.93 3.00 1.36
CA LEU A 28 8.59 1.81 0.80
C LEU A 28 10.10 1.82 1.08
N SER A 29 10.76 2.95 0.81
CA SER A 29 12.21 3.11 1.04
C SER A 29 12.60 3.03 2.53
N LYS A 30 11.63 3.25 3.42
CA LYS A 30 11.85 3.23 4.88
C LYS A 30 11.35 1.92 5.50
N GLY A 31 10.75 1.05 4.66
CA GLY A 31 10.18 -0.24 5.08
C GLY A 31 9.19 -0.18 6.25
N VAL A 32 8.41 0.93 6.33
CA VAL A 32 7.41 1.13 7.42
C VAL A 32 6.10 0.39 7.10
N VAL A 33 6.04 -0.23 5.92
CA VAL A 33 4.85 -0.90 5.39
C VAL A 33 4.95 -2.40 5.68
N ASP A 34 3.84 -2.97 6.14
CA ASP A 34 3.74 -4.39 6.49
C ASP A 34 3.40 -5.23 5.25
N ARG A 35 2.36 -4.79 4.50
CA ARG A 35 1.81 -5.53 3.35
C ARG A 35 1.12 -4.56 2.34
N LEU A 36 1.17 -4.95 1.05
CA LEU A 36 0.57 -4.22 -0.07
C LEU A 36 -0.49 -5.11 -0.71
N GLU A 37 -1.75 -4.81 -0.42
CA GLU A 37 -2.86 -5.69 -0.79
C GLU A 37 -3.53 -5.16 -2.07
N VAL A 38 -3.36 -5.87 -3.19
CA VAL A 38 -3.88 -5.44 -4.48
C VAL A 38 -5.35 -5.88 -4.53
N VAL A 39 -6.26 -4.95 -4.23
CA VAL A 39 -7.69 -5.25 -4.11
C VAL A 39 -8.39 -5.01 -5.45
N ASN A 40 -9.03 -6.09 -5.97
CA ASN A 40 -9.80 -6.10 -7.23
C ASN A 40 -8.97 -5.69 -8.46
N LYS A 41 -7.62 -5.76 -8.33
CA LYS A 41 -6.65 -5.28 -9.36
C LYS A 41 -6.77 -3.76 -9.64
N ARG A 42 -7.62 -3.08 -8.86
CA ARG A 42 -7.98 -1.67 -9.05
C ARG A 42 -6.98 -0.76 -8.34
N PHE A 43 -6.72 -1.10 -7.07
CA PHE A 43 -5.91 -0.26 -6.17
C PHE A 43 -5.13 -1.16 -5.22
N VAL A 44 -4.20 -0.55 -4.49
CA VAL A 44 -3.36 -1.23 -3.50
C VAL A 44 -3.56 -0.60 -2.12
N ARG A 45 -3.94 -1.45 -1.17
CA ARG A 45 -4.15 -1.11 0.24
C ARG A 45 -2.79 -1.14 0.93
N VAL A 46 -2.28 0.04 1.30
CA VAL A 46 -1.00 0.15 2.01
C VAL A 46 -1.30 -0.01 3.51
N THR A 47 -0.91 -1.16 4.05
CA THR A 47 -1.10 -1.50 5.45
C THR A 47 0.26 -1.44 6.15
N PHE A 48 0.31 -0.70 7.24
CA PHE A 48 1.55 -0.36 7.96
C PHE A 48 1.74 -1.24 9.20
N THR A 49 2.94 -1.13 9.77
CA THR A 49 3.35 -1.87 10.96
C THR A 49 2.96 -1.06 12.24
N PRO A 50 2.32 -1.72 13.27
CA PRO A 50 1.97 -1.07 14.56
C PRO A 50 3.17 -0.46 15.32
N GLY A 51 4.39 -0.91 14.96
CA GLY A 51 5.63 -0.38 15.54
C GLY A 51 5.88 1.06 15.15
N LYS A 52 5.66 1.38 13.86
CA LYS A 52 5.82 2.74 13.32
C LYS A 52 4.52 3.55 13.53
N THR A 53 3.44 3.11 12.87
CA THR A 53 2.15 3.81 12.91
C THR A 53 1.37 3.46 14.20
N PRO A 54 0.70 4.46 14.86
CA PRO A 54 -0.19 4.22 16.02
C PRO A 54 -1.54 3.58 15.59
N VAL A 55 -2.63 3.83 16.35
CA VAL A 55 -3.95 3.17 16.12
C VAL A 55 -4.51 3.37 14.70
N ASP A 56 -4.06 4.44 14.01
CA ASP A 56 -4.34 4.65 12.58
C ASP A 56 -3.11 5.28 11.90
N GLY A 57 -2.56 6.36 12.52
CA GLY A 57 -1.51 7.16 11.91
C GLY A 57 -1.99 7.80 10.62
N GLN A 58 -1.76 7.09 9.51
CA GLN A 58 -2.33 7.41 8.20
C GLN A 58 -2.21 6.20 7.27
N TYR A 59 -3.18 5.27 7.37
CA TYR A 59 -3.32 4.16 6.42
C TYR A 59 -3.72 4.71 5.06
N VAL A 60 -2.82 4.55 4.11
CA VAL A 60 -2.98 5.12 2.76
C VAL A 60 -3.21 4.01 1.73
N TRP A 61 -3.53 4.43 0.52
CA TRP A 61 -3.75 3.54 -0.63
C TRP A 61 -3.61 4.34 -1.92
N PHE A 62 -3.48 3.64 -3.05
CA PHE A 62 -3.33 4.28 -4.38
C PHE A 62 -3.86 3.36 -5.48
N ASN A 63 -4.49 3.97 -6.51
CA ASN A 63 -5.12 3.22 -7.62
C ASN A 63 -4.08 2.98 -8.73
N ILE A 64 -3.87 1.70 -9.07
CA ILE A 64 -2.80 1.29 -9.99
C ILE A 64 -3.29 1.15 -11.43
N GLY A 65 -4.50 0.59 -11.62
CA GLY A 65 -5.01 0.26 -12.95
C GLY A 65 -4.22 -0.87 -13.61
N SER A 66 -3.00 -0.56 -14.08
CA SER A 66 -2.07 -1.55 -14.60
C SER A 66 -1.33 -2.22 -13.44
N VAL A 67 -1.80 -3.41 -13.07
CA VAL A 67 -1.14 -4.32 -12.10
C VAL A 67 0.31 -4.60 -12.52
N ASP A 68 0.50 -4.79 -13.85
CA ASP A 68 1.82 -5.00 -14.46
C ASP A 68 2.78 -3.88 -14.08
N THR A 69 2.39 -2.62 -14.36
CA THR A 69 3.22 -1.43 -14.10
C THR A 69 3.57 -1.31 -12.60
N PHE A 70 2.56 -1.54 -11.71
CA PHE A 70 2.76 -1.60 -10.25
C PHE A 70 3.92 -2.56 -9.89
N GLU A 71 3.88 -3.78 -10.44
CA GLU A 71 4.86 -4.83 -10.15
C GLU A 71 6.24 -4.47 -10.73
N ARG A 72 6.28 -4.03 -12.01
CA ARG A 72 7.53 -3.67 -12.72
C ARG A 72 8.34 -2.66 -11.89
N ASN A 73 7.64 -1.60 -11.45
CA ASN A 73 8.20 -0.54 -10.61
C ASN A 73 8.60 -1.08 -9.24
N LEU A 74 7.65 -1.75 -8.54
CA LEU A 74 7.83 -2.24 -7.16
C LEU A 74 9.05 -3.16 -7.03
N GLU A 75 9.10 -4.20 -7.89
CA GLU A 75 10.15 -5.20 -7.86
C GLU A 75 11.54 -4.60 -8.14
N THR A 76 11.64 -3.83 -9.24
CA THR A 76 12.90 -3.19 -9.66
C THR A 76 13.38 -2.19 -8.59
N LEU A 77 12.46 -1.34 -8.13
CA LEU A 77 12.69 -0.29 -7.13
C LEU A 77 13.26 -0.83 -5.81
N GLN A 78 12.68 -1.95 -5.30
CA GLN A 78 13.16 -2.56 -4.05
C GLN A 78 14.57 -3.13 -4.24
N GLN A 79 14.86 -3.66 -5.45
CA GLN A 79 16.21 -4.12 -5.82
C GLN A 79 17.22 -2.95 -5.89
N GLU A 80 16.75 -1.78 -6.41
CA GLU A 80 17.57 -0.55 -6.53
C GLU A 80 17.88 0.06 -5.15
N LEU A 81 16.89 -0.03 -4.24
CA LEU A 81 16.99 0.45 -2.86
C LEU A 81 17.83 -0.51 -1.98
N GLY A 82 17.98 -1.77 -2.45
CA GLY A 82 18.69 -2.81 -1.69
C GLY A 82 17.77 -3.62 -0.77
N ILE A 83 16.44 -3.37 -0.87
CA ILE A 83 15.40 -4.09 -0.13
C ILE A 83 15.26 -5.53 -0.71
N GLU A 84 15.69 -6.55 0.06
CA GLU A 84 15.76 -7.95 -0.42
C GLU A 84 14.96 -8.90 0.48
N GLY A 85 14.35 -9.92 -0.17
CA GLY A 85 13.72 -11.05 0.49
C GLY A 85 12.66 -10.67 1.53
N GLU A 86 12.95 -11.01 2.81
CA GLU A 86 12.02 -10.85 3.94
C GLU A 86 11.70 -9.37 4.21
N ASN A 87 12.61 -8.46 3.85
CA ASN A 87 12.43 -7.01 4.08
C ASN A 87 11.50 -6.39 3.01
N ARG A 88 11.37 -7.08 1.85
CA ARG A 88 10.42 -6.67 0.79
C ARG A 88 8.98 -6.76 1.30
N VAL A 89 8.17 -5.77 0.93
CA VAL A 89 6.77 -5.69 1.37
C VAL A 89 5.92 -6.72 0.57
N PRO A 90 5.33 -7.76 1.24
CA PRO A 90 4.52 -8.82 0.56
C PRO A 90 3.31 -8.25 -0.19
N VAL A 91 3.03 -8.81 -1.36
CA VAL A 91 1.96 -8.35 -2.25
C VAL A 91 0.80 -9.36 -2.19
N VAL A 92 -0.33 -8.92 -1.62
CA VAL A 92 -1.47 -9.79 -1.31
C VAL A 92 -2.64 -9.44 -2.23
N TYR A 93 -2.80 -10.21 -3.32
CA TYR A 93 -3.91 -10.05 -4.25
C TYR A 93 -5.22 -10.49 -3.60
N ILE A 94 -6.04 -9.53 -3.18
CA ILE A 94 -7.40 -9.77 -2.70
C ILE A 94 -8.35 -9.46 -3.86
N ALA A 95 -9.29 -10.37 -4.15
CA ALA A 95 -10.32 -10.16 -5.20
C ALA A 95 -11.71 -10.33 -4.56
N GLU A 96 -12.30 -9.20 -4.17
CA GLU A 96 -13.58 -9.17 -3.44
C GLU A 96 -14.48 -8.05 -3.98
N SER A 97 -15.60 -8.43 -4.61
CA SER A 97 -16.64 -7.49 -5.06
C SER A 97 -17.37 -6.88 -3.86
N ASP A 98 -17.88 -5.64 -4.03
CA ASP A 98 -18.63 -4.92 -2.99
C ASP A 98 -20.06 -5.50 -2.87
N GLY A 99 -20.20 -6.53 -2.03
CA GLY A 99 -21.51 -7.12 -1.73
C GLY A 99 -21.41 -8.24 -0.70
N MET A 1 -15.06 5.51 32.80
CA MET A 1 -14.96 4.29 31.96
C MET A 1 -16.32 3.96 31.35
N GLY A 2 -16.32 2.98 30.43
CA GLY A 2 -17.48 2.66 29.60
C GLY A 2 -17.34 3.30 28.24
N HIS A 3 -17.79 4.57 28.12
CA HIS A 3 -17.63 5.43 26.91
C HIS A 3 -18.27 4.79 25.65
N HIS A 4 -19.29 3.93 25.87
CA HIS A 4 -20.09 3.31 24.80
C HIS A 4 -21.59 3.50 25.14
N HIS A 5 -22.24 4.47 24.47
CA HIS A 5 -23.64 4.79 24.75
C HIS A 5 -24.56 3.79 24.02
N HIS A 6 -24.77 3.98 22.68
CA HIS A 6 -25.54 3.02 21.82
C HIS A 6 -25.28 3.27 20.32
N HIS A 7 -24.86 4.49 19.96
CA HIS A 7 -24.73 4.94 18.54
C HIS A 7 -23.63 4.12 17.80
N HIS A 8 -22.57 3.75 18.56
CA HIS A 8 -21.42 2.93 18.07
C HIS A 8 -20.57 3.70 17.03
N SER A 9 -20.71 5.05 17.01
CA SER A 9 -19.95 5.92 16.10
C SER A 9 -18.48 6.05 16.55
N HIS A 10 -17.67 5.07 16.12
CA HIS A 10 -16.22 5.00 16.41
C HIS A 10 -15.46 4.73 15.10
N MET A 11 -14.24 4.16 15.18
CA MET A 11 -13.38 3.86 14.01
C MET A 11 -14.14 3.00 12.97
N LYS A 12 -14.11 3.43 11.69
CA LYS A 12 -14.83 2.78 10.56
C LYS A 12 -13.83 2.53 9.39
N ARG A 13 -12.56 2.25 9.76
CA ARG A 13 -11.44 2.09 8.81
C ARG A 13 -11.24 3.38 7.98
N SER A 14 -10.39 4.28 8.46
CA SER A 14 -10.06 5.50 7.74
C SER A 14 -9.06 5.18 6.60
N GLY A 15 -9.44 5.49 5.36
CA GLY A 15 -8.58 5.33 4.18
C GLY A 15 -8.25 6.67 3.54
N ARG A 16 -7.08 6.79 2.92
CA ARG A 16 -6.61 8.03 2.27
C ARG A 16 -5.91 7.70 0.95
N GLU A 17 -6.31 8.36 -0.14
CA GLU A 17 -5.68 8.17 -1.45
C GLU A 17 -4.38 9.01 -1.52
N ILE A 18 -3.35 8.44 -2.13
CA ILE A 18 -2.03 9.06 -2.33
C ILE A 18 -1.56 8.75 -3.77
N THR A 19 -0.33 9.16 -4.10
CA THR A 19 0.31 8.79 -5.37
C THR A 19 1.39 7.73 -5.13
N TRP A 20 1.84 7.08 -6.23
CA TRP A 20 3.03 6.20 -6.23
C TRP A 20 4.26 6.97 -5.71
N LYS A 21 4.37 8.27 -6.07
CA LYS A 21 5.43 9.17 -5.58
C LYS A 21 5.44 9.27 -4.04
N ASP A 22 4.26 9.45 -3.43
CA ASP A 22 4.09 9.45 -1.96
C ASP A 22 4.52 8.10 -1.36
N PHE A 23 4.05 7.01 -2.00
CA PHE A 23 4.33 5.64 -1.56
C PHE A 23 5.85 5.39 -1.44
N VAL A 24 6.59 5.65 -2.53
CA VAL A 24 8.04 5.41 -2.61
C VAL A 24 8.79 6.17 -1.51
N ASN A 25 8.71 7.51 -1.57
CA ASN A 25 9.54 8.40 -0.74
C ASN A 25 9.16 8.29 0.74
N ASN A 26 7.87 8.48 1.03
CA ASN A 26 7.38 8.72 2.40
C ASN A 26 7.07 7.41 3.14
N TYR A 27 6.97 6.27 2.43
CA TYR A 27 6.56 4.99 3.07
C TYR A 27 7.59 3.87 2.83
N LEU A 28 7.74 3.44 1.56
CA LEU A 28 8.56 2.28 1.17
C LEU A 28 10.04 2.48 1.55
N SER A 29 10.60 3.65 1.22
CA SER A 29 12.00 4.00 1.50
C SER A 29 12.28 4.19 3.01
N LYS A 30 11.22 4.37 3.82
CA LYS A 30 11.34 4.48 5.30
C LYS A 30 11.15 3.11 5.98
N GLY A 31 10.80 2.08 5.19
CA GLY A 31 10.52 0.74 5.71
C GLY A 31 9.37 0.68 6.72
N VAL A 32 8.35 1.54 6.51
CA VAL A 32 7.15 1.56 7.38
C VAL A 32 6.03 0.67 6.80
N VAL A 33 6.31 0.00 5.66
CA VAL A 33 5.30 -0.83 4.97
C VAL A 33 5.44 -2.31 5.37
N ASP A 34 4.33 -2.90 5.84
CA ASP A 34 4.26 -4.31 6.26
C ASP A 34 3.92 -5.18 5.04
N ARG A 35 2.87 -4.77 4.32
CA ARG A 35 2.37 -5.49 3.14
C ARG A 35 1.62 -4.51 2.22
N LEU A 36 1.43 -4.91 0.95
CA LEU A 36 0.63 -4.16 -0.02
C LEU A 36 -0.57 -5.01 -0.45
N GLU A 37 -1.75 -4.66 0.09
CA GLU A 37 -3.00 -5.36 -0.18
C GLU A 37 -3.67 -4.76 -1.43
N VAL A 38 -3.51 -5.44 -2.56
CA VAL A 38 -3.94 -4.94 -3.87
C VAL A 38 -5.35 -5.45 -4.13
N VAL A 39 -6.34 -4.64 -3.74
CA VAL A 39 -7.75 -5.00 -3.82
C VAL A 39 -8.27 -4.73 -5.25
N ASN A 40 -8.97 -5.74 -5.80
CA ASN A 40 -9.70 -5.65 -7.07
C ASN A 40 -8.75 -5.47 -8.28
N LYS A 41 -7.42 -5.64 -8.06
CA LYS A 41 -6.35 -5.29 -9.03
C LYS A 41 -6.37 -3.78 -9.41
N ARG A 42 -7.25 -3.01 -8.75
CA ARG A 42 -7.59 -1.63 -9.11
C ARG A 42 -6.73 -0.64 -8.34
N PHE A 43 -6.47 -0.98 -7.07
CA PHE A 43 -5.73 -0.11 -6.16
C PHE A 43 -4.95 -0.95 -5.16
N VAL A 44 -3.85 -0.37 -4.70
CA VAL A 44 -2.91 -1.00 -3.78
C VAL A 44 -3.01 -0.28 -2.43
N ARG A 45 -3.23 -1.03 -1.35
CA ARG A 45 -3.38 -0.48 -0.01
C ARG A 45 -2.07 -0.69 0.77
N VAL A 46 -1.51 0.42 1.24
CA VAL A 46 -0.26 0.45 2.01
C VAL A 46 -0.58 0.15 3.47
N THR A 47 -0.14 -1.01 3.94
CA THR A 47 -0.26 -1.41 5.34
C THR A 47 1.01 -0.97 6.07
N PHE A 48 0.86 -0.38 7.26
CA PHE A 48 2.01 0.01 8.10
C PHE A 48 2.46 -1.18 8.96
N THR A 49 3.78 -1.25 9.25
CA THR A 49 4.35 -2.28 10.13
C THR A 49 3.82 -2.15 11.57
N PRO A 50 3.42 -3.29 12.24
CA PRO A 50 2.88 -3.30 13.63
C PRO A 50 3.87 -2.67 14.65
N GLY A 51 3.65 -1.37 14.93
CA GLY A 51 4.53 -0.59 15.80
C GLY A 51 4.74 0.82 15.25
N LYS A 52 5.05 0.88 13.93
CA LYS A 52 5.11 2.14 13.16
C LYS A 52 3.70 2.55 12.71
N THR A 53 2.71 1.66 12.95
CA THR A 53 1.28 1.97 12.84
C THR A 53 0.92 3.10 13.82
N PRO A 54 0.62 4.34 13.31
CA PRO A 54 0.27 5.51 14.17
C PRO A 54 -1.05 5.31 14.95
N VAL A 55 -1.28 6.18 15.95
CA VAL A 55 -2.49 6.14 16.79
C VAL A 55 -3.77 6.44 15.98
N ASP A 56 -3.59 7.01 14.78
CA ASP A 56 -4.69 7.28 13.84
C ASP A 56 -5.42 5.99 13.45
N GLY A 57 -4.62 4.94 13.21
CA GLY A 57 -5.13 3.63 12.76
C GLY A 57 -5.49 3.60 11.28
N GLN A 58 -5.33 4.75 10.61
CA GLN A 58 -5.70 4.93 9.20
C GLN A 58 -4.67 4.30 8.27
N TYR A 59 -5.07 4.09 7.02
CA TYR A 59 -4.21 3.54 5.97
C TYR A 59 -4.27 4.42 4.74
N VAL A 60 -3.20 4.40 3.97
CA VAL A 60 -3.12 5.09 2.69
C VAL A 60 -3.12 4.04 1.58
N TRP A 61 -3.48 4.48 0.38
CA TRP A 61 -3.63 3.62 -0.79
C TRP A 61 -3.54 4.47 -2.05
N PHE A 62 -3.35 3.83 -3.20
CA PHE A 62 -3.24 4.51 -4.50
C PHE A 62 -3.78 3.60 -5.60
N ASN A 63 -4.49 4.19 -6.57
CA ASN A 63 -5.08 3.42 -7.68
C ASN A 63 -4.04 3.32 -8.79
N ILE A 64 -3.86 2.09 -9.32
CA ILE A 64 -2.87 1.79 -10.37
C ILE A 64 -3.59 1.62 -11.71
N GLY A 65 -2.96 2.14 -12.78
CA GLY A 65 -3.49 1.99 -14.14
C GLY A 65 -3.27 0.59 -14.66
N SER A 66 -2.09 0.03 -14.39
CA SER A 66 -1.72 -1.34 -14.76
C SER A 66 -1.09 -2.07 -13.55
N VAL A 67 -1.57 -3.31 -13.30
CA VAL A 67 -0.98 -4.22 -12.29
C VAL A 67 0.46 -4.61 -12.68
N ASP A 68 0.70 -4.75 -14.01
CA ASP A 68 2.04 -5.04 -14.57
C ASP A 68 3.03 -3.95 -14.17
N THR A 69 2.62 -2.69 -14.39
CA THR A 69 3.45 -1.52 -14.11
C THR A 69 3.80 -1.42 -12.62
N PHE A 70 2.78 -1.63 -11.75
CA PHE A 70 2.95 -1.66 -10.29
C PHE A 70 4.03 -2.69 -9.88
N GLU A 71 3.88 -3.92 -10.40
CA GLU A 71 4.73 -5.05 -10.03
C GLU A 71 6.18 -4.86 -10.48
N ARG A 72 6.39 -4.51 -11.75
CA ARG A 72 7.75 -4.39 -12.32
C ARG A 72 8.51 -3.22 -11.68
N ASN A 73 7.80 -2.12 -11.38
CA ASN A 73 8.38 -0.96 -10.70
C ASN A 73 8.72 -1.32 -9.26
N LEU A 74 7.80 -2.04 -8.59
CA LEU A 74 7.97 -2.43 -7.19
C LEU A 74 9.23 -3.30 -7.00
N GLU A 75 9.36 -4.38 -7.78
CA GLU A 75 10.49 -5.32 -7.67
C GLU A 75 11.85 -4.65 -7.99
N THR A 76 11.87 -3.79 -9.03
CA THR A 76 13.08 -3.06 -9.47
C THR A 76 13.53 -2.03 -8.40
N LEU A 77 12.57 -1.14 -8.05
CA LEU A 77 12.73 -0.12 -6.99
C LEU A 77 13.22 -0.71 -5.65
N GLN A 78 12.67 -1.89 -5.27
CA GLN A 78 13.12 -2.61 -4.06
C GLN A 78 14.59 -3.05 -4.21
N GLN A 79 14.97 -3.56 -5.40
CA GLN A 79 16.35 -3.97 -5.70
C GLN A 79 17.32 -2.77 -5.66
N GLU A 80 16.83 -1.57 -6.03
CA GLU A 80 17.57 -0.31 -5.89
C GLU A 80 17.84 0.01 -4.41
N LEU A 81 16.84 -0.29 -3.55
CA LEU A 81 16.93 -0.12 -2.09
C LEU A 81 17.75 -1.28 -1.43
N GLY A 82 17.98 -2.38 -2.19
CA GLY A 82 18.66 -3.57 -1.67
C GLY A 82 17.72 -4.52 -0.92
N ILE A 83 16.41 -4.39 -1.20
CA ILE A 83 15.32 -5.20 -0.62
C ILE A 83 15.01 -6.41 -1.53
N GLU A 84 14.93 -7.62 -0.93
CA GLU A 84 14.53 -8.87 -1.62
C GLU A 84 14.22 -9.96 -0.57
N GLY A 85 13.48 -11.00 -1.00
CA GLY A 85 13.19 -12.18 -0.19
C GLY A 85 12.56 -11.89 1.17
N GLU A 86 13.42 -11.75 2.19
CA GLU A 86 13.03 -11.62 3.61
C GLU A 86 12.36 -10.26 3.86
N ASN A 87 13.01 -9.21 3.33
CA ASN A 87 12.59 -7.80 3.54
C ASN A 87 11.64 -7.33 2.43
N ARG A 88 11.42 -8.18 1.42
CA ARG A 88 10.55 -7.84 0.27
C ARG A 88 9.09 -7.81 0.71
N VAL A 89 8.41 -6.69 0.38
CA VAL A 89 7.07 -6.38 0.89
C VAL A 89 6.02 -7.40 0.36
N PRO A 90 5.41 -8.24 1.27
CA PRO A 90 4.33 -9.20 0.89
C PRO A 90 3.15 -8.52 0.18
N VAL A 91 2.83 -8.98 -1.04
CA VAL A 91 1.73 -8.43 -1.84
C VAL A 91 0.54 -9.40 -1.76
N VAL A 92 -0.62 -8.90 -1.28
CA VAL A 92 -1.81 -9.71 -1.01
C VAL A 92 -2.96 -9.19 -1.89
N TYR A 93 -3.19 -9.85 -3.04
CA TYR A 93 -4.31 -9.53 -3.93
C TYR A 93 -5.63 -10.00 -3.29
N ILE A 94 -6.53 -9.04 -3.01
CA ILE A 94 -7.84 -9.31 -2.39
C ILE A 94 -8.93 -9.12 -3.45
N ALA A 95 -9.96 -9.95 -3.42
CA ALA A 95 -11.15 -9.80 -4.30
C ALA A 95 -12.17 -8.89 -3.61
N GLU A 96 -12.83 -8.04 -4.41
CA GLU A 96 -13.93 -7.17 -3.95
C GLU A 96 -14.81 -6.82 -5.16
N SER A 97 -16.09 -6.46 -4.91
CA SER A 97 -17.08 -6.18 -5.98
C SER A 97 -17.24 -7.41 -6.90
N ASP A 98 -17.01 -8.58 -6.30
CA ASP A 98 -17.04 -9.87 -6.99
C ASP A 98 -18.46 -10.43 -7.00
N GLY A 99 -19.15 -10.23 -8.12
CA GLY A 99 -20.50 -10.73 -8.32
C GLY A 99 -20.98 -10.39 -9.73
N MET A 1 -18.28 -2.92 -4.91
CA MET A 1 -19.42 -3.10 -4.00
C MET A 1 -19.63 -1.83 -3.16
N GLY A 2 -20.75 -1.79 -2.42
CA GLY A 2 -20.99 -0.80 -1.37
C GLY A 2 -20.68 -1.38 0.00
N HIS A 3 -19.95 -0.63 0.83
CA HIS A 3 -19.68 -1.00 2.23
C HIS A 3 -20.98 -0.94 3.04
N HIS A 4 -21.14 -1.86 4.01
CA HIS A 4 -22.28 -1.90 4.93
C HIS A 4 -22.38 -0.59 5.74
N HIS A 5 -23.18 0.36 5.23
CA HIS A 5 -23.34 1.69 5.83
C HIS A 5 -24.25 1.63 7.06
N HIS A 6 -23.64 1.36 8.22
CA HIS A 6 -24.34 1.41 9.52
C HIS A 6 -24.69 2.87 9.83
N HIS A 7 -23.71 3.75 9.60
CA HIS A 7 -23.87 5.22 9.64
C HIS A 7 -23.07 5.82 8.47
N HIS A 8 -23.49 7.01 7.97
CA HIS A 8 -22.71 7.76 6.95
C HIS A 8 -21.58 8.51 7.67
N SER A 9 -20.54 7.76 8.08
CA SER A 9 -19.43 8.29 8.90
C SER A 9 -18.67 9.39 8.15
N HIS A 10 -18.40 9.15 6.86
CA HIS A 10 -17.75 10.10 5.93
C HIS A 10 -17.82 9.52 4.50
N MET A 11 -17.53 10.37 3.49
CA MET A 11 -17.37 9.93 2.08
C MET A 11 -16.36 8.78 1.98
N LYS A 12 -16.67 7.81 1.10
CA LYS A 12 -15.83 6.63 0.82
C LYS A 12 -14.36 7.01 0.51
N ARG A 13 -13.53 7.02 1.57
CA ARG A 13 -12.10 7.37 1.53
C ARG A 13 -11.39 6.61 2.65
N SER A 14 -11.25 5.29 2.49
CA SER A 14 -10.62 4.42 3.50
C SER A 14 -9.09 4.60 3.46
N GLY A 15 -8.59 5.56 4.25
CA GLY A 15 -7.15 5.87 4.32
C GLY A 15 -6.79 7.08 3.49
N ARG A 16 -5.51 7.44 3.54
CA ARG A 16 -4.96 8.58 2.78
C ARG A 16 -4.69 8.13 1.36
N GLU A 17 -5.43 8.70 0.40
CA GLU A 17 -5.14 8.45 -1.02
C GLU A 17 -3.88 9.27 -1.40
N ILE A 18 -2.79 8.55 -1.60
CA ILE A 18 -1.52 9.09 -2.09
C ILE A 18 -1.34 8.69 -3.56
N THR A 19 -0.20 9.07 -4.14
CA THR A 19 0.26 8.53 -5.44
C THR A 19 1.30 7.42 -5.21
N TRP A 20 1.63 6.68 -6.28
CA TRP A 20 2.73 5.69 -6.29
C TRP A 20 4.05 6.35 -5.82
N LYS A 21 4.31 7.59 -6.31
CA LYS A 21 5.53 8.34 -5.95
C LYS A 21 5.64 8.61 -4.43
N ASP A 22 4.50 9.02 -3.80
CA ASP A 22 4.46 9.25 -2.33
C ASP A 22 4.71 7.95 -1.56
N PHE A 23 4.20 6.83 -2.13
CA PHE A 23 4.45 5.48 -1.59
C PHE A 23 5.96 5.19 -1.52
N VAL A 24 6.65 5.40 -2.65
CA VAL A 24 8.07 5.12 -2.81
C VAL A 24 8.92 5.81 -1.73
N ASN A 25 8.90 7.15 -1.74
CA ASN A 25 9.79 7.97 -0.90
C ASN A 25 9.40 7.95 0.60
N ASN A 26 8.11 8.18 0.90
CA ASN A 26 7.63 8.39 2.29
C ASN A 26 7.38 7.07 3.04
N TYR A 27 7.21 5.93 2.33
CA TYR A 27 6.76 4.67 2.99
C TYR A 27 7.69 3.47 2.68
N LEU A 28 7.74 3.06 1.39
CA LEU A 28 8.49 1.86 0.95
C LEU A 28 10.00 1.98 1.25
N SER A 29 10.58 3.15 0.93
CA SER A 29 11.99 3.50 1.17
C SER A 29 12.37 3.44 2.67
N LYS A 30 11.38 3.65 3.56
CA LYS A 30 11.59 3.58 5.02
C LYS A 30 11.39 2.14 5.53
N GLY A 31 10.73 1.31 4.70
CA GLY A 31 10.32 -0.05 5.09
C GLY A 31 9.28 -0.09 6.21
N VAL A 32 8.39 0.93 6.25
CA VAL A 32 7.31 1.02 7.27
C VAL A 32 6.09 0.12 6.91
N VAL A 33 6.18 -0.56 5.76
CA VAL A 33 5.04 -1.29 5.16
C VAL A 33 5.16 -2.80 5.48
N ASP A 34 4.05 -3.41 5.93
CA ASP A 34 3.97 -4.86 6.25
C ASP A 34 3.66 -5.65 4.95
N ARG A 35 2.60 -5.23 4.24
CA ARG A 35 2.11 -5.92 3.03
C ARG A 35 1.36 -4.92 2.14
N LEU A 36 1.27 -5.24 0.84
CA LEU A 36 0.54 -4.45 -0.14
C LEU A 36 -0.66 -5.25 -0.61
N GLU A 37 -1.83 -4.89 -0.10
CA GLU A 37 -3.09 -5.56 -0.40
C GLU A 37 -3.77 -4.85 -1.58
N VAL A 38 -3.65 -5.45 -2.77
CA VAL A 38 -4.14 -4.88 -4.01
C VAL A 38 -5.62 -5.22 -4.11
N VAL A 39 -6.46 -4.28 -3.69
CA VAL A 39 -7.90 -4.48 -3.59
C VAL A 39 -8.53 -4.37 -4.97
N ASN A 40 -9.16 -5.49 -5.39
CA ASN A 40 -9.96 -5.60 -6.60
C ASN A 40 -9.17 -5.24 -7.89
N LYS A 41 -7.81 -5.28 -7.79
CA LYS A 41 -6.85 -4.80 -8.82
C LYS A 41 -7.01 -3.32 -9.22
N ARG A 42 -7.95 -2.59 -8.57
CA ARG A 42 -8.29 -1.20 -8.92
C ARG A 42 -7.29 -0.25 -8.28
N PHE A 43 -6.83 -0.65 -7.09
CA PHE A 43 -5.87 0.12 -6.30
C PHE A 43 -5.10 -0.83 -5.39
N VAL A 44 -3.98 -0.33 -4.87
CA VAL A 44 -3.13 -1.02 -3.92
C VAL A 44 -3.24 -0.29 -2.59
N ARG A 45 -3.51 -1.05 -1.53
CA ARG A 45 -3.60 -0.52 -0.18
C ARG A 45 -2.33 -0.88 0.57
N VAL A 46 -1.72 0.14 1.15
CA VAL A 46 -0.49 0.04 1.90
C VAL A 46 -0.84 -0.27 3.35
N THR A 47 -0.60 -1.52 3.77
CA THR A 47 -0.83 -1.97 5.13
C THR A 47 0.51 -1.88 5.86
N PHE A 48 0.52 -1.17 6.99
CA PHE A 48 1.73 -0.87 7.75
C PHE A 48 1.96 -1.89 8.86
N THR A 49 3.14 -1.81 9.47
CA THR A 49 3.45 -2.54 10.71
C THR A 49 2.88 -1.72 11.90
N PRO A 50 2.37 -2.37 13.00
CA PRO A 50 1.72 -1.66 14.15
C PRO A 50 2.57 -0.52 14.75
N GLY A 51 3.90 -0.73 14.76
CA GLY A 51 4.84 0.24 15.31
C GLY A 51 5.19 1.38 14.35
N LYS A 52 4.94 1.18 13.03
CA LYS A 52 5.24 2.19 11.98
C LYS A 52 3.97 2.67 11.24
N THR A 53 2.78 2.43 11.83
CA THR A 53 1.53 3.03 11.34
C THR A 53 1.57 4.56 11.52
N PRO A 54 1.11 5.39 10.51
CA PRO A 54 1.05 6.86 10.61
C PRO A 54 0.26 7.31 11.87
N VAL A 55 0.58 8.52 12.38
CA VAL A 55 0.06 9.04 13.68
C VAL A 55 -1.50 9.06 13.74
N ASP A 56 -2.15 9.18 12.57
CA ASP A 56 -3.62 9.15 12.43
C ASP A 56 -4.23 7.77 12.78
N GLY A 57 -3.37 6.74 12.87
CA GLY A 57 -3.79 5.37 13.12
C GLY A 57 -4.53 4.76 11.93
N GLN A 58 -4.12 5.17 10.72
CA GLN A 58 -4.78 4.77 9.46
C GLN A 58 -3.77 4.10 8.51
N TYR A 59 -4.25 3.80 7.30
CA TYR A 59 -3.42 3.31 6.19
C TYR A 59 -3.37 4.37 5.09
N VAL A 60 -2.55 4.11 4.06
CA VAL A 60 -2.51 4.92 2.84
C VAL A 60 -2.75 3.97 1.64
N TRP A 61 -3.03 4.53 0.46
CA TRP A 61 -3.36 3.74 -0.75
C TRP A 61 -3.26 4.60 -2.01
N PHE A 62 -3.13 3.93 -3.17
CA PHE A 62 -2.98 4.59 -4.47
C PHE A 62 -3.61 3.74 -5.57
N ASN A 63 -4.27 4.39 -6.55
CA ASN A 63 -4.94 3.68 -7.66
C ASN A 63 -3.90 3.30 -8.72
N ILE A 64 -4.06 2.10 -9.33
CA ILE A 64 -3.14 1.58 -10.36
C ILE A 64 -3.90 1.39 -11.69
N GLY A 65 -3.39 2.03 -12.76
CA GLY A 65 -3.94 1.89 -14.09
C GLY A 65 -3.63 0.52 -14.68
N SER A 66 -2.39 0.05 -14.43
CA SER A 66 -1.91 -1.27 -14.84
C SER A 66 -1.29 -1.96 -13.63
N VAL A 67 -1.85 -3.12 -13.27
CA VAL A 67 -1.31 -4.03 -12.25
C VAL A 67 0.14 -4.44 -12.59
N ASP A 68 0.38 -4.66 -13.90
CA ASP A 68 1.71 -5.03 -14.45
C ASP A 68 2.74 -3.94 -14.14
N THR A 69 2.35 -2.68 -14.38
CA THR A 69 3.20 -1.51 -14.12
C THR A 69 3.59 -1.44 -12.62
N PHE A 70 2.58 -1.60 -11.75
CA PHE A 70 2.77 -1.61 -10.29
C PHE A 70 3.84 -2.64 -9.85
N GLU A 71 3.59 -3.94 -10.16
CA GLU A 71 4.38 -5.06 -9.62
C GLU A 71 5.82 -5.07 -10.16
N ARG A 72 5.98 -4.79 -11.49
CA ARG A 72 7.32 -4.75 -12.15
C ARG A 72 8.19 -3.65 -11.56
N ASN A 73 7.59 -2.45 -11.43
CA ASN A 73 8.29 -1.27 -10.91
C ASN A 73 8.65 -1.48 -9.44
N LEU A 74 7.75 -2.10 -8.67
CA LEU A 74 7.94 -2.39 -7.24
C LEU A 74 9.20 -3.25 -7.00
N GLU A 75 9.26 -4.43 -7.64
CA GLU A 75 10.34 -5.41 -7.41
C GLU A 75 11.72 -4.89 -7.90
N THR A 76 11.72 -4.12 -9.00
CA THR A 76 12.92 -3.42 -9.51
C THR A 76 13.42 -2.39 -8.46
N LEU A 77 12.49 -1.52 -8.07
CA LEU A 77 12.68 -0.45 -7.07
C LEU A 77 13.26 -0.97 -5.75
N GLN A 78 12.74 -2.11 -5.25
CA GLN A 78 13.23 -2.74 -4.00
C GLN A 78 14.68 -3.19 -4.16
N GLN A 79 15.01 -3.76 -5.33
CA GLN A 79 16.38 -4.20 -5.65
C GLN A 79 17.35 -2.99 -5.73
N GLU A 80 16.85 -1.84 -6.24
CA GLU A 80 17.64 -0.58 -6.35
C GLU A 80 17.88 0.05 -4.97
N LEU A 81 16.82 0.08 -4.15
CA LEU A 81 16.84 0.68 -2.79
C LEU A 81 17.61 -0.22 -1.79
N GLY A 82 17.99 -1.44 -2.23
CA GLY A 82 18.71 -2.40 -1.39
C GLY A 82 17.78 -3.16 -0.44
N ILE A 83 16.46 -2.97 -0.64
CA ILE A 83 15.40 -3.66 0.08
C ILE A 83 15.39 -5.13 -0.39
N GLU A 84 15.83 -6.04 0.50
CA GLU A 84 15.95 -7.48 0.20
C GLU A 84 15.54 -8.32 1.40
N GLY A 85 15.27 -9.61 1.13
CA GLY A 85 14.89 -10.59 2.14
C GLY A 85 13.62 -10.21 2.90
N GLU A 86 13.76 -10.07 4.24
CA GLU A 86 12.68 -9.69 5.16
C GLU A 86 12.09 -8.32 4.79
N ASN A 87 12.97 -7.37 4.41
CA ASN A 87 12.62 -5.94 4.25
C ASN A 87 11.68 -5.71 3.04
N ARG A 88 11.65 -6.68 2.09
CA ARG A 88 10.74 -6.64 0.94
C ARG A 88 9.28 -6.81 1.38
N VAL A 89 8.38 -6.17 0.64
CA VAL A 89 6.95 -6.11 0.97
C VAL A 89 6.15 -7.02 0.03
N PRO A 90 5.45 -8.08 0.57
CA PRO A 90 4.67 -9.04 -0.25
C PRO A 90 3.41 -8.40 -0.87
N VAL A 91 2.99 -8.92 -2.04
CA VAL A 91 1.85 -8.38 -2.81
C VAL A 91 0.72 -9.41 -2.80
N VAL A 92 -0.41 -9.03 -2.20
CA VAL A 92 -1.55 -9.91 -1.94
C VAL A 92 -2.77 -9.40 -2.71
N TYR A 93 -3.27 -10.19 -3.68
CA TYR A 93 -4.41 -9.80 -4.53
C TYR A 93 -5.73 -10.32 -3.97
N ILE A 94 -6.61 -9.40 -3.57
CA ILE A 94 -7.97 -9.71 -3.10
C ILE A 94 -8.95 -9.22 -4.18
N ALA A 95 -10.07 -9.92 -4.35
CA ALA A 95 -11.17 -9.52 -5.26
C ALA A 95 -12.19 -8.63 -4.55
N GLU A 96 -11.77 -8.04 -3.43
CA GLU A 96 -12.63 -7.37 -2.45
C GLU A 96 -13.75 -8.34 -1.98
N SER A 97 -14.86 -8.32 -2.73
CA SER A 97 -16.06 -9.14 -2.52
C SER A 97 -17.02 -8.87 -3.71
N ASP A 98 -16.48 -8.17 -4.73
CA ASP A 98 -17.24 -7.57 -5.83
C ASP A 98 -17.25 -8.51 -7.05
N GLY A 99 -16.32 -9.47 -7.08
CA GLY A 99 -16.20 -10.39 -8.21
C GLY A 99 -15.28 -11.56 -7.88
N MET A 1 -0.26 18.24 -2.02
CA MET A 1 -0.70 19.10 -0.91
C MET A 1 0.18 20.35 -0.88
N GLY A 2 -0.36 21.47 -1.37
CA GLY A 2 0.35 22.74 -1.39
C GLY A 2 0.11 23.56 -0.12
N HIS A 3 0.08 24.89 -0.26
CA HIS A 3 -0.19 25.79 0.88
C HIS A 3 -1.67 25.74 1.27
N HIS A 4 -1.93 25.61 2.58
CA HIS A 4 -3.29 25.49 3.13
C HIS A 4 -3.39 26.21 4.48
N HIS A 5 -4.63 26.42 4.95
CA HIS A 5 -4.93 27.13 6.22
C HIS A 5 -4.99 26.14 7.39
N HIS A 6 -5.18 24.84 7.08
CA HIS A 6 -5.29 23.72 8.06
C HIS A 6 -6.63 23.81 8.82
N HIS A 7 -7.50 22.81 8.59
CA HIS A 7 -8.84 22.74 9.20
C HIS A 7 -9.02 21.37 9.89
N HIS A 8 -9.54 21.39 11.15
CA HIS A 8 -9.90 20.18 11.94
C HIS A 8 -8.77 19.11 11.91
N SER A 9 -7.53 19.60 12.13
CA SER A 9 -6.29 18.83 11.98
C SER A 9 -6.11 18.35 10.52
N HIS A 10 -6.71 17.19 10.20
CA HIS A 10 -6.72 16.59 8.86
C HIS A 10 -7.70 15.41 8.87
N MET A 11 -7.51 14.45 7.94
CA MET A 11 -8.20 13.14 7.96
C MET A 11 -9.66 13.24 7.49
N LYS A 12 -10.05 12.25 6.66
CA LYS A 12 -11.43 12.00 6.27
C LYS A 12 -11.80 10.60 6.76
N ARG A 13 -11.12 9.57 6.21
CA ARG A 13 -11.30 8.15 6.61
C ARG A 13 -9.94 7.43 6.58
N SER A 14 -9.86 6.21 7.17
CA SER A 14 -8.61 5.41 7.18
C SER A 14 -8.30 4.89 5.76
N GLY A 15 -7.69 5.75 4.95
CA GLY A 15 -7.43 5.49 3.56
C GLY A 15 -7.20 6.77 2.77
N ARG A 16 -6.00 7.35 2.93
CA ARG A 16 -5.64 8.62 2.28
C ARG A 16 -4.99 8.33 0.92
N GLU A 17 -5.57 8.90 -0.15
CA GLU A 17 -5.08 8.69 -1.51
C GLU A 17 -3.76 9.46 -1.72
N ILE A 18 -2.66 8.72 -1.83
CA ILE A 18 -1.33 9.26 -2.13
C ILE A 18 -0.98 8.97 -3.60
N THR A 19 0.12 9.56 -4.09
CA THR A 19 0.72 9.14 -5.38
C THR A 19 1.69 7.99 -5.13
N TRP A 20 2.13 7.35 -6.23
CA TRP A 20 3.24 6.38 -6.20
C TRP A 20 4.49 7.02 -5.57
N LYS A 21 4.75 8.30 -5.90
CA LYS A 21 5.90 9.07 -5.37
C LYS A 21 5.88 9.11 -3.82
N ASP A 22 4.70 9.43 -3.22
CA ASP A 22 4.56 9.46 -1.74
C ASP A 22 4.73 8.05 -1.16
N PHE A 23 4.18 7.05 -1.88
CA PHE A 23 4.31 5.63 -1.51
C PHE A 23 5.79 5.24 -1.34
N VAL A 24 6.61 5.61 -2.32
CA VAL A 24 8.02 5.25 -2.34
C VAL A 24 8.80 5.96 -1.21
N ASN A 25 8.87 7.28 -1.31
CA ASN A 25 9.79 8.11 -0.50
C ASN A 25 9.41 8.10 0.98
N ASN A 26 8.11 8.29 1.26
CA ASN A 26 7.59 8.48 2.62
C ASN A 26 7.31 7.14 3.32
N TYR A 27 7.16 6.03 2.57
CA TYR A 27 6.70 4.75 3.16
C TYR A 27 7.64 3.56 2.86
N LEU A 28 7.70 3.15 1.58
CA LEU A 28 8.41 1.93 1.14
C LEU A 28 9.90 1.99 1.50
N SER A 29 10.54 3.13 1.17
CA SER A 29 11.97 3.38 1.42
C SER A 29 12.32 3.39 2.94
N LYS A 30 11.33 3.67 3.81
CA LYS A 30 11.56 3.75 5.26
C LYS A 30 11.08 2.46 5.98
N GLY A 31 10.63 1.46 5.20
CA GLY A 31 10.23 0.14 5.72
C GLY A 31 9.14 0.18 6.79
N VAL A 32 8.27 1.21 6.74
CA VAL A 32 7.14 1.38 7.68
C VAL A 32 5.93 0.51 7.25
N VAL A 33 6.07 -0.11 6.08
CA VAL A 33 5.00 -0.87 5.43
C VAL A 33 5.12 -2.35 5.80
N ASP A 34 3.99 -2.98 6.12
CA ASP A 34 3.90 -4.42 6.40
C ASP A 34 3.70 -5.17 5.08
N ARG A 35 2.63 -4.82 4.37
CA ARG A 35 2.20 -5.51 3.14
C ARG A 35 1.41 -4.55 2.23
N LEU A 36 1.33 -4.92 0.95
CA LEU A 36 0.59 -4.17 -0.07
C LEU A 36 -0.58 -5.02 -0.54
N GLU A 37 -1.77 -4.69 -0.05
CA GLU A 37 -2.99 -5.45 -0.33
C GLU A 37 -3.72 -4.79 -1.51
N VAL A 38 -3.61 -5.42 -2.68
CA VAL A 38 -4.16 -4.86 -3.91
C VAL A 38 -5.61 -5.33 -4.02
N VAL A 39 -6.55 -4.45 -3.69
CA VAL A 39 -7.97 -4.78 -3.73
C VAL A 39 -8.45 -4.79 -5.20
N ASN A 40 -8.88 -5.99 -5.62
CA ASN A 40 -9.44 -6.35 -6.94
C ASN A 40 -8.82 -5.65 -8.17
N LYS A 41 -7.47 -5.47 -8.08
CA LYS A 41 -6.62 -4.87 -9.15
C LYS A 41 -6.92 -3.36 -9.39
N ARG A 42 -7.91 -2.82 -8.66
CA ARG A 42 -8.38 -1.44 -8.83
C ARG A 42 -7.45 -0.45 -8.13
N PHE A 43 -6.94 -0.88 -6.97
CA PHE A 43 -6.05 -0.05 -6.16
C PHE A 43 -5.23 -0.91 -5.20
N VAL A 44 -4.11 -0.33 -4.74
CA VAL A 44 -3.19 -0.97 -3.80
C VAL A 44 -3.30 -0.25 -2.46
N ARG A 45 -3.49 -1.00 -1.37
CA ARG A 45 -3.50 -0.45 -0.02
C ARG A 45 -2.10 -0.58 0.55
N VAL A 46 -1.55 0.54 1.02
CA VAL A 46 -0.31 0.55 1.78
C VAL A 46 -0.70 0.26 3.24
N THR A 47 -0.43 -0.98 3.68
CA THR A 47 -0.78 -1.44 5.03
C THR A 47 0.50 -1.45 5.85
N PHE A 48 0.44 -0.87 7.04
CA PHE A 48 1.63 -0.60 7.88
C PHE A 48 1.84 -1.70 8.93
N THR A 49 3.07 -1.72 9.50
CA THR A 49 3.49 -2.72 10.51
C THR A 49 2.64 -2.62 11.81
N PRO A 50 2.47 -3.77 12.57
CA PRO A 50 1.69 -3.80 13.84
C PRO A 50 2.17 -2.77 14.91
N GLY A 51 1.38 -1.70 15.10
CA GLY A 51 1.70 -0.66 16.11
C GLY A 51 2.23 0.63 15.49
N LYS A 52 2.43 0.63 14.16
CA LYS A 52 2.87 1.79 13.41
C LYS A 52 1.72 2.82 13.34
N THR A 53 0.48 2.31 13.21
CA THR A 53 -0.72 3.11 12.97
C THR A 53 -1.41 3.55 14.30
N PRO A 54 -1.38 4.90 14.63
CA PRO A 54 -2.10 5.48 15.79
C PRO A 54 -3.61 5.69 15.52
N VAL A 55 -4.26 6.54 16.37
CA VAL A 55 -5.72 6.81 16.34
C VAL A 55 -6.20 7.36 14.97
N ASP A 56 -5.32 8.07 14.23
CA ASP A 56 -5.63 8.56 12.87
C ASP A 56 -5.91 7.40 11.91
N GLY A 57 -5.19 6.30 12.14
CA GLY A 57 -5.25 5.12 11.27
C GLY A 57 -4.09 5.10 10.31
N GLN A 58 -3.79 6.28 9.72
CA GLN A 58 -2.61 6.52 8.85
C GLN A 58 -2.60 5.68 7.55
N TYR A 59 -3.63 4.82 7.35
CA TYR A 59 -3.71 3.96 6.17
C TYR A 59 -3.81 4.82 4.92
N VAL A 60 -2.94 4.57 3.96
CA VAL A 60 -2.88 5.29 2.69
C VAL A 60 -2.98 4.27 1.54
N TRP A 61 -3.43 4.73 0.36
CA TRP A 61 -3.58 3.87 -0.82
C TRP A 61 -3.49 4.70 -2.09
N PHE A 62 -3.43 4.01 -3.25
CA PHE A 62 -3.39 4.65 -4.57
C PHE A 62 -4.03 3.74 -5.61
N ASN A 63 -4.73 4.35 -6.58
CA ASN A 63 -5.46 3.61 -7.64
C ASN A 63 -4.48 3.17 -8.75
N ILE A 64 -4.59 1.91 -9.19
CA ILE A 64 -3.80 1.37 -10.32
C ILE A 64 -4.73 0.89 -11.44
N GLY A 65 -4.11 0.47 -12.55
CA GLY A 65 -4.81 -0.08 -13.70
C GLY A 65 -4.13 -1.35 -14.18
N SER A 66 -2.82 -1.28 -14.38
CA SER A 66 -1.99 -2.42 -14.78
C SER A 66 -1.25 -2.97 -13.55
N VAL A 67 -1.67 -4.16 -13.11
CA VAL A 67 -0.98 -4.96 -12.08
C VAL A 67 0.46 -5.27 -12.51
N ASP A 68 0.64 -5.53 -13.83
CA ASP A 68 1.95 -5.75 -14.47
C ASP A 68 2.91 -4.59 -14.16
N THR A 69 2.42 -3.36 -14.39
CA THR A 69 3.19 -2.13 -14.21
C THR A 69 3.54 -1.90 -12.72
N PHE A 70 2.54 -2.10 -11.83
CA PHE A 70 2.76 -2.07 -10.37
C PHE A 70 3.90 -3.02 -9.95
N GLU A 71 3.82 -4.26 -10.44
CA GLU A 71 4.72 -5.36 -10.05
C GLU A 71 6.18 -5.13 -10.47
N ARG A 72 6.39 -4.81 -11.76
CA ARG A 72 7.73 -4.67 -12.33
C ARG A 72 8.45 -3.43 -11.76
N ASN A 73 7.70 -2.34 -11.55
CA ASN A 73 8.27 -1.10 -11.00
C ASN A 73 8.58 -1.29 -9.51
N LEU A 74 7.68 -1.98 -8.80
CA LEU A 74 7.84 -2.31 -7.37
C LEU A 74 9.11 -3.12 -7.09
N GLU A 75 9.24 -4.26 -7.80
CA GLU A 75 10.36 -5.21 -7.60
C GLU A 75 11.73 -4.56 -7.93
N THR A 76 11.75 -3.75 -9.01
CA THR A 76 12.95 -3.03 -9.47
C THR A 76 13.33 -1.96 -8.44
N LEU A 77 12.32 -1.17 -8.04
CA LEU A 77 12.44 -0.15 -6.98
C LEU A 77 13.04 -0.72 -5.68
N GLN A 78 12.51 -1.87 -5.25
CA GLN A 78 12.95 -2.54 -4.01
C GLN A 78 14.43 -2.98 -4.11
N GLN A 79 14.82 -3.60 -5.24
CA GLN A 79 16.20 -4.11 -5.43
C GLN A 79 17.21 -2.94 -5.50
N GLU A 80 16.75 -1.78 -6.02
CA GLU A 80 17.55 -0.54 -6.08
C GLU A 80 17.76 0.05 -4.68
N LEU A 81 16.67 0.05 -3.87
CA LEU A 81 16.68 0.56 -2.49
C LEU A 81 17.46 -0.38 -1.55
N GLY A 82 17.79 -1.60 -2.03
CA GLY A 82 18.48 -2.61 -1.23
C GLY A 82 17.52 -3.54 -0.50
N ILE A 83 16.22 -3.28 -0.68
CA ILE A 83 15.13 -4.07 -0.14
C ILE A 83 15.03 -5.38 -0.96
N GLU A 84 15.72 -6.43 -0.48
CA GLU A 84 15.87 -7.71 -1.23
C GLU A 84 15.47 -8.91 -0.36
N GLY A 85 15.01 -9.98 -1.04
CA GLY A 85 14.62 -11.23 -0.41
C GLY A 85 13.49 -11.07 0.61
N GLU A 86 13.82 -11.35 1.89
CA GLU A 86 12.87 -11.27 3.02
C GLU A 86 12.40 -9.82 3.26
N ASN A 87 13.25 -8.85 2.89
CA ASN A 87 12.98 -7.43 3.12
C ASN A 87 11.88 -6.89 2.19
N ARG A 88 11.70 -7.54 1.03
CA ARG A 88 10.67 -7.13 0.04
C ARG A 88 9.27 -7.24 0.63
N VAL A 89 8.44 -6.21 0.41
CA VAL A 89 7.11 -6.07 1.02
C VAL A 89 6.08 -6.99 0.31
N PRO A 90 5.46 -7.98 1.05
CA PRO A 90 4.53 -8.98 0.46
C PRO A 90 3.26 -8.36 -0.14
N VAL A 91 2.89 -8.82 -1.34
CA VAL A 91 1.76 -8.28 -2.10
C VAL A 91 0.59 -9.28 -2.07
N VAL A 92 -0.52 -8.88 -1.46
CA VAL A 92 -1.68 -9.74 -1.24
C VAL A 92 -2.79 -9.33 -2.23
N TYR A 93 -2.90 -10.08 -3.34
CA TYR A 93 -3.87 -9.81 -4.40
C TYR A 93 -5.26 -10.22 -3.94
N ILE A 94 -6.03 -9.24 -3.50
CA ILE A 94 -7.39 -9.43 -3.02
C ILE A 94 -8.33 -9.41 -4.25
N ALA A 95 -9.28 -10.35 -4.29
CA ALA A 95 -10.20 -10.51 -5.42
C ALA A 95 -11.66 -10.37 -4.96
N GLU A 96 -12.35 -9.27 -5.38
CA GLU A 96 -13.75 -9.03 -4.98
C GLU A 96 -14.69 -9.88 -5.87
N SER A 97 -14.79 -9.48 -7.16
CA SER A 97 -15.61 -10.22 -8.16
C SER A 97 -14.71 -11.12 -9.03
N ASP A 98 -13.39 -10.98 -8.88
CA ASP A 98 -12.37 -11.73 -9.65
C ASP A 98 -12.35 -13.20 -9.22
N GLY A 99 -12.70 -13.44 -7.95
CA GLY A 99 -12.75 -14.77 -7.36
C GLY A 99 -13.57 -14.76 -6.07
N MET A 1 -10.04 26.56 -7.46
CA MET A 1 -9.93 27.99 -7.14
C MET A 1 -9.36 28.14 -5.72
N GLY A 2 -8.03 28.31 -5.61
CA GLY A 2 -7.37 28.34 -4.30
C GLY A 2 -5.94 28.86 -4.37
N HIS A 3 -5.75 30.03 -5.01
CA HIS A 3 -4.45 30.75 -4.96
C HIS A 3 -4.29 31.39 -3.57
N HIS A 4 -5.43 31.81 -3.00
CA HIS A 4 -5.53 32.28 -1.60
C HIS A 4 -5.49 31.06 -0.65
N HIS A 5 -5.15 31.30 0.63
CA HIS A 5 -5.13 30.27 1.71
C HIS A 5 -6.55 29.69 1.93
N HIS A 6 -6.90 28.67 1.12
CA HIS A 6 -8.20 27.97 1.20
C HIS A 6 -8.02 26.51 0.74
N HIS A 7 -7.34 25.73 1.61
CA HIS A 7 -7.17 24.27 1.43
C HIS A 7 -6.61 23.66 2.73
N HIS A 8 -7.10 22.46 3.04
CA HIS A 8 -6.63 21.62 4.13
C HIS A 8 -6.57 20.18 3.62
N SER A 9 -5.36 19.60 3.56
CA SER A 9 -5.12 18.27 2.96
C SER A 9 -5.42 17.16 3.99
N HIS A 10 -6.31 16.21 3.59
CA HIS A 10 -6.68 15.04 4.40
C HIS A 10 -7.43 14.01 3.51
N MET A 11 -8.64 14.41 3.03
CA MET A 11 -9.64 13.57 2.30
C MET A 11 -9.87 12.15 2.90
N LYS A 12 -11.15 11.79 3.11
CA LYS A 12 -11.56 10.48 3.61
C LYS A 12 -12.41 9.75 2.57
N ARG A 13 -11.74 9.20 1.56
CA ARG A 13 -12.34 8.31 0.56
C ARG A 13 -12.24 6.84 1.04
N SER A 14 -11.03 6.44 1.47
CA SER A 14 -10.75 5.08 1.92
C SER A 14 -9.39 5.08 2.67
N GLY A 15 -9.35 5.78 3.82
CA GLY A 15 -8.08 6.07 4.51
C GLY A 15 -7.47 7.35 3.99
N ARG A 16 -6.20 7.30 3.51
CA ARG A 16 -5.53 8.46 2.88
C ARG A 16 -5.01 8.07 1.48
N GLU A 17 -5.59 8.66 0.43
CA GLU A 17 -5.15 8.43 -0.96
C GLU A 17 -3.86 9.25 -1.24
N ILE A 18 -2.87 8.57 -1.84
CA ILE A 18 -1.56 9.13 -2.22
C ILE A 18 -1.27 8.71 -3.68
N THR A 19 -0.09 9.06 -4.18
CA THR A 19 0.45 8.51 -5.44
C THR A 19 1.53 7.46 -5.13
N TRP A 20 1.96 6.72 -6.18
CA TRP A 20 3.12 5.81 -6.12
C TRP A 20 4.36 6.55 -5.59
N LYS A 21 4.55 7.81 -6.04
CA LYS A 21 5.68 8.68 -5.61
C LYS A 21 5.73 8.85 -4.08
N ASP A 22 4.57 9.18 -3.46
CA ASP A 22 4.47 9.32 -1.98
C ASP A 22 4.77 7.98 -1.29
N PHE A 23 4.26 6.87 -1.90
CA PHE A 23 4.49 5.50 -1.43
C PHE A 23 6.00 5.22 -1.29
N VAL A 24 6.75 5.47 -2.37
CA VAL A 24 8.20 5.20 -2.42
C VAL A 24 8.94 5.93 -1.30
N ASN A 25 8.77 7.26 -1.28
CA ASN A 25 9.55 8.17 -0.41
C ASN A 25 9.23 7.97 1.08
N ASN A 26 7.95 8.16 1.43
CA ASN A 26 7.49 8.33 2.81
C ASN A 26 7.24 6.98 3.50
N TYR A 27 7.04 5.91 2.71
CA TYR A 27 6.55 4.62 3.26
C TYR A 27 7.55 3.46 2.99
N LEU A 28 7.69 3.08 1.69
CA LEU A 28 8.50 1.92 1.26
C LEU A 28 9.98 2.07 1.67
N SER A 29 10.56 3.23 1.36
CA SER A 29 11.96 3.54 1.69
C SER A 29 12.21 3.69 3.21
N LYS A 30 11.15 3.89 4.02
CA LYS A 30 11.25 3.93 5.50
C LYS A 30 10.92 2.55 6.13
N GLY A 31 10.62 1.55 5.28
CA GLY A 31 10.32 0.17 5.71
C GLY A 31 9.12 0.05 6.65
N VAL A 32 8.22 1.06 6.61
CA VAL A 32 7.03 1.09 7.48
C VAL A 32 5.83 0.39 6.83
N VAL A 33 6.05 -0.22 5.64
CA VAL A 33 4.99 -0.94 4.91
C VAL A 33 5.07 -2.44 5.23
N ASP A 34 3.93 -3.02 5.62
CA ASP A 34 3.83 -4.41 6.05
C ASP A 34 3.53 -5.31 4.84
N ARG A 35 2.50 -4.90 4.08
CA ARG A 35 1.99 -5.64 2.90
C ARG A 35 1.10 -4.72 2.04
N LEU A 36 0.94 -5.11 0.77
CA LEU A 36 0.24 -4.31 -0.25
C LEU A 36 -0.96 -5.09 -0.83
N GLU A 37 -2.18 -4.73 -0.38
CA GLU A 37 -3.44 -5.38 -0.81
C GLU A 37 -3.93 -4.76 -2.12
N VAL A 38 -3.82 -5.53 -3.21
CA VAL A 38 -4.24 -5.07 -4.54
C VAL A 38 -5.75 -5.38 -4.66
N VAL A 39 -6.58 -4.39 -4.27
CA VAL A 39 -8.01 -4.57 -4.13
C VAL A 39 -8.70 -4.36 -5.48
N ASN A 40 -9.37 -5.44 -5.95
CA ASN A 40 -10.09 -5.51 -7.22
C ASN A 40 -9.19 -5.19 -8.43
N LYS A 41 -7.86 -5.37 -8.24
CA LYS A 41 -6.82 -5.01 -9.22
C LYS A 41 -6.84 -3.50 -9.61
N ARG A 42 -7.64 -2.71 -8.90
CA ARG A 42 -7.89 -1.30 -9.20
C ARG A 42 -6.85 -0.41 -8.49
N PHE A 43 -6.53 -0.76 -7.24
CA PHE A 43 -5.63 0.04 -6.40
C PHE A 43 -4.89 -0.87 -5.43
N VAL A 44 -3.94 -0.28 -4.70
CA VAL A 44 -3.10 -0.97 -3.72
C VAL A 44 -3.22 -0.30 -2.36
N ARG A 45 -3.43 -1.12 -1.32
CA ARG A 45 -3.54 -0.69 0.07
C ARG A 45 -2.16 -0.85 0.74
N VAL A 46 -1.56 0.28 1.09
CA VAL A 46 -0.31 0.35 1.82
C VAL A 46 -0.62 0.17 3.30
N THR A 47 -0.28 -0.99 3.83
CA THR A 47 -0.49 -1.33 5.25
C THR A 47 0.78 -0.98 6.03
N PHE A 48 0.60 -0.52 7.26
CA PHE A 48 1.72 -0.21 8.16
C PHE A 48 2.13 -1.41 9.01
N THR A 49 3.46 -1.55 9.19
CA THR A 49 4.08 -2.57 10.06
C THR A 49 3.65 -2.37 11.53
N PRO A 50 3.12 -3.43 12.23
CA PRO A 50 2.78 -3.37 13.67
C PRO A 50 4.02 -3.02 14.54
N GLY A 51 4.13 -1.72 14.90
CA GLY A 51 5.28 -1.18 15.62
C GLY A 51 5.69 0.19 15.10
N LYS A 52 5.62 0.36 13.76
CA LYS A 52 5.92 1.65 13.08
C LYS A 52 4.64 2.33 12.58
N THR A 53 3.47 1.77 12.90
CA THR A 53 2.18 2.37 12.55
C THR A 53 2.05 3.80 13.15
N PRO A 54 1.74 4.85 12.34
CA PRO A 54 1.68 6.26 12.82
C PRO A 54 0.60 6.47 13.90
N VAL A 55 0.66 7.63 14.60
CA VAL A 55 -0.35 8.04 15.61
C VAL A 55 -1.75 8.01 14.96
N ASP A 56 -1.82 8.54 13.74
CA ASP A 56 -2.98 8.40 12.87
C ASP A 56 -2.85 7.07 12.13
N GLY A 57 -3.34 5.99 12.77
CA GLY A 57 -3.26 4.64 12.24
C GLY A 57 -4.32 4.35 11.18
N GLN A 58 -4.30 5.12 10.10
CA GLN A 58 -5.11 4.89 8.90
C GLN A 58 -4.15 4.47 7.78
N TYR A 59 -4.47 3.36 7.11
CA TYR A 59 -3.69 2.92 5.93
C TYR A 59 -3.77 3.99 4.82
N VAL A 60 -2.74 4.01 3.98
CA VAL A 60 -2.72 4.88 2.78
C VAL A 60 -2.86 3.98 1.54
N TRP A 61 -3.18 4.55 0.37
CA TRP A 61 -3.46 3.75 -0.85
C TRP A 61 -3.28 4.59 -2.11
N PHE A 62 -3.07 3.91 -3.26
CA PHE A 62 -2.87 4.57 -4.56
C PHE A 62 -3.47 3.72 -5.69
N ASN A 63 -4.00 4.40 -6.71
CA ASN A 63 -4.68 3.76 -7.85
C ASN A 63 -3.67 3.34 -8.92
N ILE A 64 -3.67 2.04 -9.24
CA ILE A 64 -2.74 1.46 -10.24
C ILE A 64 -3.46 1.16 -11.56
N GLY A 65 -4.60 0.45 -11.50
CA GLY A 65 -5.22 -0.17 -12.67
C GLY A 65 -4.39 -1.35 -13.17
N SER A 66 -3.22 -1.05 -13.74
CA SER A 66 -2.27 -2.05 -14.24
C SER A 66 -1.41 -2.63 -13.09
N VAL A 67 -1.85 -3.80 -12.56
CA VAL A 67 -1.15 -4.52 -11.47
C VAL A 67 0.24 -5.01 -11.92
N ASP A 68 0.34 -5.38 -13.20
CA ASP A 68 1.62 -5.79 -13.81
C ASP A 68 2.65 -4.65 -13.69
N THR A 69 2.19 -3.42 -14.01
CA THR A 69 3.02 -2.21 -13.95
C THR A 69 3.45 -1.92 -12.50
N PHE A 70 2.49 -2.01 -11.56
CA PHE A 70 2.73 -1.89 -10.11
C PHE A 70 3.89 -2.80 -9.64
N GLU A 71 3.76 -4.10 -9.95
CA GLU A 71 4.70 -5.15 -9.51
C GLU A 71 6.09 -4.98 -10.12
N ARG A 72 6.14 -4.67 -11.44
CA ARG A 72 7.40 -4.48 -12.20
C ARG A 72 8.19 -3.29 -11.67
N ASN A 73 7.46 -2.20 -11.34
CA ASN A 73 8.05 -1.00 -10.71
C ASN A 73 8.61 -1.36 -9.34
N LEU A 74 7.79 -2.08 -8.53
CA LEU A 74 8.15 -2.50 -7.17
C LEU A 74 9.40 -3.38 -7.14
N GLU A 75 9.53 -4.32 -8.09
CA GLU A 75 10.67 -5.26 -8.18
C GLU A 75 11.99 -4.52 -8.47
N THR A 76 11.97 -3.69 -9.53
CA THR A 76 13.14 -2.92 -9.99
C THR A 76 13.54 -1.87 -8.91
N LEU A 77 12.51 -1.30 -8.27
CA LEU A 77 12.65 -0.34 -7.16
C LEU A 77 13.31 -0.99 -5.94
N GLN A 78 12.89 -2.21 -5.61
CA GLN A 78 13.48 -2.99 -4.50
C GLN A 78 14.93 -3.37 -4.83
N GLN A 79 15.25 -3.54 -6.12
CA GLN A 79 16.62 -3.80 -6.58
C GLN A 79 17.53 -2.58 -6.35
N GLU A 80 17.08 -1.36 -6.76
CA GLU A 80 17.90 -0.13 -6.67
C GLU A 80 18.06 0.31 -5.19
N LEU A 81 17.01 0.12 -4.37
CA LEU A 81 17.04 0.42 -2.92
C LEU A 81 17.82 -0.67 -2.15
N GLY A 82 17.97 -1.87 -2.75
CA GLY A 82 18.60 -3.00 -2.07
C GLY A 82 17.72 -3.62 -0.97
N ILE A 83 16.39 -3.53 -1.15
CA ILE A 83 15.38 -4.12 -0.25
C ILE A 83 15.48 -5.66 -0.30
N GLU A 84 16.11 -6.28 0.72
CA GLU A 84 16.32 -7.75 0.75
C GLU A 84 15.01 -8.52 1.03
N GLY A 85 15.03 -9.85 0.81
CA GLY A 85 13.84 -10.71 0.86
C GLY A 85 13.03 -10.62 2.15
N GLU A 86 13.74 -10.39 3.26
CA GLU A 86 13.16 -10.16 4.60
C GLU A 86 12.38 -8.83 4.62
N ASN A 87 13.00 -7.80 4.03
CA ASN A 87 12.46 -6.43 3.97
C ASN A 87 11.42 -6.28 2.84
N ARG A 88 11.45 -7.20 1.85
CA ARG A 88 10.59 -7.17 0.65
C ARG A 88 9.13 -7.25 1.05
N VAL A 89 8.36 -6.23 0.64
CA VAL A 89 6.97 -6.07 1.04
C VAL A 89 6.05 -7.03 0.24
N PRO A 90 5.35 -7.99 0.94
CA PRO A 90 4.40 -8.95 0.30
C PRO A 90 3.30 -8.25 -0.54
N VAL A 91 3.03 -8.81 -1.73
CA VAL A 91 1.97 -8.32 -2.62
C VAL A 91 0.79 -9.29 -2.51
N VAL A 92 -0.31 -8.77 -1.95
CA VAL A 92 -1.55 -9.52 -1.70
C VAL A 92 -2.54 -9.18 -2.82
N TYR A 93 -3.43 -10.11 -3.18
CA TYR A 93 -4.53 -9.86 -4.14
C TYR A 93 -5.86 -9.98 -3.39
N ILE A 94 -6.75 -8.99 -3.58
CA ILE A 94 -8.04 -8.91 -2.87
C ILE A 94 -9.17 -8.76 -3.91
N ALA A 95 -10.28 -9.47 -3.70
CA ALA A 95 -11.49 -9.36 -4.53
C ALA A 95 -12.69 -9.10 -3.61
N GLU A 96 -12.98 -7.81 -3.37
CA GLU A 96 -14.03 -7.35 -2.44
C GLU A 96 -15.13 -6.59 -3.19
N SER A 97 -16.40 -6.88 -2.84
CA SER A 97 -17.57 -6.18 -3.38
C SER A 97 -17.58 -4.70 -2.90
N ASP A 98 -17.93 -3.78 -3.81
CA ASP A 98 -18.02 -2.32 -3.55
C ASP A 98 -16.64 -1.65 -3.34
N GLY A 99 -15.54 -2.39 -3.59
CA GLY A 99 -14.17 -1.86 -3.46
C GLY A 99 -13.70 -1.06 -4.71
N MET A 1 -15.16 19.04 -12.51
CA MET A 1 -16.31 19.96 -12.33
C MET A 1 -17.09 19.61 -11.04
N GLY A 2 -18.09 20.44 -10.69
CA GLY A 2 -19.00 20.15 -9.58
C GLY A 2 -19.84 18.91 -9.90
N HIS A 3 -19.44 17.76 -9.31
CA HIS A 3 -20.05 16.45 -9.58
C HIS A 3 -21.53 16.45 -9.13
N HIS A 4 -21.73 16.54 -7.79
CA HIS A 4 -23.04 16.49 -7.07
C HIS A 4 -23.97 15.32 -7.51
N HIS A 5 -24.46 15.32 -8.78
CA HIS A 5 -25.29 14.25 -9.35
C HIS A 5 -24.57 12.87 -9.21
N HIS A 6 -25.23 11.96 -8.48
CA HIS A 6 -24.71 10.62 -8.15
C HIS A 6 -23.47 10.71 -7.26
N HIS A 7 -23.60 11.44 -6.15
CA HIS A 7 -22.51 11.59 -5.17
C HIS A 7 -22.41 10.34 -4.27
N HIS A 8 -21.84 9.26 -4.83
CA HIS A 8 -21.54 8.03 -4.08
C HIS A 8 -20.41 8.29 -3.08
N SER A 9 -19.63 9.35 -3.37
CA SER A 9 -18.58 9.87 -2.51
C SER A 9 -19.19 10.57 -1.28
N HIS A 10 -18.59 10.31 -0.12
CA HIS A 10 -18.87 10.98 1.15
C HIS A 10 -17.53 11.55 1.71
N MET A 11 -16.62 11.86 0.75
CA MET A 11 -15.33 12.55 0.97
C MET A 11 -14.24 11.62 1.57
N LYS A 12 -14.57 10.89 2.65
CA LYS A 12 -13.68 9.87 3.22
C LYS A 12 -13.68 8.65 2.29
N ARG A 13 -12.83 8.70 1.25
CA ARG A 13 -12.75 7.65 0.23
C ARG A 13 -11.86 6.50 0.74
N SER A 14 -12.50 5.65 1.56
CA SER A 14 -11.90 4.46 2.18
C SER A 14 -10.77 4.85 3.17
N GLY A 15 -9.57 5.10 2.63
CA GLY A 15 -8.43 5.59 3.43
C GLY A 15 -7.96 6.94 2.92
N ARG A 16 -6.66 7.25 3.11
CA ARG A 16 -6.05 8.48 2.59
C ARG A 16 -5.35 8.16 1.26
N GLU A 17 -5.84 8.72 0.14
CA GLU A 17 -5.31 8.40 -1.20
C GLU A 17 -4.00 9.18 -1.43
N ILE A 18 -2.97 8.46 -1.86
CA ILE A 18 -1.65 8.99 -2.18
C ILE A 18 -1.28 8.60 -3.62
N THR A 19 -0.09 9.03 -4.05
CA THR A 19 0.50 8.62 -5.34
C THR A 19 1.65 7.62 -5.10
N TRP A 20 2.15 7.02 -6.19
CA TRP A 20 3.31 6.09 -6.16
C TRP A 20 4.57 6.80 -5.62
N LYS A 21 4.78 8.07 -6.02
CA LYS A 21 5.92 8.91 -5.54
C LYS A 21 5.97 9.01 -4.00
N ASP A 22 4.83 9.41 -3.39
CA ASP A 22 4.72 9.55 -1.93
C ASP A 22 4.74 8.19 -1.22
N PHE A 23 4.20 7.17 -1.91
CA PHE A 23 4.27 5.76 -1.46
C PHE A 23 5.72 5.31 -1.23
N VAL A 24 6.56 5.44 -2.28
CA VAL A 24 7.95 4.97 -2.24
C VAL A 24 8.73 5.72 -1.15
N ASN A 25 8.76 7.05 -1.28
CA ASN A 25 9.65 7.92 -0.51
C ASN A 25 9.32 7.91 0.99
N ASN A 26 8.04 8.10 1.32
CA ASN A 26 7.59 8.31 2.71
C ASN A 26 7.31 6.99 3.45
N TYR A 27 7.14 5.87 2.71
CA TYR A 27 6.70 4.59 3.31
C TYR A 27 7.63 3.41 2.95
N LEU A 28 7.62 3.02 1.66
CA LEU A 28 8.27 1.77 1.18
C LEU A 28 9.77 1.76 1.49
N SER A 29 10.48 2.82 1.08
CA SER A 29 11.93 2.97 1.28
C SER A 29 12.30 3.11 2.78
N LYS A 30 11.31 3.54 3.58
CA LYS A 30 11.49 3.75 5.04
C LYS A 30 11.17 2.47 5.84
N GLY A 31 10.67 1.43 5.14
CA GLY A 31 10.34 0.15 5.78
C GLY A 31 9.27 0.26 6.87
N VAL A 32 8.32 1.21 6.69
CA VAL A 32 7.17 1.38 7.59
C VAL A 32 5.90 0.76 6.98
N VAL A 33 6.10 -0.02 5.89
CA VAL A 33 5.04 -0.80 5.23
C VAL A 33 5.13 -2.26 5.67
N ASP A 34 4.03 -2.78 6.24
CA ASP A 34 3.91 -4.18 6.65
C ASP A 34 3.68 -5.07 5.43
N ARG A 35 2.76 -4.60 4.57
CA ARG A 35 2.18 -5.38 3.49
C ARG A 35 1.51 -4.43 2.47
N LEU A 36 1.27 -4.95 1.26
CA LEU A 36 0.45 -4.29 0.22
C LEU A 36 -0.71 -5.21 -0.12
N GLU A 37 -1.91 -4.64 -0.27
CA GLU A 37 -3.13 -5.39 -0.60
C GLU A 37 -3.70 -4.87 -1.93
N VAL A 38 -3.62 -5.69 -2.98
CA VAL A 38 -4.06 -5.28 -4.33
C VAL A 38 -5.54 -5.67 -4.47
N VAL A 39 -6.42 -4.72 -4.12
CA VAL A 39 -7.85 -4.98 -4.03
C VAL A 39 -8.50 -4.76 -5.41
N ASN A 40 -9.09 -5.84 -5.92
CA ASN A 40 -9.77 -5.90 -7.23
C ASN A 40 -8.86 -5.52 -8.43
N LYS A 41 -7.52 -5.53 -8.21
CA LYS A 41 -6.51 -5.04 -9.19
C LYS A 41 -6.66 -3.54 -9.54
N ARG A 42 -7.61 -2.85 -8.88
CA ARG A 42 -7.93 -1.43 -9.17
C ARG A 42 -6.91 -0.52 -8.48
N PHE A 43 -6.59 -0.89 -7.24
CA PHE A 43 -5.73 -0.10 -6.36
C PHE A 43 -5.01 -1.03 -5.40
N VAL A 44 -4.05 -0.47 -4.67
CA VAL A 44 -3.25 -1.17 -3.67
C VAL A 44 -3.28 -0.36 -2.39
N ARG A 45 -3.53 -1.02 -1.25
CA ARG A 45 -3.52 -0.37 0.06
C ARG A 45 -2.18 -0.64 0.74
N VAL A 46 -1.60 0.43 1.26
CA VAL A 46 -0.38 0.39 2.05
C VAL A 46 -0.78 0.04 3.49
N THR A 47 -0.42 -1.18 3.91
CA THR A 47 -0.58 -1.59 5.29
C THR A 47 0.63 -1.06 6.06
N PHE A 48 0.41 -0.32 7.15
CA PHE A 48 1.48 0.20 8.01
C PHE A 48 1.90 -0.85 9.03
N THR A 49 3.21 -1.04 9.18
CA THR A 49 3.76 -1.95 10.18
C THR A 49 3.53 -1.38 11.60
N PRO A 50 3.10 -2.23 12.58
CA PRO A 50 2.92 -1.80 13.99
C PRO A 50 4.25 -1.30 14.59
N GLY A 51 4.21 -0.15 15.29
CA GLY A 51 5.41 0.45 15.89
C GLY A 51 6.17 1.37 14.94
N LYS A 52 6.39 0.87 13.70
CA LYS A 52 6.99 1.64 12.59
C LYS A 52 6.14 2.89 12.27
N THR A 53 4.82 2.70 12.30
CA THR A 53 3.83 3.77 12.14
C THR A 53 2.74 3.58 13.20
N PRO A 54 2.26 4.69 13.87
CA PRO A 54 1.08 4.60 14.76
C PRO A 54 -0.17 4.12 13.99
N VAL A 55 -0.86 3.12 14.56
CA VAL A 55 -2.12 2.56 13.99
C VAL A 55 -3.27 3.59 14.11
N ASP A 56 -3.04 4.60 14.98
CA ASP A 56 -3.88 5.80 15.10
C ASP A 56 -3.91 6.57 13.77
N GLY A 57 -2.76 6.58 13.07
CA GLY A 57 -2.64 7.15 11.73
C GLY A 57 -3.39 6.32 10.69
N GLN A 58 -4.30 6.96 9.93
CA GLN A 58 -5.17 6.29 8.94
C GLN A 58 -4.35 5.69 7.80
N TYR A 59 -4.73 4.48 7.38
CA TYR A 59 -4.05 3.73 6.31
C TYR A 59 -4.24 4.43 4.97
N VAL A 60 -3.19 4.39 4.15
CA VAL A 60 -3.16 5.05 2.86
C VAL A 60 -3.25 4.02 1.74
N TRP A 61 -3.63 4.48 0.55
CA TRP A 61 -3.80 3.63 -0.63
C TRP A 61 -3.57 4.44 -1.89
N PHE A 62 -3.34 3.77 -3.01
CA PHE A 62 -3.09 4.43 -4.30
C PHE A 62 -3.64 3.55 -5.42
N ASN A 63 -4.17 4.19 -6.47
CA ASN A 63 -4.72 3.50 -7.64
C ASN A 63 -3.57 3.07 -8.55
N ILE A 64 -3.63 1.83 -9.06
CA ILE A 64 -2.58 1.31 -9.96
C ILE A 64 -3.10 1.21 -11.39
N GLY A 65 -4.35 0.72 -11.55
CA GLY A 65 -4.91 0.44 -12.87
C GLY A 65 -4.16 -0.66 -13.61
N SER A 66 -3.03 -0.29 -14.23
CA SER A 66 -2.11 -1.22 -14.87
C SER A 66 -1.31 -1.97 -13.79
N VAL A 67 -1.79 -3.18 -13.47
CA VAL A 67 -1.16 -4.09 -12.50
C VAL A 67 0.27 -4.45 -12.94
N ASP A 68 0.47 -4.54 -14.26
CA ASP A 68 1.80 -4.76 -14.86
C ASP A 68 2.81 -3.69 -14.42
N THR A 69 2.32 -2.43 -14.37
CA THR A 69 3.14 -1.29 -13.94
C THR A 69 3.48 -1.43 -12.44
N PHE A 70 2.47 -1.76 -11.61
CA PHE A 70 2.67 -1.98 -10.16
C PHE A 70 3.80 -3.00 -9.90
N GLU A 71 3.69 -4.17 -10.54
CA GLU A 71 4.64 -5.28 -10.38
C GLU A 71 6.08 -4.91 -10.75
N ARG A 72 6.26 -4.49 -12.01
CA ARG A 72 7.60 -4.26 -12.58
C ARG A 72 8.31 -3.07 -11.92
N ASN A 73 7.53 -2.02 -11.57
CA ASN A 73 8.07 -0.87 -10.80
C ASN A 73 8.53 -1.35 -9.42
N LEU A 74 7.62 -2.03 -8.71
CA LEU A 74 7.82 -2.53 -7.32
C LEU A 74 9.10 -3.36 -7.16
N GLU A 75 9.24 -4.38 -8.01
CA GLU A 75 10.36 -5.33 -7.95
C GLU A 75 11.71 -4.69 -8.30
N THR A 76 11.75 -3.87 -9.39
CA THR A 76 12.98 -3.19 -9.81
C THR A 76 13.41 -2.17 -8.73
N LEU A 77 12.41 -1.40 -8.26
CA LEU A 77 12.50 -0.47 -7.11
C LEU A 77 13.21 -1.10 -5.89
N GLN A 78 12.77 -2.33 -5.53
CA GLN A 78 13.36 -3.10 -4.42
C GLN A 78 14.85 -3.43 -4.68
N GLN A 79 15.16 -3.84 -5.91
CA GLN A 79 16.53 -4.20 -6.33
C GLN A 79 17.46 -2.98 -6.28
N GLU A 80 16.96 -1.83 -6.75
CA GLU A 80 17.71 -0.57 -6.80
C GLU A 80 17.99 -0.02 -5.39
N LEU A 81 17.00 -0.13 -4.49
CA LEU A 81 17.10 0.31 -3.08
C LEU A 81 17.88 -0.70 -2.21
N GLY A 82 18.08 -1.94 -2.70
CA GLY A 82 18.76 -3.00 -1.96
C GLY A 82 17.85 -3.78 -1.02
N ILE A 83 16.52 -3.61 -1.21
CA ILE A 83 15.48 -4.31 -0.43
C ILE A 83 15.45 -5.79 -0.87
N GLU A 84 15.93 -6.67 0.03
CA GLU A 84 16.12 -8.10 -0.25
C GLU A 84 15.65 -8.96 0.95
N GLY A 85 15.21 -10.20 0.64
CA GLY A 85 14.86 -11.19 1.66
C GLY A 85 13.65 -10.77 2.51
N GLU A 86 13.88 -10.64 3.83
CA GLU A 86 12.83 -10.28 4.82
C GLU A 86 12.28 -8.86 4.57
N ASN A 87 13.13 -8.00 4.00
CA ASN A 87 12.84 -6.56 3.85
C ASN A 87 11.78 -6.32 2.75
N ARG A 88 11.63 -7.30 1.83
CA ARG A 88 10.69 -7.21 0.70
C ARG A 88 9.25 -7.21 1.22
N VAL A 89 8.37 -6.54 0.46
CA VAL A 89 7.01 -6.23 0.93
C VAL A 89 6.03 -7.35 0.50
N PRO A 90 5.34 -8.04 1.47
CA PRO A 90 4.30 -9.07 1.15
C PRO A 90 3.12 -8.46 0.39
N VAL A 91 2.81 -9.00 -0.79
CA VAL A 91 1.76 -8.43 -1.67
C VAL A 91 0.61 -9.45 -1.83
N VAL A 92 -0.59 -9.07 -1.37
CA VAL A 92 -1.76 -9.94 -1.31
C VAL A 92 -2.83 -9.47 -2.30
N TYR A 93 -2.97 -10.20 -3.40
CA TYR A 93 -4.02 -9.94 -4.40
C TYR A 93 -5.38 -10.42 -3.87
N ILE A 94 -6.33 -9.50 -3.83
CA ILE A 94 -7.69 -9.73 -3.35
C ILE A 94 -8.67 -9.43 -4.51
N ALA A 95 -9.73 -10.25 -4.66
CA ALA A 95 -10.76 -10.03 -5.68
C ALA A 95 -12.15 -10.00 -5.04
N GLU A 96 -12.55 -8.82 -4.58
CA GLU A 96 -13.91 -8.58 -4.07
C GLU A 96 -14.82 -8.11 -5.23
N SER A 97 -16.07 -7.77 -4.90
CA SER A 97 -17.05 -7.27 -5.89
C SER A 97 -18.06 -6.36 -5.17
N ASP A 98 -17.65 -5.11 -4.95
CA ASP A 98 -18.50 -4.08 -4.33
C ASP A 98 -19.28 -3.33 -5.42
N GLY A 99 -20.54 -3.75 -5.61
CA GLY A 99 -21.46 -3.07 -6.52
C GLY A 99 -22.10 -4.04 -7.52
N MET A 1 -27.86 -16.91 10.36
CA MET A 1 -28.08 -15.48 10.08
C MET A 1 -27.41 -14.61 11.15
N GLY A 2 -26.34 -13.92 10.73
CA GLY A 2 -25.62 -12.97 11.57
C GLY A 2 -25.33 -11.70 10.79
N HIS A 3 -24.37 -11.80 9.85
CA HIS A 3 -23.93 -10.71 8.95
C HIS A 3 -23.50 -9.44 9.73
N HIS A 4 -24.47 -8.57 10.04
CA HIS A 4 -24.24 -7.27 10.68
C HIS A 4 -24.48 -7.35 12.20
N HIS A 5 -24.66 -8.59 12.72
CA HIS A 5 -24.97 -8.82 14.15
C HIS A 5 -23.81 -8.34 15.06
N HIS A 6 -22.57 -8.28 14.51
CA HIS A 6 -21.43 -7.60 15.18
C HIS A 6 -20.87 -6.50 14.27
N HIS A 7 -20.26 -5.48 14.91
CA HIS A 7 -19.53 -4.40 14.20
C HIS A 7 -18.21 -4.95 13.64
N HIS A 8 -17.80 -4.46 12.46
CA HIS A 8 -16.60 -4.94 11.73
C HIS A 8 -15.31 -4.34 12.33
N SER A 9 -14.17 -5.00 12.05
CA SER A 9 -12.85 -4.51 12.46
C SER A 9 -12.36 -3.38 11.53
N HIS A 10 -11.59 -2.42 12.09
CA HIS A 10 -11.09 -1.23 11.37
C HIS A 10 -12.25 -0.39 10.81
N MET A 11 -12.73 0.57 11.64
CA MET A 11 -13.86 1.47 11.31
C MET A 11 -13.62 2.23 10.00
N LYS A 12 -12.40 2.73 9.84
CA LYS A 12 -11.94 3.34 8.59
C LYS A 12 -11.51 2.24 7.60
N ARG A 13 -11.81 2.46 6.31
CA ARG A 13 -11.42 1.56 5.21
C ARG A 13 -10.44 2.29 4.26
N SER A 14 -10.16 3.56 4.58
CA SER A 14 -9.34 4.46 3.76
C SER A 14 -8.71 5.55 4.65
N GLY A 15 -8.06 6.55 4.01
CA GLY A 15 -7.41 7.65 4.73
C GLY A 15 -6.98 8.76 3.78
N ARG A 16 -5.84 8.55 3.10
CA ARG A 16 -5.30 9.48 2.08
C ARG A 16 -4.83 8.69 0.86
N GLU A 17 -5.29 9.08 -0.35
CA GLU A 17 -4.70 8.55 -1.59
C GLU A 17 -3.36 9.26 -1.84
N ILE A 18 -2.28 8.50 -1.70
CA ILE A 18 -0.90 8.94 -2.00
C ILE A 18 -0.55 8.57 -3.43
N THR A 19 0.55 9.12 -3.95
CA THR A 19 1.12 8.69 -5.25
C THR A 19 2.11 7.54 -5.02
N TRP A 20 2.56 6.91 -6.13
CA TRP A 20 3.68 5.95 -6.10
C TRP A 20 4.93 6.62 -5.52
N LYS A 21 5.16 7.88 -5.91
CA LYS A 21 6.27 8.69 -5.41
C LYS A 21 6.21 8.87 -3.88
N ASP A 22 5.04 9.26 -3.34
CA ASP A 22 4.86 9.43 -1.88
C ASP A 22 4.97 8.11 -1.15
N PHE A 23 4.45 7.03 -1.77
CA PHE A 23 4.60 5.66 -1.27
C PHE A 23 6.08 5.31 -1.05
N VAL A 24 6.86 5.38 -2.12
CA VAL A 24 8.28 5.00 -2.12
C VAL A 24 9.09 5.82 -1.12
N ASN A 25 8.93 7.14 -1.21
CA ASN A 25 9.73 8.10 -0.43
C ASN A 25 9.32 8.11 1.05
N ASN A 26 8.04 8.39 1.33
CA ASN A 26 7.55 8.73 2.69
C ASN A 26 7.10 7.49 3.51
N TYR A 27 6.96 6.30 2.87
CA TYR A 27 6.44 5.09 3.58
C TYR A 27 7.40 3.88 3.42
N LEU A 28 7.53 3.41 2.17
CA LEU A 28 8.34 2.22 1.79
C LEU A 28 9.81 2.37 2.21
N SER A 29 10.38 3.56 2.01
CA SER A 29 11.75 3.90 2.42
C SER A 29 11.93 3.92 3.96
N LYS A 30 10.83 4.11 4.73
CA LYS A 30 10.87 4.06 6.21
C LYS A 30 10.69 2.60 6.72
N GLY A 31 10.37 1.67 5.80
CA GLY A 31 10.08 0.27 6.14
C GLY A 31 8.79 0.08 6.95
N VAL A 32 7.95 1.13 7.03
CA VAL A 32 6.69 1.10 7.82
C VAL A 32 5.58 0.34 7.07
N VAL A 33 5.90 -0.15 5.86
CA VAL A 33 4.97 -0.89 5.00
C VAL A 33 5.15 -2.40 5.26
N ASP A 34 4.04 -3.07 5.58
CA ASP A 34 4.03 -4.52 5.87
C ASP A 34 3.87 -5.28 4.55
N ARG A 35 2.85 -4.87 3.80
CA ARG A 35 2.41 -5.53 2.57
C ARG A 35 1.59 -4.57 1.72
N LEU A 36 1.41 -4.94 0.44
CA LEU A 36 0.63 -4.15 -0.53
C LEU A 36 -0.58 -4.96 -1.00
N GLU A 37 -1.74 -4.61 -0.44
CA GLU A 37 -2.98 -5.37 -0.63
C GLU A 37 -3.77 -4.79 -1.81
N VAL A 38 -3.78 -5.54 -2.92
CA VAL A 38 -4.40 -5.10 -4.17
C VAL A 38 -5.85 -5.59 -4.17
N VAL A 39 -6.76 -4.73 -3.67
CA VAL A 39 -8.16 -5.11 -3.45
C VAL A 39 -8.92 -5.05 -4.78
N ASN A 40 -9.37 -6.23 -5.23
CA ASN A 40 -10.14 -6.44 -6.47
C ASN A 40 -9.50 -5.78 -7.71
N LYS A 41 -8.14 -5.73 -7.68
CA LYS A 41 -7.28 -5.11 -8.70
C LYS A 41 -7.44 -3.56 -8.77
N ARG A 42 -8.42 -3.00 -8.01
CA ARG A 42 -8.83 -1.58 -8.10
C ARG A 42 -7.71 -0.66 -7.65
N PHE A 43 -7.14 -0.98 -6.48
CA PHE A 43 -6.11 -0.17 -5.84
C PHE A 43 -5.17 -1.05 -5.03
N VAL A 44 -4.00 -0.50 -4.77
CA VAL A 44 -3.00 -1.07 -3.86
C VAL A 44 -3.11 -0.32 -2.54
N ARG A 45 -3.34 -1.04 -1.44
CA ARG A 45 -3.43 -0.43 -0.11
C ARG A 45 -2.12 -0.68 0.64
N VAL A 46 -1.57 0.40 1.17
CA VAL A 46 -0.32 0.38 1.92
C VAL A 46 -0.64 0.02 3.38
N THR A 47 -0.23 -1.18 3.78
CA THR A 47 -0.44 -1.67 5.14
C THR A 47 0.67 -1.13 6.03
N PHE A 48 0.31 -0.64 7.22
CA PHE A 48 1.28 -0.25 8.25
C PHE A 48 1.68 -1.51 9.03
N THR A 49 2.99 -1.75 9.16
CA THR A 49 3.53 -2.96 9.83
C THR A 49 3.33 -2.86 11.38
N PRO A 50 3.09 -4.02 12.09
CA PRO A 50 2.90 -4.04 13.57
C PRO A 50 4.11 -3.43 14.33
N GLY A 51 3.86 -2.31 15.04
CA GLY A 51 4.90 -1.52 15.70
C GLY A 51 5.10 -0.15 15.06
N LYS A 52 4.59 -0.01 13.83
CA LYS A 52 4.66 1.22 13.01
C LYS A 52 3.25 1.63 12.51
N THR A 53 2.20 1.12 13.16
CA THR A 53 0.82 1.50 12.85
C THR A 53 0.42 2.70 13.75
N PRO A 54 0.03 3.88 13.15
CA PRO A 54 -0.40 5.07 13.93
C PRO A 54 -1.71 4.81 14.71
N VAL A 55 -1.91 5.57 15.81
CA VAL A 55 -3.15 5.53 16.61
C VAL A 55 -4.35 5.94 15.74
N ASP A 56 -4.12 6.97 14.91
CA ASP A 56 -5.04 7.37 13.84
C ASP A 56 -4.79 6.48 12.61
N GLY A 57 -5.52 5.34 12.56
CA GLY A 57 -5.46 4.41 11.43
C GLY A 57 -6.15 4.96 10.18
N GLN A 58 -5.51 5.96 9.56
CA GLN A 58 -5.98 6.57 8.30
C GLN A 58 -5.13 5.99 7.16
N TYR A 59 -5.70 5.02 6.44
CA TYR A 59 -4.96 4.15 5.50
C TYR A 59 -4.63 4.86 4.20
N VAL A 60 -3.40 4.67 3.74
CA VAL A 60 -2.92 5.33 2.53
C VAL A 60 -2.83 4.29 1.40
N TRP A 61 -3.20 4.73 0.20
CA TRP A 61 -3.38 3.84 -0.97
C TRP A 61 -3.25 4.63 -2.27
N PHE A 62 -3.25 3.91 -3.40
CA PHE A 62 -3.23 4.51 -4.75
C PHE A 62 -3.91 3.55 -5.73
N ASN A 63 -4.70 4.11 -6.67
CA ASN A 63 -5.37 3.29 -7.71
C ASN A 63 -4.35 2.90 -8.79
N ILE A 64 -4.54 1.71 -9.38
CA ILE A 64 -3.71 1.23 -10.50
C ILE A 64 -4.62 0.88 -11.68
N GLY A 65 -4.06 0.95 -12.90
CA GLY A 65 -4.77 0.52 -14.12
C GLY A 65 -4.11 -0.70 -14.72
N SER A 66 -2.78 -0.76 -14.59
CA SER A 66 -1.95 -1.89 -15.02
C SER A 66 -1.25 -2.48 -13.78
N VAL A 67 -1.82 -3.58 -13.26
CA VAL A 67 -1.22 -4.32 -12.11
C VAL A 67 0.18 -4.85 -12.49
N ASP A 68 0.34 -5.22 -13.78
CA ASP A 68 1.60 -5.77 -14.33
C ASP A 68 2.73 -4.73 -14.24
N THR A 69 2.38 -3.46 -14.52
CA THR A 69 3.32 -2.33 -14.41
C THR A 69 3.69 -2.07 -12.95
N PHE A 70 2.67 -2.11 -12.05
CA PHE A 70 2.86 -1.98 -10.59
C PHE A 70 3.86 -3.01 -10.05
N GLU A 71 3.75 -4.26 -10.52
CA GLU A 71 4.63 -5.35 -10.09
C GLU A 71 6.07 -5.09 -10.52
N ARG A 72 6.27 -4.77 -11.82
CA ARG A 72 7.61 -4.67 -12.42
C ARG A 72 8.38 -3.43 -11.90
N ASN A 73 7.66 -2.32 -11.62
CA ASN A 73 8.27 -1.11 -11.06
C ASN A 73 8.59 -1.32 -9.57
N LEU A 74 7.75 -2.10 -8.88
CA LEU A 74 8.00 -2.53 -7.48
C LEU A 74 9.27 -3.39 -7.38
N GLU A 75 9.44 -4.31 -8.35
CA GLU A 75 10.64 -5.18 -8.42
C GLU A 75 11.91 -4.33 -8.59
N THR A 76 11.91 -3.44 -9.60
CA THR A 76 13.05 -2.57 -9.92
C THR A 76 13.36 -1.64 -8.74
N LEU A 77 12.30 -1.09 -8.14
CA LEU A 77 12.34 -0.17 -6.98
C LEU A 77 13.09 -0.83 -5.81
N GLN A 78 12.73 -2.08 -5.51
CA GLN A 78 13.34 -2.85 -4.43
C GLN A 78 14.83 -3.15 -4.74
N GLN A 79 15.13 -3.39 -6.02
CA GLN A 79 16.52 -3.61 -6.49
C GLN A 79 17.38 -2.35 -6.27
N GLU A 80 16.76 -1.17 -6.54
CA GLU A 80 17.39 0.14 -6.32
C GLU A 80 17.75 0.36 -4.85
N LEU A 81 16.76 0.13 -3.96
CA LEU A 81 16.89 0.41 -2.52
C LEU A 81 17.57 -0.75 -1.77
N GLY A 82 17.90 -1.84 -2.49
CA GLY A 82 18.53 -3.03 -1.89
C GLY A 82 17.57 -3.87 -1.08
N ILE A 83 16.26 -3.56 -1.19
CA ILE A 83 15.16 -4.25 -0.49
C ILE A 83 14.94 -5.63 -1.16
N GLU A 84 15.12 -6.73 -0.38
CA GLU A 84 15.11 -8.10 -0.90
C GLU A 84 15.06 -9.13 0.24
N GLY A 85 14.92 -10.41 -0.14
CA GLY A 85 14.88 -11.53 0.80
C GLY A 85 13.69 -11.47 1.74
N GLU A 86 13.95 -11.44 3.05
CA GLU A 86 12.92 -11.27 4.08
C GLU A 86 12.47 -9.79 4.16
N ASN A 87 13.41 -8.87 3.92
CA ASN A 87 13.20 -7.41 4.12
C ASN A 87 12.32 -6.78 3.03
N ARG A 88 11.97 -7.57 1.99
CA ARG A 88 11.12 -7.07 0.89
C ARG A 88 9.64 -7.07 1.28
N VAL A 89 8.85 -6.24 0.60
CA VAL A 89 7.43 -6.03 0.90
C VAL A 89 6.58 -6.87 -0.08
N PRO A 90 5.83 -7.90 0.44
CA PRO A 90 4.99 -8.78 -0.39
C PRO A 90 3.66 -8.11 -0.83
N VAL A 91 3.05 -8.67 -1.88
CA VAL A 91 1.78 -8.20 -2.44
C VAL A 91 0.68 -9.23 -2.16
N VAL A 92 -0.48 -8.77 -1.66
CA VAL A 92 -1.62 -9.64 -1.32
C VAL A 92 -2.82 -9.26 -2.20
N TYR A 93 -3.01 -10.00 -3.29
CA TYR A 93 -4.11 -9.78 -4.24
C TYR A 93 -5.43 -10.23 -3.62
N ILE A 94 -6.23 -9.27 -3.12
CA ILE A 94 -7.53 -9.57 -2.51
C ILE A 94 -8.55 -9.80 -3.64
N ALA A 95 -9.18 -10.98 -3.63
CA ALA A 95 -10.16 -11.39 -4.64
C ALA A 95 -11.48 -11.63 -3.91
N GLU A 96 -12.05 -10.52 -3.39
CA GLU A 96 -13.24 -10.54 -2.53
C GLU A 96 -14.15 -9.36 -2.91
N SER A 97 -15.28 -9.63 -3.57
CA SER A 97 -16.20 -8.61 -4.07
C SER A 97 -17.59 -9.19 -4.32
N ASP A 98 -18.64 -8.45 -3.91
CA ASP A 98 -20.05 -8.80 -4.19
C ASP A 98 -20.73 -7.64 -4.93
N GLY A 99 -20.53 -6.41 -4.42
CA GLY A 99 -21.06 -5.20 -5.04
C GLY A 99 -19.99 -4.14 -5.20
#